data_4GZS
#
_entry.id   4GZS
#
_cell.length_a   80.812
_cell.length_b   110.205
_cell.length_c   110.587
_cell.angle_alpha   90.00
_cell.angle_beta   97.46
_cell.angle_gamma   90.00
#
_symmetry.space_group_name_H-M   'P 1 21 1'
#
loop_
_entity.id
_entity.type
_entity.pdbx_description
1 polymer Neuraminidase
2 branched alpha-D-mannopyranose-(1-3)-[alpha-D-mannopyranose-(1-6)]beta-D-mannopyranose-(1-4)-2-acetamido-2-deoxy-beta-D-glucopyranose-(1-4)-2-acetamido-2-deoxy-beta-D-glucopyranose
3 branched alpha-L-fucopyranose-(1-6)-2-acetamido-2-deoxy-beta-D-glucopyranose
4 branched 2-acetamido-2-deoxy-beta-D-glucopyranose-(1-4)-2-acetamido-2-deoxy-beta-D-glucopyranose
5 non-polymer 'CALCIUM ION'
6 non-polymer '4-(2-HYDROXYETHYL)-1-PIPERAZINE ETHANESULFONIC ACID'
7 non-polymer 2-acetamido-2-deoxy-beta-D-glucopyranose
8 water water
#
_entity_poly.entity_id   1
_entity_poly.type   'polypeptide(L)'
_entity_poly.pdbx_seq_one_letter_code
;GSPSRAEYRNWSKPQCDITGFAPFSKDNSIRLSAGGDIWVTREPYVSCDPDKCYQFALGQGTTLNNVHSNNTVRGRTPYR
TLLMNELGVPFHLGTKQVCIAWSSSSCHDGKAWLHVCITGDDKNATASFIYNGRLVDSVVSWSKEILRTQESECVCINGT
CTVVMTDGSASGKADTKILFIEEGKIVHTSTLSGSAQHVEECSCYPRYPGVRCVCRDNWKGSNRPIVDINIKDHSIVSSY
VCSGLVGDTPRKNDSSSSSHCLDPNNEEGGHGVKGWAFDDGNDVWMGRTINETSRLGYETFKVIEGWSNPKSKLQINRQV
IVDRGNRSGYSGIFSVEGKSCINRCFYVELIRGRKEETEVLWTSNSIVVFCGTSGTYGTGSWPDGADLNLMPI
;
_entity_poly.pdbx_strand_id   A,B,C,D
#
# COMPACT_ATOMS: atom_id res chain seq x y z
N ALA A 6 -25.99 1.45 3.53
CA ALA A 6 -25.47 0.08 3.20
C ALA A 6 -26.51 -0.97 3.63
N GLU A 7 -27.08 -1.67 2.64
CA GLU A 7 -28.15 -2.63 2.91
C GLU A 7 -27.54 -4.00 2.66
N TYR A 8 -28.18 -5.04 3.19
CA TYR A 8 -27.73 -6.41 2.92
C TYR A 8 -27.91 -6.74 1.44
N ARG A 9 -27.14 -7.71 0.93
CA ARG A 9 -27.37 -8.17 -0.43
C ARG A 9 -28.49 -9.20 -0.46
N ASN A 10 -29.37 -9.07 -1.44
CA ASN A 10 -30.51 -9.97 -1.61
C ASN A 10 -30.37 -10.79 -2.86
N TRP A 11 -29.54 -10.32 -3.79
CA TRP A 11 -29.31 -10.98 -5.08
C TRP A 11 -30.61 -11.30 -5.85
N SER A 12 -31.56 -10.36 -5.80
CA SER A 12 -32.92 -10.58 -6.26
C SER A 12 -33.12 -10.00 -7.64
N LYS A 13 -32.26 -10.44 -8.54
CA LYS A 13 -32.29 -10.06 -9.93
C LYS A 13 -32.09 -11.37 -10.72
N PRO A 14 -32.77 -11.49 -11.87
CA PRO A 14 -32.58 -12.63 -12.78
C PRO A 14 -31.12 -12.84 -13.16
N GLN A 15 -30.73 -14.07 -13.47
CA GLN A 15 -29.39 -14.38 -13.99
C GLN A 15 -29.19 -13.77 -15.40
N CYS A 16 -28.02 -13.19 -15.64
CA CYS A 16 -27.69 -12.55 -16.93
C CYS A 16 -27.65 -13.56 -18.08
N ASP A 17 -28.03 -13.14 -19.29
CA ASP A 17 -27.82 -13.96 -20.49
C ASP A 17 -26.34 -14.31 -20.61
N ILE A 18 -26.04 -15.55 -20.96
CA ILE A 18 -24.65 -15.93 -21.13
C ILE A 18 -24.42 -16.70 -22.45
N THR A 19 -23.65 -16.09 -23.34
CA THR A 19 -23.30 -16.70 -24.60
C THR A 19 -21.93 -17.39 -24.42
N GLY A 20 -21.32 -17.13 -23.27
CA GLY A 20 -19.99 -17.64 -22.92
C GLY A 20 -19.21 -16.71 -21.99
N PHE A 21 -17.90 -16.86 -21.97
CA PHE A 21 -17.10 -16.18 -20.97
C PHE A 21 -16.06 -15.27 -21.56
N ALA A 22 -15.85 -14.12 -20.93
CA ALA A 22 -14.87 -13.14 -21.40
C ALA A 22 -13.69 -13.09 -20.43
N PRO A 23 -12.49 -12.76 -20.95
CA PRO A 23 -11.36 -12.71 -20.01
C PRO A 23 -11.50 -11.54 -19.06
N PHE A 24 -11.19 -11.78 -17.79
CA PHE A 24 -11.42 -10.79 -16.73
C PHE A 24 -10.17 -10.43 -15.93
N SER A 25 -9.38 -11.43 -15.52
CA SER A 25 -8.17 -11.18 -14.75
C SER A 25 -7.18 -12.35 -14.76
N LYS A 26 -5.91 -12.01 -14.64
CA LYS A 26 -4.81 -12.97 -14.61
C LYS A 26 -3.76 -12.37 -13.69
N ASP A 27 -3.19 -13.16 -12.79
CA ASP A 27 -2.27 -12.57 -11.82
C ASP A 27 -0.77 -12.92 -11.93
N ASN A 28 -0.43 -13.92 -12.76
CA ASN A 28 0.95 -14.17 -13.19
C ASN A 28 1.95 -14.39 -12.03
N SER A 29 1.44 -15.02 -10.98
CA SER A 29 2.11 -15.12 -9.70
C SER A 29 3.44 -15.93 -9.66
N ILE A 30 3.50 -17.04 -10.39
CA ILE A 30 4.73 -17.86 -10.41
C ILE A 30 5.85 -17.16 -11.19
N ARG A 31 5.55 -16.70 -12.40
CA ARG A 31 6.47 -15.89 -13.20
C ARG A 31 7.00 -14.66 -12.45
N LEU A 32 6.14 -14.04 -11.64
CA LEU A 32 6.58 -12.89 -10.87
C LEU A 32 7.48 -13.34 -9.72
N SER A 33 7.13 -14.47 -9.11
CA SER A 33 7.93 -14.99 -7.99
C SER A 33 9.37 -15.40 -8.35
N ALA A 34 9.70 -15.39 -9.64
CA ALA A 34 11.05 -15.71 -10.14
C ALA A 34 12.03 -14.55 -9.94
N GLY A 35 11.48 -13.37 -9.69
CA GLY A 35 12.26 -12.18 -9.38
C GLY A 35 11.39 -11.19 -8.65
N GLY A 36 11.09 -11.51 -7.38
CA GLY A 36 10.19 -10.77 -6.51
C GLY A 36 9.69 -11.69 -5.41
N ASP A 37 9.26 -11.12 -4.28
CA ASP A 37 8.80 -11.91 -3.13
C ASP A 37 7.30 -12.23 -3.15
N ILE A 38 6.96 -13.42 -3.63
CA ILE A 38 5.57 -13.82 -3.77
C ILE A 38 5.30 -14.99 -2.86
N TRP A 39 4.13 -15.00 -2.23
CA TRP A 39 3.69 -16.12 -1.39
C TRP A 39 3.53 -17.43 -2.15
N VAL A 40 3.69 -18.52 -1.42
CA VAL A 40 3.30 -19.82 -1.88
C VAL A 40 1.86 -19.98 -1.46
N THR A 41 1.02 -20.33 -2.42
CA THR A 41 -0.41 -20.51 -2.19
C THR A 41 -0.94 -21.75 -2.88
N ARG A 42 -2.04 -22.28 -2.35
CA ARG A 42 -2.90 -23.17 -3.11
C ARG A 42 -4.35 -22.87 -2.73
N GLU A 43 -5.28 -23.54 -3.41
CA GLU A 43 -6.72 -23.40 -3.15
C GLU A 43 -7.17 -21.94 -3.15
N PRO A 44 -6.85 -21.21 -4.24
CA PRO A 44 -7.27 -19.79 -4.35
C PRO A 44 -8.72 -19.71 -4.73
N TYR A 45 -9.27 -18.49 -4.68
CA TYR A 45 -10.65 -18.25 -5.05
C TYR A 45 -10.93 -16.76 -5.07
N VAL A 46 -12.11 -16.40 -5.58
CA VAL A 46 -12.47 -15.01 -5.81
C VAL A 46 -13.87 -14.69 -5.21
N SER A 47 -14.00 -13.59 -4.49
CA SER A 47 -15.30 -13.07 -4.06
C SER A 47 -15.22 -11.55 -4.08
N CYS A 48 -16.38 -10.89 -4.19
CA CYS A 48 -16.44 -9.46 -4.38
C CYS A 48 -17.41 -8.79 -3.41
N ASP A 49 -17.02 -7.60 -2.92
CA ASP A 49 -17.94 -6.73 -2.21
C ASP A 49 -18.84 -6.04 -3.28
N PRO A 50 -19.78 -5.16 -2.87
CA PRO A 50 -20.54 -4.49 -3.94
C PRO A 50 -19.68 -3.75 -4.97
N ASP A 51 -18.52 -3.24 -4.57
CA ASP A 51 -17.72 -2.40 -5.46
C ASP A 51 -16.70 -3.13 -6.31
N LYS A 52 -15.98 -4.07 -5.69
CA LYS A 52 -14.82 -4.63 -6.35
C LYS A 52 -14.53 -6.04 -5.87
N CYS A 53 -13.79 -6.78 -6.68
CA CYS A 53 -13.49 -8.16 -6.37
C CYS A 53 -12.17 -8.33 -5.63
N TYR A 54 -12.04 -9.46 -4.93
CA TYR A 54 -10.84 -9.81 -4.20
C TYR A 54 -10.39 -11.21 -4.54
N GLN A 55 -9.08 -11.42 -4.61
CA GLN A 55 -8.53 -12.77 -4.73
C GLN A 55 -8.02 -13.25 -3.40
N PHE A 56 -8.62 -14.35 -2.97
CA PHE A 56 -8.24 -15.05 -1.77
C PHE A 56 -7.38 -16.22 -2.16
N ALA A 57 -6.53 -16.68 -1.24
CA ALA A 57 -5.83 -17.95 -1.40
C ALA A 57 -5.38 -18.43 -0.04
N LEU A 58 -4.87 -19.65 0.03
CA LEU A 58 -4.37 -20.18 1.28
C LEU A 58 -2.86 -20.22 1.28
N GLY A 59 -2.28 -19.38 2.13
CA GLY A 59 -0.85 -19.23 2.19
C GLY A 59 -0.23 -20.44 2.84
N GLN A 60 0.98 -20.77 2.42
CA GLN A 60 1.82 -21.72 3.13
C GLN A 60 2.73 -21.02 4.13
N GLY A 61 2.36 -19.81 4.56
CA GLY A 61 3.21 -19.08 5.51
C GLY A 61 4.65 -18.90 5.05
N THR A 62 4.86 -18.78 3.74
CA THR A 62 6.20 -18.57 3.17
C THR A 62 6.07 -17.98 1.79
N THR A 63 7.04 -17.14 1.39
CA THR A 63 7.17 -16.71 -0.01
C THR A 63 7.95 -17.80 -0.81
N LEU A 64 7.95 -17.69 -2.15
CA LEU A 64 8.47 -18.77 -3.02
C LEU A 64 9.99 -18.96 -3.00
N ASN A 65 10.72 -17.85 -3.07
CA ASN A 65 12.19 -17.83 -3.02
C ASN A 65 12.70 -17.81 -1.57
N ASN A 66 12.66 -18.98 -0.95
CA ASN A 66 12.79 -19.09 0.48
C ASN A 66 13.19 -20.52 0.83
N VAL A 67 13.83 -20.70 1.96
CA VAL A 67 14.05 -22.07 2.43
C VAL A 67 12.72 -22.77 2.80
N HIS A 68 11.75 -22.03 3.33
CA HIS A 68 10.52 -22.63 3.86
C HIS A 68 9.50 -23.08 2.80
N SER A 69 9.83 -22.92 1.52
CA SER A 69 8.91 -23.31 0.44
C SER A 69 8.95 -24.83 0.14
N ASN A 70 10.04 -25.49 0.55
CA ASN A 70 10.17 -26.95 0.42
C ASN A 70 9.00 -27.63 1.16
N ASN A 71 8.35 -28.58 0.48
CA ASN A 71 7.22 -29.34 1.03
C ASN A 71 5.89 -28.61 1.20
N THR A 72 5.70 -27.59 0.39
CA THR A 72 4.46 -26.85 0.37
C THR A 72 3.38 -27.65 -0.36
N VAL A 73 3.77 -28.85 -0.81
CA VAL A 73 2.83 -29.84 -1.31
C VAL A 73 1.89 -30.34 -0.20
N ARG A 74 2.34 -30.28 1.05
CA ARG A 74 1.53 -30.62 2.23
C ARG A 74 0.25 -29.75 2.31
N GLY A 75 -0.88 -30.39 2.58
CA GLY A 75 -2.17 -29.71 2.64
C GLY A 75 -2.43 -28.87 3.89
N ARG A 76 -2.17 -29.43 5.07
CA ARG A 76 -2.44 -28.79 6.37
C ARG A 76 -1.20 -28.67 7.27
N THR A 77 -0.80 -27.42 7.55
CA THR A 77 0.23 -27.09 8.55
C THR A 77 -0.36 -25.95 9.39
N PRO A 78 0.25 -25.64 10.55
CA PRO A 78 -0.19 -24.48 11.30
C PRO A 78 0.38 -23.14 10.80
N TYR A 79 1.02 -23.10 9.64
CA TYR A 79 1.53 -21.85 9.11
C TYR A 79 0.67 -21.27 7.99
N ARG A 80 -0.30 -22.06 7.53
CA ARG A 80 -1.23 -21.63 6.50
C ARG A 80 -2.18 -20.55 7.01
N THR A 81 -2.36 -19.49 6.22
CA THR A 81 -3.28 -18.37 6.54
C THR A 81 -4.06 -18.08 5.28
N LEU A 82 -5.23 -17.47 5.43
CA LEU A 82 -6.05 -17.00 4.32
C LEU A 82 -5.66 -15.58 3.91
N LEU A 83 -5.20 -15.44 2.67
CA LEU A 83 -4.69 -14.19 2.08
C LEU A 83 -5.79 -13.41 1.43
N MET A 84 -5.67 -12.09 1.40
CA MET A 84 -6.73 -11.30 0.79
C MET A 84 -6.20 -10.04 0.12
N ASN A 85 -6.20 -10.02 -1.20
CA ASN A 85 -5.88 -8.83 -1.99
C ASN A 85 -7.01 -8.49 -2.94
N GLU A 86 -7.04 -7.24 -3.36
CA GLU A 86 -7.81 -6.86 -4.51
C GLU A 86 -7.41 -7.70 -5.71
N LEU A 87 -8.42 -8.03 -6.51
CA LEU A 87 -8.21 -8.86 -7.69
C LEU A 87 -7.17 -8.28 -8.64
N GLY A 88 -6.12 -9.05 -8.92
CA GLY A 88 -5.09 -8.59 -9.84
C GLY A 88 -3.89 -8.00 -9.13
N VAL A 89 -4.02 -7.82 -7.81
CA VAL A 89 -2.85 -7.55 -7.00
C VAL A 89 -2.26 -8.86 -6.48
N PRO A 90 -1.07 -9.25 -7.00
CA PRO A 90 -0.39 -10.49 -6.62
C PRO A 90 -0.11 -10.57 -5.12
N PHE A 91 -0.06 -11.78 -4.60
CA PHE A 91 0.22 -11.98 -3.18
C PHE A 91 1.65 -11.58 -2.77
N HIS A 92 1.83 -10.28 -2.63
CA HIS A 92 3.11 -9.68 -2.26
C HIS A 92 3.17 -9.53 -0.73
N LEU A 93 4.32 -9.09 -0.23
CA LEU A 93 4.55 -9.02 1.22
C LEU A 93 3.61 -8.18 2.07
N GLY A 94 2.96 -7.19 1.47
CA GLY A 94 2.01 -6.38 2.21
C GLY A 94 0.57 -6.86 2.14
N THR A 95 0.38 -8.07 1.64
CA THR A 95 -0.93 -8.72 1.59
C THR A 95 -1.36 -9.07 3.01
N LYS A 96 -2.64 -8.81 3.32
CA LYS A 96 -3.20 -9.18 4.58
C LYS A 96 -3.49 -10.68 4.70
N GLN A 97 -2.99 -11.29 5.76
CA GLN A 97 -3.45 -12.59 6.25
C GLN A 97 -4.66 -12.35 7.14
N VAL A 98 -5.87 -12.74 6.71
CA VAL A 98 -7.10 -12.33 7.47
C VAL A 98 -7.57 -13.28 8.57
N CYS A 99 -7.01 -14.49 8.63
CA CYS A 99 -7.24 -15.46 9.70
C CYS A 99 -6.36 -16.68 9.41
N ILE A 100 -6.13 -17.49 10.45
CA ILE A 100 -5.43 -18.78 10.38
C ILE A 100 -6.32 -19.85 9.74
N ALA A 101 -5.92 -20.41 8.61
CA ALA A 101 -6.80 -21.32 7.90
C ALA A 101 -6.05 -22.27 7.02
N TRP A 102 -6.26 -23.57 7.17
CA TRP A 102 -5.90 -24.53 6.11
C TRP A 102 -7.07 -24.99 5.22
N SER A 103 -8.25 -24.42 5.46
CA SER A 103 -9.41 -24.58 4.61
C SER A 103 -10.28 -23.36 4.98
N SER A 104 -10.87 -22.67 4.01
CA SER A 104 -11.62 -21.44 4.26
C SER A 104 -12.85 -21.19 3.37
N SER A 105 -13.61 -20.14 3.69
CA SER A 105 -14.64 -19.58 2.83
C SER A 105 -14.95 -18.11 3.20
N SER A 106 -15.37 -17.31 2.22
CA SER A 106 -15.64 -15.87 2.45
C SER A 106 -16.81 -15.36 1.60
N CYS A 107 -17.58 -14.44 2.16
CA CYS A 107 -18.58 -13.71 1.40
C CYS A 107 -18.70 -12.36 2.03
N HIS A 108 -19.20 -11.40 1.27
CA HIS A 108 -19.58 -10.11 1.78
C HIS A 108 -21.11 -10.08 1.70
N ASP A 109 -21.76 -9.57 2.73
CA ASP A 109 -23.21 -9.63 2.84
C ASP A 109 -23.90 -8.33 2.45
N GLY A 110 -23.15 -7.42 1.84
CA GLY A 110 -23.63 -6.06 1.69
C GLY A 110 -22.98 -5.11 2.67
N LYS A 111 -22.93 -5.49 3.94
CA LYS A 111 -22.39 -4.60 4.97
C LYS A 111 -20.91 -4.87 5.28
N ALA A 112 -20.58 -6.13 5.55
CA ALA A 112 -19.21 -6.45 5.82
C ALA A 112 -18.81 -7.85 5.41
N TRP A 113 -17.49 -8.10 5.43
CA TRP A 113 -16.92 -9.40 5.15
C TRP A 113 -17.17 -10.44 6.22
N LEU A 114 -17.27 -11.70 5.78
CA LEU A 114 -17.31 -12.87 6.66
C LEU A 114 -16.27 -13.87 6.21
N HIS A 115 -15.56 -14.44 7.17
CA HIS A 115 -14.56 -15.41 6.89
C HIS A 115 -14.83 -16.63 7.74
N VAL A 116 -14.87 -17.79 7.09
CA VAL A 116 -14.96 -19.06 7.78
C VAL A 116 -13.62 -19.71 7.59
N CYS A 117 -12.82 -19.77 8.65
CA CYS A 117 -11.46 -20.32 8.60
C CYS A 117 -11.28 -21.48 9.56
N ILE A 118 -10.52 -22.48 9.12
CA ILE A 118 -10.39 -23.76 9.78
C ILE A 118 -8.93 -24.15 9.95
N THR A 119 -8.54 -24.38 11.20
CA THR A 119 -7.16 -24.74 11.52
C THR A 119 -7.17 -25.68 12.72
N GLY A 120 -6.01 -26.30 13.00
CA GLY A 120 -5.83 -27.15 14.15
C GLY A 120 -5.48 -28.57 13.78
N ASP A 121 -5.46 -29.44 14.80
CA ASP A 121 -5.19 -30.89 14.64
C ASP A 121 -6.13 -31.54 13.59
N ASP A 122 -5.65 -32.48 12.78
CA ASP A 122 -6.57 -33.16 11.84
C ASP A 122 -7.83 -33.71 12.55
N LYS A 123 -7.63 -34.38 13.69
CA LYS A 123 -8.74 -35.08 14.39
C LYS A 123 -9.56 -34.19 15.31
N ASN A 124 -9.18 -32.91 15.42
CA ASN A 124 -9.83 -31.96 16.33
C ASN A 124 -9.67 -30.50 15.83
N ALA A 125 -9.82 -30.33 14.51
CA ALA A 125 -9.81 -29.02 13.85
C ALA A 125 -10.82 -28.07 14.47
N THR A 126 -10.56 -26.77 14.33
CA THR A 126 -11.44 -25.69 14.86
C THR A 126 -11.81 -24.77 13.71
N ALA A 127 -13.06 -24.33 13.66
CA ALA A 127 -13.48 -23.36 12.66
C ALA A 127 -13.94 -22.03 13.29
N SER A 128 -13.25 -20.95 12.92
CA SER A 128 -13.54 -19.61 13.45
C SER A 128 -14.41 -18.81 12.49
N PHE A 129 -15.39 -18.07 13.02
CA PHE A 129 -16.22 -17.21 12.19
C PHE A 129 -15.95 -15.77 12.51
N ILE A 130 -15.41 -15.08 11.51
CA ILE A 130 -14.84 -13.73 11.64
C ILE A 130 -15.67 -12.82 10.73
N TYR A 131 -16.40 -11.90 11.34
CA TYR A 131 -17.30 -10.98 10.64
C TYR A 131 -16.90 -9.56 11.03
N ASN A 132 -16.98 -8.61 10.09
CA ASN A 132 -16.62 -7.20 10.33
C ASN A 132 -15.43 -7.00 11.26
N GLY A 133 -14.33 -7.70 10.95
CA GLY A 133 -13.07 -7.56 11.66
C GLY A 133 -12.98 -8.03 13.12
N ARG A 134 -13.82 -8.99 13.49
CA ARG A 134 -13.90 -9.51 14.87
C ARG A 134 -14.49 -10.93 14.91
N LEU A 135 -13.90 -11.81 15.73
CA LEU A 135 -14.41 -13.17 15.94
C LEU A 135 -15.76 -13.18 16.63
N VAL A 136 -16.74 -13.79 15.97
CA VAL A 136 -18.11 -13.79 16.48
C VAL A 136 -18.52 -15.18 16.93
N ASP A 137 -17.87 -16.21 16.37
CA ASP A 137 -18.23 -17.58 16.70
C ASP A 137 -17.16 -18.62 16.35
N SER A 138 -17.41 -19.86 16.79
CA SER A 138 -16.55 -21.00 16.45
C SER A 138 -17.24 -22.32 16.75
N VAL A 139 -17.00 -23.33 15.91
CA VAL A 139 -17.47 -24.67 16.22
C VAL A 139 -16.34 -25.68 16.02
N VAL A 140 -16.24 -26.69 16.90
CA VAL A 140 -15.33 -27.84 16.66
C VAL A 140 -15.78 -28.81 15.59
N SER A 141 -14.77 -29.42 15.00
CA SER A 141 -14.87 -30.66 14.25
C SER A 141 -15.79 -31.63 14.96
N TRP A 142 -16.84 -32.06 14.24
CA TRP A 142 -17.87 -32.95 14.82
C TRP A 142 -17.61 -34.47 14.66
N SER A 143 -17.09 -34.87 13.52
CA SER A 143 -16.75 -36.27 13.29
C SER A 143 -15.25 -36.50 13.39
N LYS A 144 -14.53 -35.52 13.94
CA LYS A 144 -13.10 -35.66 14.27
C LYS A 144 -12.28 -36.28 13.14
N GLU A 145 -12.61 -35.90 11.92
CA GLU A 145 -11.88 -36.37 10.76
C GLU A 145 -11.87 -35.27 9.71
N ILE A 146 -11.03 -34.27 9.97
CA ILE A 146 -10.78 -33.16 9.05
C ILE A 146 -12.01 -32.33 8.70
N LEU A 147 -12.33 -31.40 9.58
CA LEU A 147 -13.33 -30.39 9.29
C LEU A 147 -12.80 -29.58 8.10
N ARG A 148 -13.59 -29.51 7.04
CA ARG A 148 -13.20 -28.79 5.84
C ARG A 148 -14.41 -28.09 5.23
N THR A 149 -14.16 -27.07 4.40
CA THR A 149 -15.23 -26.26 3.83
C THR A 149 -15.05 -25.98 2.31
N GLN A 150 -15.61 -24.88 1.79
CA GLN A 150 -15.76 -24.70 0.35
C GLN A 150 -14.49 -24.46 -0.48
N GLU A 151 -13.60 -23.60 0.02
CA GLU A 151 -12.40 -23.13 -0.73
C GLU A 151 -12.79 -22.26 -1.93
N SER A 152 -13.98 -21.69 -1.81
CA SER A 152 -14.54 -20.68 -2.74
C SER A 152 -15.60 -19.86 -1.98
N GLU A 153 -16.13 -18.79 -2.59
CA GLU A 153 -17.01 -17.88 -1.85
C GLU A 153 -18.25 -18.51 -1.23
N CYS A 154 -18.59 -18.11 -0.02
CA CYS A 154 -19.94 -18.38 0.53
C CYS A 154 -20.97 -17.44 -0.08
N VAL A 155 -22.22 -17.49 0.38
CA VAL A 155 -23.29 -16.67 -0.22
C VAL A 155 -24.23 -16.16 0.86
N CYS A 156 -24.56 -14.86 0.84
CA CYS A 156 -25.44 -14.27 1.82
C CYS A 156 -26.65 -13.68 1.15
N ILE A 157 -27.80 -13.71 1.83
CA ILE A 157 -29.06 -13.21 1.32
C ILE A 157 -29.85 -12.62 2.48
N ASN A 158 -30.19 -11.33 2.41
CA ASN A 158 -30.89 -10.68 3.50
C ASN A 158 -30.06 -10.74 4.78
N GLY A 159 -28.74 -10.82 4.62
CA GLY A 159 -27.82 -10.86 5.74
C GLY A 159 -27.76 -12.17 6.47
N THR A 160 -28.13 -13.26 5.79
CA THR A 160 -27.95 -14.61 6.33
C THR A 160 -27.01 -15.34 5.37
N CYS A 161 -25.87 -15.83 5.86
CA CYS A 161 -24.88 -16.47 5.00
C CYS A 161 -24.86 -17.97 5.17
N THR A 162 -24.78 -18.66 4.07
CA THR A 162 -24.78 -20.09 4.15
C THR A 162 -23.42 -20.56 3.72
N VAL A 163 -22.88 -21.54 4.43
CA VAL A 163 -21.62 -22.21 4.07
C VAL A 163 -21.74 -23.73 4.30
N VAL A 164 -21.13 -24.53 3.43
CA VAL A 164 -21.16 -26.00 3.51
C VAL A 164 -19.82 -26.59 4.01
N MET A 165 -19.87 -27.40 5.07
CA MET A 165 -18.69 -28.03 5.68
C MET A 165 -18.84 -29.54 5.74
N THR A 166 -17.71 -30.24 5.73
CA THR A 166 -17.73 -31.68 5.80
C THR A 166 -16.68 -32.17 6.79
N ASP A 167 -17.08 -33.17 7.57
CA ASP A 167 -16.22 -33.84 8.55
C ASP A 167 -16.43 -35.35 8.32
N GLY A 168 -15.35 -36.09 8.14
CA GLY A 168 -15.45 -37.53 7.82
C GLY A 168 -14.56 -37.97 6.65
N SER A 169 -14.86 -39.15 6.14
CA SER A 169 -14.03 -39.79 5.14
C SER A 169 -14.02 -39.13 3.77
N ALA A 170 -12.88 -39.25 3.11
CA ALA A 170 -12.72 -38.82 1.74
C ALA A 170 -13.01 -39.98 0.77
N SER A 171 -13.38 -41.14 1.32
CA SER A 171 -13.72 -42.30 0.50
C SER A 171 -14.84 -43.14 1.09
N GLY A 172 -15.83 -42.49 1.73
CA GLY A 172 -16.97 -43.18 2.32
C GLY A 172 -18.03 -42.21 2.79
N LYS A 173 -19.06 -42.73 3.44
CA LYS A 173 -20.02 -41.86 4.11
C LYS A 173 -19.17 -40.90 4.93
N ALA A 174 -19.63 -39.65 4.99
CA ALA A 174 -18.98 -38.58 5.73
C ALA A 174 -20.09 -37.64 6.15
N ASP A 175 -19.80 -36.70 7.05
CA ASP A 175 -20.87 -35.84 7.64
C ASP A 175 -20.80 -34.40 7.16
N THR A 176 -21.69 -34.06 6.24
CA THR A 176 -21.80 -32.72 5.71
C THR A 176 -22.92 -31.94 6.45
N LYS A 177 -22.68 -30.67 6.72
CA LYS A 177 -23.70 -29.78 7.34
C LYS A 177 -23.72 -28.42 6.64
N ILE A 178 -24.82 -27.71 6.78
CA ILE A 178 -24.95 -26.38 6.19
C ILE A 178 -25.17 -25.41 7.33
N LEU A 179 -24.29 -24.43 7.50
CA LEU A 179 -24.44 -23.45 8.58
C LEU A 179 -25.10 -22.18 8.07
N PHE A 180 -25.97 -21.60 8.90
CA PHE A 180 -26.60 -20.33 8.60
C PHE A 180 -26.13 -19.28 9.58
N ILE A 181 -25.62 -18.19 9.03
CA ILE A 181 -24.83 -17.24 9.81
C ILE A 181 -25.28 -15.84 9.57
N GLU A 182 -25.71 -15.20 10.65
CA GLU A 182 -26.10 -13.81 10.66
C GLU A 182 -25.04 -13.02 11.41
N GLU A 183 -24.25 -12.25 10.69
CA GLU A 183 -23.29 -11.32 11.28
C GLU A 183 -22.29 -12.09 12.11
N GLY A 184 -21.84 -13.20 11.52
CA GLY A 184 -20.85 -14.05 12.14
C GLY A 184 -21.40 -14.99 13.20
N LYS A 185 -22.70 -14.89 13.49
CA LYS A 185 -23.31 -15.74 14.50
C LYS A 185 -24.02 -16.93 13.85
N ILE A 186 -23.50 -18.13 14.11
CA ILE A 186 -24.17 -19.39 13.71
C ILE A 186 -25.60 -19.44 14.27
N VAL A 187 -26.59 -19.10 13.46
CA VAL A 187 -27.96 -19.01 13.98
C VAL A 187 -28.72 -20.35 13.87
N HIS A 188 -28.28 -21.20 12.94
CA HIS A 188 -28.86 -22.52 12.71
C HIS A 188 -27.89 -23.44 11.95
N THR A 189 -28.08 -24.74 12.09
CA THR A 189 -27.25 -25.74 11.42
C THR A 189 -28.10 -26.95 10.94
N SER A 190 -28.54 -26.97 9.69
CA SER A 190 -29.20 -28.18 9.14
C SER A 190 -28.16 -29.09 8.50
N THR A 191 -28.37 -30.41 8.61
CA THR A 191 -27.41 -31.43 8.12
C THR A 191 -27.82 -31.87 6.72
N LEU A 192 -26.89 -32.46 5.96
CA LEU A 192 -27.15 -32.78 4.55
C LEU A 192 -28.19 -33.88 4.39
N SER A 193 -29.06 -33.69 3.41
CA SER A 193 -30.19 -34.57 3.14
C SER A 193 -30.34 -34.70 1.61
N GLY A 194 -31.03 -35.74 1.12
CA GLY A 194 -31.20 -35.96 -0.33
C GLY A 194 -30.31 -37.08 -0.89
N SER A 195 -30.18 -37.17 -2.21
CA SER A 195 -29.48 -38.34 -2.76
C SER A 195 -28.00 -38.08 -3.02
N ALA A 196 -27.53 -36.89 -2.65
CA ALA A 196 -26.12 -36.56 -2.71
C ALA A 196 -25.35 -37.46 -1.74
N GLN A 197 -24.43 -38.27 -2.26
CA GLN A 197 -23.83 -39.31 -1.43
C GLN A 197 -22.52 -38.89 -0.80
N HIS A 198 -21.77 -38.06 -1.51
CA HIS A 198 -20.58 -37.47 -0.95
C HIS A 198 -20.28 -36.04 -1.45
N VAL A 199 -20.13 -35.11 -0.50
CA VAL A 199 -20.13 -33.67 -0.79
C VAL A 199 -18.92 -32.95 -0.17
N GLU A 200 -18.17 -32.26 -1.01
CA GLU A 200 -16.99 -31.54 -0.61
C GLU A 200 -16.85 -30.32 -1.49
N GLU A 201 -16.10 -29.34 -0.99
CA GLU A 201 -15.63 -28.19 -1.79
C GLU A 201 -16.69 -27.64 -2.71
N CYS A 202 -17.78 -27.18 -2.13
CA CYS A 202 -18.90 -26.70 -2.94
C CYS A 202 -18.65 -25.35 -3.52
N SER A 203 -19.00 -25.20 -4.79
CA SER A 203 -18.97 -23.92 -5.45
C SER A 203 -20.39 -23.45 -5.47
N CYS A 204 -20.71 -22.50 -4.63
CA CYS A 204 -22.09 -22.04 -4.44
C CYS A 204 -22.36 -20.70 -5.11
N TYR A 205 -23.63 -20.46 -5.43
CA TYR A 205 -24.06 -19.22 -6.05
C TYR A 205 -25.47 -18.91 -5.66
N PRO A 206 -25.80 -17.61 -5.48
CA PRO A 206 -27.18 -17.26 -5.19
C PRO A 206 -28.11 -17.56 -6.37
N ARG A 207 -29.34 -17.95 -6.04
CA ARG A 207 -30.38 -18.22 -7.01
C ARG A 207 -31.73 -17.82 -6.36
N TYR A 208 -31.94 -16.52 -6.23
CA TYR A 208 -33.06 -16.01 -5.43
C TYR A 208 -34.35 -16.80 -5.63
N PRO A 209 -35.00 -17.25 -4.54
CA PRO A 209 -34.73 -16.83 -3.16
C PRO A 209 -33.81 -17.77 -2.36
N GLY A 210 -33.12 -18.67 -3.05
CA GLY A 210 -32.26 -19.65 -2.39
C GLY A 210 -30.80 -19.57 -2.82
N VAL A 211 -30.05 -20.58 -2.43
CA VAL A 211 -28.66 -20.78 -2.83
C VAL A 211 -28.62 -22.19 -3.37
N ARG A 212 -27.81 -22.37 -4.42
CA ARG A 212 -27.55 -23.66 -5.03
C ARG A 212 -26.03 -23.86 -5.07
N CYS A 213 -25.57 -25.12 -5.06
CA CYS A 213 -24.15 -25.43 -4.99
C CYS A 213 -23.82 -26.63 -5.87
N VAL A 214 -22.66 -26.59 -6.53
CA VAL A 214 -22.16 -27.71 -7.33
C VAL A 214 -20.85 -28.16 -6.70
N CYS A 215 -20.79 -29.42 -6.28
CA CYS A 215 -19.74 -29.84 -5.37
C CYS A 215 -18.85 -30.93 -5.95
N ARG A 216 -18.05 -31.51 -5.06
CA ARG A 216 -17.16 -32.58 -5.45
C ARG A 216 -17.63 -33.77 -4.66
N ASP A 217 -17.77 -34.90 -5.37
CA ASP A 217 -17.95 -36.21 -4.77
C ASP A 217 -16.63 -36.95 -4.96
N ASN A 218 -16.00 -37.31 -3.85
CA ASN A 218 -14.64 -37.83 -3.88
C ASN A 218 -14.66 -39.34 -3.66
N TRP A 219 -15.88 -39.89 -3.62
CA TRP A 219 -16.11 -41.29 -3.27
C TRP A 219 -16.44 -42.17 -4.48
N LYS A 220 -17.66 -42.06 -5.01
CA LYS A 220 -18.08 -42.95 -6.09
C LYS A 220 -18.53 -42.21 -7.35
N GLY A 221 -18.39 -40.89 -7.40
CA GLY A 221 -18.98 -40.14 -8.50
C GLY A 221 -18.10 -39.15 -9.23
N SER A 222 -18.01 -39.35 -10.54
CA SER A 222 -17.42 -38.36 -11.44
C SER A 222 -18.47 -37.37 -11.99
N ASN A 223 -19.76 -37.63 -11.77
CA ASN A 223 -20.72 -36.50 -11.80
C ASN A 223 -20.62 -35.66 -10.51
N ARG A 224 -21.19 -34.48 -10.53
CA ARG A 224 -20.99 -33.53 -9.43
C ARG A 224 -22.25 -33.39 -8.62
N PRO A 225 -22.14 -33.50 -7.29
CA PRO A 225 -23.30 -33.24 -6.46
C PRO A 225 -23.81 -31.82 -6.65
N ILE A 226 -25.13 -31.68 -6.63
CA ILE A 226 -25.81 -30.42 -6.50
C ILE A 226 -26.41 -30.42 -5.10
N VAL A 227 -26.41 -29.25 -4.45
CA VAL A 227 -27.04 -29.02 -3.15
C VAL A 227 -27.87 -27.72 -3.21
N ASP A 228 -29.16 -27.79 -2.85
CA ASP A 228 -30.04 -26.63 -2.83
C ASP A 228 -30.32 -26.22 -1.40
N ILE A 229 -30.23 -24.94 -1.12
CA ILE A 229 -30.31 -24.46 0.26
C ILE A 229 -31.43 -23.44 0.35
N ASN A 230 -32.49 -23.81 1.08
CA ASN A 230 -33.59 -22.88 1.31
C ASN A 230 -33.17 -22.01 2.48
N ILE A 231 -33.15 -20.70 2.28
CA ILE A 231 -32.68 -19.79 3.31
C ILE A 231 -33.75 -19.54 4.38
N LYS A 232 -34.99 -19.87 4.09
CA LYS A 232 -36.07 -19.45 4.98
C LYS A 232 -36.51 -20.54 5.98
N ASP A 233 -36.71 -21.76 5.48
CA ASP A 233 -36.90 -22.93 6.36
C ASP A 233 -35.60 -23.75 6.66
N HIS A 234 -34.48 -23.30 6.10
CA HIS A 234 -33.18 -23.95 6.37
C HIS A 234 -33.17 -25.41 5.90
N SER A 235 -34.03 -25.74 4.95
CA SER A 235 -34.14 -27.09 4.44
C SER A 235 -33.20 -27.32 3.28
N ILE A 236 -32.76 -28.57 3.15
CA ILE A 236 -31.74 -28.97 2.21
C ILE A 236 -32.26 -30.14 1.37
N VAL A 237 -32.28 -29.97 0.05
CA VAL A 237 -32.41 -31.11 -0.86
C VAL A 237 -31.05 -31.32 -1.51
N SER A 238 -30.88 -32.39 -2.29
CA SER A 238 -29.62 -32.59 -3.00
C SER A 238 -29.68 -33.68 -4.06
N SER A 239 -28.76 -33.61 -5.03
CA SER A 239 -28.74 -34.56 -6.15
C SER A 239 -27.44 -34.46 -6.93
N TYR A 240 -27.52 -34.75 -8.23
CA TYR A 240 -26.36 -34.65 -9.12
C TYR A 240 -26.72 -33.91 -10.41
N VAL A 241 -25.71 -33.25 -11.00
CA VAL A 241 -25.77 -32.66 -12.34
C VAL A 241 -26.06 -33.75 -13.37
N CYS A 242 -27.11 -33.57 -14.16
CA CYS A 242 -27.58 -34.61 -15.09
C CYS A 242 -26.67 -34.84 -16.30
N SER A 243 -26.29 -33.76 -17.00
CA SER A 243 -25.44 -33.87 -18.20
C SER A 243 -24.56 -35.11 -18.32
N GLY A 244 -24.61 -35.72 -19.50
CA GLY A 244 -23.80 -36.88 -19.84
C GLY A 244 -22.31 -36.65 -19.91
N LEU A 245 -21.89 -35.41 -20.18
CA LEU A 245 -20.48 -35.02 -20.04
C LEU A 245 -20.26 -34.53 -18.63
N VAL A 246 -19.37 -35.19 -17.90
CA VAL A 246 -19.28 -34.96 -16.47
C VAL A 246 -18.13 -34.02 -16.10
N GLY A 247 -18.30 -33.34 -14.97
CA GLY A 247 -17.39 -32.27 -14.55
C GLY A 247 -16.19 -32.59 -13.66
N ASP A 248 -15.99 -33.85 -13.29
CA ASP A 248 -14.99 -34.22 -12.30
C ASP A 248 -13.72 -34.75 -12.98
N THR A 249 -12.61 -34.71 -12.27
CA THR A 249 -11.39 -35.38 -12.70
C THR A 249 -11.01 -36.21 -11.48
N PRO A 250 -10.84 -37.53 -11.66
CA PRO A 250 -10.87 -38.22 -12.94
C PRO A 250 -12.28 -38.59 -13.38
N ARG A 251 -12.40 -39.00 -14.63
CA ARG A 251 -13.65 -39.44 -15.21
C ARG A 251 -13.32 -40.25 -16.46
N LYS A 252 -14.34 -40.92 -17.01
CA LYS A 252 -14.18 -41.61 -18.29
C LYS A 252 -14.19 -40.60 -19.44
N ASN A 253 -13.83 -41.05 -20.65
CA ASN A 253 -13.85 -40.16 -21.80
C ASN A 253 -15.26 -39.81 -22.28
N ASP A 254 -15.36 -38.99 -23.31
CA ASP A 254 -16.67 -38.51 -23.76
C ASP A 254 -17.59 -39.59 -24.39
N SER A 255 -17.01 -40.62 -24.99
CA SER A 255 -17.83 -41.66 -25.62
C SER A 255 -18.23 -42.78 -24.66
N SER A 256 -17.65 -42.78 -23.46
CA SER A 256 -17.89 -43.82 -22.45
C SER A 256 -18.78 -43.30 -21.32
N SER A 257 -18.55 -42.05 -20.91
CA SER A 257 -19.19 -41.43 -19.75
C SER A 257 -20.73 -41.49 -19.71
N SER A 258 -21.27 -41.75 -18.52
CA SER A 258 -22.71 -41.61 -18.32
C SER A 258 -22.92 -40.99 -16.95
N SER A 259 -24.06 -40.33 -16.78
CA SER A 259 -24.41 -39.71 -15.52
C SER A 259 -25.66 -40.37 -14.91
N HIS A 260 -26.41 -39.56 -14.16
CA HIS A 260 -27.65 -39.90 -13.44
C HIS A 260 -28.05 -38.67 -12.64
N CYS A 261 -29.34 -38.34 -12.60
CA CYS A 261 -29.78 -37.14 -11.88
C CYS A 261 -29.76 -37.27 -10.35
N LEU A 262 -29.72 -38.49 -9.81
CA LEU A 262 -29.87 -38.71 -8.35
C LEU A 262 -28.69 -39.40 -7.65
N ASP A 263 -27.99 -40.27 -8.37
CA ASP A 263 -26.92 -41.08 -7.78
C ASP A 263 -25.56 -40.88 -8.46
N PRO A 264 -24.47 -41.23 -7.75
CA PRO A 264 -23.15 -41.19 -8.37
C PRO A 264 -22.98 -42.23 -9.49
N ASN A 265 -22.41 -41.83 -10.61
CA ASN A 265 -22.23 -42.69 -11.77
C ASN A 265 -21.33 -43.91 -11.59
N ASN A 266 -20.52 -43.94 -10.54
CA ASN A 266 -19.60 -45.05 -10.29
C ASN A 266 -18.55 -45.17 -11.36
N GLU A 267 -18.23 -44.08 -12.05
CA GLU A 267 -17.28 -44.15 -13.15
C GLU A 267 -15.99 -43.39 -12.80
N GLU A 268 -14.98 -44.13 -12.34
CA GLU A 268 -13.71 -43.53 -11.91
C GLU A 268 -14.03 -42.44 -10.88
N GLY A 269 -14.93 -42.78 -9.97
CA GLY A 269 -15.56 -41.82 -9.07
C GLY A 269 -14.67 -41.40 -7.92
N GLY A 270 -13.59 -42.15 -7.72
CA GLY A 270 -12.64 -41.86 -6.65
C GLY A 270 -11.98 -40.53 -6.92
N HIS A 271 -11.47 -39.89 -5.88
CA HIS A 271 -10.77 -38.62 -6.02
C HIS A 271 -11.67 -37.58 -6.69
N GLY A 272 -11.10 -36.43 -6.99
CA GLY A 272 -11.83 -35.40 -7.66
C GLY A 272 -11.05 -34.12 -7.81
N VAL A 273 -11.77 -33.09 -8.24
CA VAL A 273 -11.22 -31.76 -8.36
C VAL A 273 -12.37 -30.83 -8.06
N LYS A 274 -12.07 -29.70 -7.41
CA LYS A 274 -13.09 -28.69 -7.16
C LYS A 274 -13.47 -28.12 -8.50
N GLY A 275 -14.76 -27.98 -8.73
CA GLY A 275 -15.25 -27.41 -9.95
C GLY A 275 -16.63 -26.83 -9.74
N TRP A 276 -17.22 -26.36 -10.84
CA TRP A 276 -18.47 -25.61 -10.77
C TRP A 276 -19.34 -26.01 -11.98
N ALA A 277 -20.61 -25.60 -11.92
CA ALA A 277 -21.60 -25.66 -13.00
C ALA A 277 -22.72 -24.72 -12.54
N PHE A 278 -23.51 -24.20 -13.47
CA PHE A 278 -24.75 -23.53 -13.08
C PHE A 278 -25.83 -23.73 -14.15
N ASP A 279 -27.10 -23.63 -13.75
CA ASP A 279 -28.23 -23.85 -14.67
C ASP A 279 -28.54 -22.62 -15.51
N ASP A 280 -29.09 -22.87 -16.70
CA ASP A 280 -29.59 -21.86 -17.64
C ASP A 280 -30.78 -22.52 -18.35
N GLY A 281 -31.98 -22.28 -17.81
CA GLY A 281 -33.19 -22.98 -18.22
C GLY A 281 -33.06 -24.43 -17.80
N ASN A 282 -33.06 -25.34 -18.79
CA ASN A 282 -32.80 -26.76 -18.55
C ASN A 282 -31.42 -27.14 -19.05
N ASP A 283 -30.72 -26.17 -19.61
CA ASP A 283 -29.32 -26.36 -19.94
C ASP A 283 -28.43 -25.98 -18.77
N VAL A 284 -27.19 -26.43 -18.82
CA VAL A 284 -26.21 -26.16 -17.79
C VAL A 284 -24.97 -25.52 -18.41
N TRP A 285 -24.36 -24.59 -17.70
CA TRP A 285 -22.99 -24.12 -18.01
C TRP A 285 -21.99 -24.75 -17.06
N MET A 286 -20.88 -25.23 -17.59
CA MET A 286 -19.93 -25.92 -16.75
C MET A 286 -18.52 -25.87 -17.30
N GLY A 287 -17.55 -25.99 -16.40
CA GLY A 287 -16.15 -26.12 -16.79
C GLY A 287 -15.58 -27.40 -16.25
N ARG A 288 -14.38 -27.76 -16.71
CA ARG A 288 -13.68 -28.97 -16.27
C ARG A 288 -12.28 -29.02 -16.89
N THR A 289 -11.41 -29.92 -16.42
CA THR A 289 -10.12 -30.12 -17.06
C THR A 289 -10.29 -30.82 -18.41
N ILE A 290 -9.40 -30.54 -19.35
CA ILE A 290 -9.51 -31.16 -20.66
C ILE A 290 -9.17 -32.63 -20.54
N ASN A 291 -7.97 -32.92 -20.04
CA ASN A 291 -7.49 -34.29 -19.81
C ASN A 291 -8.34 -34.98 -18.75
N GLU A 292 -8.71 -36.24 -18.98
CA GLU A 292 -9.79 -36.89 -18.21
C GLU A 292 -9.36 -37.46 -16.84
N THR A 293 -8.06 -37.51 -16.58
CA THR A 293 -7.54 -38.24 -15.44
C THR A 293 -6.53 -37.46 -14.59
N SER A 294 -5.86 -36.49 -15.20
CA SER A 294 -5.04 -35.54 -14.45
C SER A 294 -5.39 -34.07 -14.75
N ARG A 295 -4.96 -33.17 -13.87
CA ARG A 295 -5.32 -31.76 -13.97
C ARG A 295 -4.47 -31.01 -15.01
N LEU A 296 -4.81 -31.25 -16.27
CA LEU A 296 -4.16 -30.66 -17.42
C LEU A 296 -5.23 -30.01 -18.30
N GLY A 297 -4.95 -28.77 -18.76
CA GLY A 297 -5.90 -27.95 -19.54
C GLY A 297 -7.20 -27.64 -18.81
N TYR A 298 -7.96 -26.67 -19.30
CA TYR A 298 -9.27 -26.31 -18.75
C TYR A 298 -10.21 -25.79 -19.83
N GLU A 299 -11.44 -26.28 -19.80
CA GLU A 299 -12.40 -25.95 -20.83
C GLU A 299 -13.74 -25.62 -20.20
N THR A 300 -14.53 -24.82 -20.89
CA THR A 300 -15.93 -24.63 -20.51
C THR A 300 -16.78 -24.83 -21.75
N PHE A 301 -18.05 -25.21 -21.53
CA PHE A 301 -19.04 -25.34 -22.62
C PHE A 301 -20.45 -25.33 -22.05
N LYS A 302 -21.44 -25.14 -22.92
CA LYS A 302 -22.86 -25.28 -22.55
C LYS A 302 -23.40 -26.65 -22.99
N VAL A 303 -24.10 -27.33 -22.08
CA VAL A 303 -24.79 -28.56 -22.45
C VAL A 303 -26.29 -28.31 -22.59
N ILE A 304 -26.80 -28.57 -23.80
CA ILE A 304 -28.21 -28.39 -24.11
C ILE A 304 -28.99 -29.51 -23.45
N GLU A 305 -29.97 -29.13 -22.63
CA GLU A 305 -30.75 -30.07 -21.81
C GLU A 305 -29.88 -30.78 -20.76
N GLY A 306 -28.70 -30.25 -20.50
CA GLY A 306 -27.73 -30.91 -19.63
C GLY A 306 -28.03 -30.78 -18.15
N TRP A 307 -28.94 -29.89 -17.80
CA TRP A 307 -29.34 -29.71 -16.41
C TRP A 307 -30.46 -30.68 -16.02
N SER A 308 -31.13 -31.25 -17.02
CA SER A 308 -32.39 -31.98 -16.78
C SER A 308 -32.47 -33.35 -17.44
N ASN A 309 -31.54 -33.63 -18.34
CA ASN A 309 -31.55 -34.88 -19.09
C ASN A 309 -30.20 -35.61 -19.02
N PRO A 310 -30.14 -36.67 -18.21
CA PRO A 310 -28.88 -37.38 -17.98
C PRO A 310 -28.35 -38.14 -19.20
N LYS A 311 -29.05 -38.01 -20.33
CA LYS A 311 -28.65 -38.68 -21.56
C LYS A 311 -28.05 -37.69 -22.55
N SER A 312 -28.42 -36.41 -22.40
CA SER A 312 -27.89 -35.35 -23.27
C SER A 312 -26.39 -35.22 -23.19
N LYS A 313 -25.73 -35.25 -24.34
CA LYS A 313 -24.28 -35.05 -24.44
C LYS A 313 -24.02 -34.05 -25.56
N LEU A 314 -25.02 -33.20 -25.80
CA LEU A 314 -24.95 -32.17 -26.82
C LEU A 314 -24.38 -30.88 -26.22
N GLN A 315 -23.09 -30.65 -26.43
CA GLN A 315 -22.46 -29.41 -25.98
C GLN A 315 -22.41 -28.37 -27.09
N ILE A 316 -22.69 -27.13 -26.74
CA ILE A 316 -22.43 -26.02 -27.64
C ILE A 316 -21.52 -24.98 -26.94
N ASN A 317 -20.92 -24.08 -27.72
CA ASN A 317 -20.17 -22.94 -27.21
C ASN A 317 -18.91 -23.29 -26.41
N ARG A 318 -18.09 -24.23 -26.89
CA ARG A 318 -16.86 -24.57 -26.18
C ARG A 318 -15.83 -23.41 -26.19
N GLN A 319 -15.13 -23.23 -25.07
CA GLN A 319 -14.00 -22.31 -24.98
C GLN A 319 -12.83 -23.02 -24.28
N VAL A 320 -11.62 -22.87 -24.82
CA VAL A 320 -10.45 -23.38 -24.11
C VAL A 320 -9.92 -22.25 -23.27
N ILE A 321 -9.88 -22.45 -21.95
CA ILE A 321 -9.34 -21.46 -21.06
C ILE A 321 -7.85 -21.69 -20.92
N VAL A 322 -7.48 -22.91 -20.58
CA VAL A 322 -6.08 -23.34 -20.58
C VAL A 322 -5.92 -24.56 -21.49
N ASP A 323 -4.90 -24.53 -22.36
CA ASP A 323 -4.70 -25.58 -23.34
C ASP A 323 -4.23 -26.86 -22.66
N ARG A 324 -4.46 -28.01 -23.30
CA ARG A 324 -4.25 -29.32 -22.68
C ARG A 324 -2.79 -29.68 -22.42
N GLY A 325 -1.88 -28.85 -22.92
CA GLY A 325 -0.46 -29.01 -22.61
C GLY A 325 -0.11 -28.44 -21.25
N ASN A 326 -0.97 -27.56 -20.73
CA ASN A 326 -0.66 -26.81 -19.54
C ASN A 326 -1.44 -27.26 -18.30
N ARG A 327 -1.05 -26.78 -17.13
CA ARG A 327 -1.62 -27.26 -15.85
C ARG A 327 -2.77 -26.42 -15.35
N SER A 328 -3.87 -27.05 -14.96
CA SER A 328 -4.96 -26.33 -14.32
C SER A 328 -5.04 -26.72 -12.84
N GLY A 329 -6.24 -26.70 -12.27
CA GLY A 329 -6.43 -27.18 -10.91
C GLY A 329 -7.85 -26.98 -10.49
N TYR A 330 -8.03 -26.50 -9.26
CA TYR A 330 -9.33 -26.18 -8.71
C TYR A 330 -9.93 -25.05 -9.51
N SER A 331 -11.23 -24.98 -9.50
CA SER A 331 -11.91 -23.89 -10.17
C SER A 331 -13.22 -23.73 -9.42
N GLY A 332 -13.71 -22.51 -9.30
CA GLY A 332 -14.95 -22.32 -8.60
C GLY A 332 -15.62 -21.18 -9.26
N ILE A 333 -16.78 -20.85 -8.73
CA ILE A 333 -17.69 -19.87 -9.30
C ILE A 333 -17.84 -18.68 -8.36
N PHE A 334 -18.12 -17.50 -8.90
CA PHE A 334 -18.55 -16.37 -8.08
C PHE A 334 -19.55 -15.51 -8.84
N SER A 335 -20.39 -14.80 -8.11
CA SER A 335 -21.49 -14.10 -8.74
C SER A 335 -21.36 -12.59 -8.57
N VAL A 336 -21.65 -11.84 -9.64
CA VAL A 336 -21.46 -10.39 -9.69
C VAL A 336 -22.74 -9.64 -10.12
N GLU A 337 -23.21 -8.78 -9.24
CA GLU A 337 -24.42 -8.02 -9.43
C GLU A 337 -24.24 -6.85 -10.41
N GLY A 338 -24.91 -6.94 -11.56
CA GLY A 338 -24.93 -5.86 -12.53
C GLY A 338 -26.16 -4.98 -12.31
N LYS A 339 -26.38 -4.01 -13.21
CA LYS A 339 -27.51 -3.09 -13.13
C LYS A 339 -28.84 -3.88 -13.19
N SER A 340 -28.93 -4.80 -14.16
CA SER A 340 -30.16 -5.54 -14.44
C SER A 340 -30.22 -6.95 -13.84
N CYS A 341 -29.06 -7.58 -13.67
CA CYS A 341 -29.01 -9.01 -13.53
C CYS A 341 -27.79 -9.51 -12.74
N ILE A 342 -27.77 -10.80 -12.40
CA ILE A 342 -26.59 -11.36 -11.72
C ILE A 342 -25.71 -12.12 -12.70
N ASN A 343 -24.47 -11.71 -12.79
CA ASN A 343 -23.53 -12.36 -13.66
C ASN A 343 -22.84 -13.49 -12.91
N ARG A 344 -22.43 -14.51 -13.67
CA ARG A 344 -21.66 -15.62 -13.14
C ARG A 344 -20.27 -15.50 -13.67
N CYS A 345 -19.27 -15.72 -12.83
CA CYS A 345 -17.88 -15.68 -13.25
C CYS A 345 -17.18 -16.93 -12.73
N PHE A 346 -15.90 -17.11 -13.01
CA PHE A 346 -15.16 -18.25 -12.47
C PHE A 346 -13.63 -18.08 -12.56
N TYR A 347 -12.91 -18.69 -11.63
CA TYR A 347 -11.45 -18.63 -11.55
C TYR A 347 -10.89 -20.01 -11.82
N VAL A 348 -9.64 -20.10 -12.22
CA VAL A 348 -8.99 -21.38 -12.39
C VAL A 348 -7.62 -21.31 -11.75
N GLU A 349 -7.32 -22.29 -10.90
CA GLU A 349 -6.03 -22.40 -10.24
C GLU A 349 -5.04 -23.01 -11.22
N LEU A 350 -3.85 -22.42 -11.32
CA LEU A 350 -2.79 -22.95 -12.18
C LEU A 350 -1.63 -23.48 -11.34
N ILE A 351 -1.78 -24.73 -10.93
CA ILE A 351 -0.90 -25.36 -9.98
C ILE A 351 0.43 -25.70 -10.64
N ARG A 352 1.51 -25.32 -9.98
CA ARG A 352 2.85 -25.57 -10.47
C ARG A 352 3.75 -26.20 -9.40
N GLY A 353 4.65 -27.07 -9.85
CA GLY A 353 5.55 -27.78 -8.93
C GLY A 353 5.10 -29.18 -8.54
N ARG A 354 5.57 -29.65 -7.38
CA ARG A 354 5.35 -31.00 -6.88
C ARG A 354 3.87 -31.30 -6.63
N LYS A 355 3.43 -32.55 -6.79
CA LYS A 355 4.30 -33.70 -7.08
C LYS A 355 4.60 -33.89 -8.55
N GLU A 356 3.71 -33.38 -9.39
CA GLU A 356 3.73 -33.64 -10.83
C GLU A 356 5.03 -33.19 -11.53
N GLU A 357 5.51 -31.99 -11.18
CA GLU A 357 6.72 -31.43 -11.78
C GLU A 357 7.81 -31.40 -10.72
N THR A 358 8.93 -32.06 -10.98
CA THR A 358 9.97 -32.22 -9.96
C THR A 358 11.24 -31.40 -10.21
N GLU A 359 11.15 -30.37 -11.05
CA GLU A 359 12.26 -29.45 -11.30
C GLU A 359 12.56 -28.57 -10.07
N VAL A 360 11.53 -28.32 -9.26
CA VAL A 360 11.63 -27.53 -8.02
C VAL A 360 11.06 -28.30 -6.82
N LEU A 361 11.34 -27.81 -5.61
CA LEU A 361 10.89 -28.46 -4.39
C LEU A 361 9.56 -27.88 -3.82
N TRP A 362 9.04 -26.81 -4.43
CA TRP A 362 7.81 -26.16 -3.94
C TRP A 362 6.55 -26.55 -4.73
N THR A 363 5.40 -26.23 -4.14
CA THR A 363 4.10 -26.30 -4.80
C THR A 363 3.38 -24.97 -4.58
N SER A 364 2.87 -24.40 -5.66
CA SER A 364 2.23 -23.09 -5.63
C SER A 364 1.31 -22.98 -6.84
N ASN A 365 0.66 -21.83 -6.99
CA ASN A 365 -0.25 -21.57 -8.10
C ASN A 365 -0.27 -20.09 -8.53
N SER A 366 -0.96 -19.86 -9.65
CA SER A 366 -1.44 -18.54 -10.07
C SER A 366 -2.90 -18.70 -10.50
N ILE A 367 -3.57 -17.62 -10.88
CA ILE A 367 -4.96 -17.74 -11.28
C ILE A 367 -5.26 -17.05 -12.59
N VAL A 368 -6.24 -17.59 -13.31
CA VAL A 368 -6.84 -16.90 -14.42
C VAL A 368 -8.33 -16.81 -14.09
N VAL A 369 -8.98 -15.70 -14.49
CA VAL A 369 -10.38 -15.42 -14.14
C VAL A 369 -11.20 -14.94 -15.36
N PHE A 370 -12.41 -15.47 -15.50
CA PHE A 370 -13.28 -15.19 -16.65
C PHE A 370 -14.66 -14.85 -16.17
N CYS A 371 -15.39 -14.08 -16.95
CA CYS A 371 -16.74 -13.67 -16.53
C CYS A 371 -17.82 -13.84 -17.59
N GLY A 372 -19.01 -14.24 -17.16
CA GLY A 372 -20.17 -14.26 -18.07
C GLY A 372 -20.26 -13.00 -18.91
N THR A 373 -20.59 -13.17 -20.18
CA THR A 373 -20.87 -12.06 -21.07
C THR A 373 -22.09 -12.38 -21.89
N SER A 374 -22.84 -11.36 -22.27
CA SER A 374 -23.91 -11.54 -23.23
C SER A 374 -23.50 -11.03 -24.61
N GLY A 375 -22.28 -10.48 -24.71
CA GLY A 375 -21.70 -10.10 -26.01
C GLY A 375 -20.97 -11.26 -26.70
N THR A 376 -19.99 -10.95 -27.54
CA THR A 376 -19.24 -11.96 -28.29
C THR A 376 -17.77 -12.13 -27.88
N TYR A 377 -17.14 -13.19 -28.39
CA TYR A 377 -15.80 -13.55 -27.97
C TYR A 377 -15.09 -14.41 -29.02
N GLY A 378 -13.82 -14.70 -28.78
CA GLY A 378 -12.99 -15.47 -29.70
C GLY A 378 -12.27 -16.58 -28.97
N THR A 379 -11.07 -16.91 -29.40
CA THR A 379 -10.27 -17.94 -28.75
C THR A 379 -9.02 -17.38 -28.13
N GLY A 380 -8.34 -18.23 -27.36
CA GLY A 380 -7.02 -17.97 -26.81
C GLY A 380 -6.73 -19.01 -25.76
N SER A 381 -5.57 -18.92 -25.15
CA SER A 381 -5.16 -19.80 -24.06
C SER A 381 -4.30 -18.98 -23.12
N TRP A 382 -4.59 -19.08 -21.82
CA TRP A 382 -3.91 -18.28 -20.79
C TRP A 382 -3.36 -19.19 -19.70
N PRO A 383 -2.23 -19.87 -19.99
CA PRO A 383 -1.65 -20.73 -18.95
C PRO A 383 -0.95 -19.91 -17.84
N ASP A 384 -0.32 -20.61 -16.92
CA ASP A 384 0.52 -19.98 -15.90
C ASP A 384 1.76 -19.29 -16.53
N GLY A 385 2.42 -20.01 -17.45
CA GLY A 385 3.52 -19.46 -18.23
C GLY A 385 4.89 -19.27 -17.60
N ALA A 386 5.12 -19.81 -16.41
CA ALA A 386 6.46 -19.80 -15.84
C ALA A 386 7.31 -20.94 -16.43
N ASP A 387 8.64 -20.80 -16.37
CA ASP A 387 9.61 -21.83 -16.81
C ASP A 387 10.30 -22.47 -15.59
N LEU A 388 9.80 -23.62 -15.15
CA LEU A 388 10.35 -24.23 -13.94
C LEU A 388 11.83 -24.65 -14.07
N ASN A 389 12.32 -24.78 -15.31
CA ASN A 389 13.73 -25.05 -15.57
C ASN A 389 14.63 -23.95 -15.08
N LEU A 390 14.14 -22.73 -15.21
CA LEU A 390 14.91 -21.52 -14.90
C LEU A 390 14.60 -20.98 -13.52
N MET A 391 13.78 -21.71 -12.75
CA MET A 391 13.33 -21.29 -11.42
C MET A 391 14.38 -21.50 -10.32
N PRO A 392 14.28 -20.72 -9.20
CA PRO A 392 15.11 -20.87 -7.99
C PRO A 392 15.19 -22.30 -7.43
N ILE A 393 16.43 -22.73 -7.12
CA ILE A 393 16.69 -24.08 -6.56
C ILE A 393 16.10 -24.23 -5.16
N ALA B 6 -21.83 12.03 -7.14
CA ALA B 6 -20.95 12.08 -8.34
C ALA B 6 -21.78 12.35 -9.58
N GLU B 7 -21.28 13.25 -10.44
CA GLU B 7 -21.92 13.56 -11.73
C GLU B 7 -21.03 13.08 -12.87
N TYR B 8 -21.62 12.87 -14.05
CA TYR B 8 -20.85 12.50 -15.23
C TYR B 8 -20.06 13.70 -15.75
N ARG B 9 -18.85 13.46 -16.26
CA ARG B 9 -18.07 14.50 -16.92
C ARG B 9 -18.65 14.86 -18.28
N ASN B 10 -18.91 16.16 -18.46
CA ASN B 10 -19.36 16.67 -19.73
C ASN B 10 -18.25 17.34 -20.49
N TRP B 11 -17.20 17.73 -19.76
CA TRP B 11 -16.05 18.46 -20.31
C TRP B 11 -16.43 19.79 -20.97
N SER B 12 -17.59 20.33 -20.59
CA SER B 12 -18.16 21.52 -21.22
C SER B 12 -17.46 22.80 -20.75
N LYS B 13 -16.21 22.95 -21.17
CA LYS B 13 -15.40 24.12 -20.82
C LYS B 13 -14.45 24.40 -21.98
N PRO B 14 -14.04 25.67 -22.15
CA PRO B 14 -13.06 25.99 -23.18
C PRO B 14 -11.72 25.33 -22.89
N GLN B 15 -10.93 25.12 -23.93
CA GLN B 15 -9.57 24.65 -23.79
C GLN B 15 -8.74 25.76 -23.10
N CYS B 16 -7.87 25.39 -22.17
CA CYS B 16 -6.97 26.36 -21.50
C CYS B 16 -6.05 27.07 -22.51
N ASP B 17 -5.80 28.36 -22.32
CA ASP B 17 -4.70 29.03 -23.05
C ASP B 17 -3.43 28.19 -22.90
N ILE B 18 -2.65 28.07 -23.96
CA ILE B 18 -1.40 27.31 -23.88
C ILE B 18 -0.23 28.06 -24.54
N THR B 19 0.92 28.08 -23.85
CA THR B 19 2.11 28.74 -24.35
C THR B 19 3.23 27.69 -24.47
N GLY B 20 2.84 26.43 -24.24
CA GLY B 20 3.78 25.30 -24.13
C GLY B 20 3.41 24.47 -22.91
N PHE B 21 4.30 23.55 -22.53
CA PHE B 21 4.07 22.61 -21.42
C PHE B 21 5.14 22.66 -20.34
N ALA B 22 4.71 22.52 -19.08
CA ALA B 22 5.61 22.35 -17.94
C ALA B 22 5.72 20.86 -17.51
N PRO B 23 6.88 20.50 -16.90
CA PRO B 23 7.23 19.24 -16.22
C PRO B 23 6.21 18.82 -15.18
N PHE B 24 5.83 17.55 -15.18
CA PHE B 24 4.70 17.10 -14.34
C PHE B 24 5.02 15.78 -13.62
N SER B 25 5.56 14.79 -14.34
CA SER B 25 5.88 13.50 -13.75
C SER B 25 7.01 12.73 -14.46
N LYS B 26 7.75 11.96 -13.68
CA LYS B 26 8.77 11.07 -14.19
C LYS B 26 8.75 9.85 -13.29
N ASP B 27 8.92 8.65 -13.85
CA ASP B 27 8.82 7.48 -12.97
C ASP B 27 10.14 6.74 -12.72
N ASN B 28 11.12 6.92 -13.60
CA ASN B 28 12.47 6.41 -13.39
C ASN B 28 12.53 4.87 -13.28
N SER B 29 11.57 4.24 -13.96
CA SER B 29 11.27 2.83 -13.83
C SER B 29 12.47 1.92 -13.97
N ILE B 30 13.21 2.06 -15.07
CA ILE B 30 14.36 1.23 -15.35
C ILE B 30 15.47 1.51 -14.35
N ARG B 31 15.82 2.77 -14.14
CA ARG B 31 16.85 3.11 -13.14
C ARG B 31 16.51 2.38 -11.83
N LEU B 32 15.23 2.38 -11.50
CA LEU B 32 14.73 1.73 -10.30
C LEU B 32 14.77 0.22 -10.33
N SER B 33 14.79 -0.38 -11.52
CA SER B 33 14.76 -1.84 -11.62
C SER B 33 16.15 -2.51 -11.65
N ALA B 34 17.22 -1.71 -11.52
CA ALA B 34 18.56 -2.27 -11.35
C ALA B 34 18.77 -2.63 -9.88
N GLY B 35 17.93 -2.06 -9.01
CA GLY B 35 17.98 -2.40 -7.61
C GLY B 35 16.61 -2.36 -6.96
N GLY B 36 15.63 -2.99 -7.61
CA GLY B 36 14.25 -3.05 -7.13
C GLY B 36 13.44 -4.11 -7.86
N ASP B 37 12.18 -4.30 -7.44
CA ASP B 37 11.28 -5.22 -8.15
C ASP B 37 10.27 -4.47 -9.00
N ILE B 38 10.64 -4.24 -10.26
CA ILE B 38 9.84 -3.44 -11.17
C ILE B 38 9.36 -4.26 -12.36
N TRP B 39 8.12 -4.05 -12.75
CA TRP B 39 7.49 -4.71 -13.89
C TRP B 39 8.14 -4.27 -15.19
N VAL B 40 8.27 -5.20 -16.12
CA VAL B 40 8.58 -4.93 -17.52
C VAL B 40 7.27 -4.54 -18.22
N THR B 41 7.28 -3.39 -18.89
CA THR B 41 6.07 -2.81 -19.49
C THR B 41 6.31 -2.31 -20.90
N ARG B 42 5.22 -1.92 -21.57
CA ARG B 42 5.28 -1.10 -22.78
C ARG B 42 3.90 -0.49 -23.05
N GLU B 43 3.85 0.41 -24.04
CA GLU B 43 2.63 1.12 -24.42
C GLU B 43 1.97 1.74 -23.19
N PRO B 44 2.74 2.52 -22.42
CA PRO B 44 2.19 3.16 -21.24
C PRO B 44 1.22 4.26 -21.64
N TYR B 45 0.47 4.78 -20.66
CA TYR B 45 -0.32 5.98 -20.86
C TYR B 45 -0.86 6.51 -19.52
N VAL B 46 -1.45 7.70 -19.57
CA VAL B 46 -1.90 8.38 -18.40
C VAL B 46 -3.36 8.75 -18.62
N SER B 47 -4.16 8.64 -17.56
CA SER B 47 -5.56 9.07 -17.55
C SER B 47 -5.88 9.47 -16.12
N CYS B 48 -6.88 10.32 -15.95
CA CYS B 48 -7.16 10.89 -14.64
C CYS B 48 -8.62 10.81 -14.31
N ASP B 49 -8.91 10.34 -13.10
CA ASP B 49 -10.24 10.49 -12.55
C ASP B 49 -10.36 11.96 -12.14
N PRO B 50 -11.52 12.40 -11.63
CA PRO B 50 -11.69 13.82 -11.28
C PRO B 50 -10.75 14.40 -10.18
N ASP B 51 -10.06 13.54 -9.44
CA ASP B 51 -9.14 14.01 -8.37
C ASP B 51 -7.68 13.95 -8.79
N LYS B 52 -7.30 12.86 -9.45
CA LYS B 52 -5.89 12.59 -9.66
C LYS B 52 -5.69 11.79 -10.92
N CYS B 53 -4.42 11.59 -11.24
CA CYS B 53 -4.02 10.98 -12.46
C CYS B 53 -3.43 9.62 -12.16
N TYR B 54 -3.59 8.70 -13.11
CA TYR B 54 -3.17 7.34 -12.95
C TYR B 54 -2.33 7.06 -14.16
N GLN B 55 -1.33 6.20 -14.00
CA GLN B 55 -0.49 5.76 -15.08
C GLN B 55 -0.75 4.27 -15.38
N PHE B 56 -0.91 3.98 -16.67
CA PHE B 56 -1.16 2.64 -17.13
C PHE B 56 0.01 2.06 -17.92
N ALA B 57 0.04 0.74 -18.03
CA ALA B 57 0.97 0.10 -18.95
C ALA B 57 0.52 -1.32 -19.19
N LEU B 58 0.96 -1.89 -20.30
CA LEU B 58 0.77 -3.29 -20.56
C LEU B 58 2.03 -3.98 -20.08
N GLY B 59 1.89 -4.75 -19.01
CA GLY B 59 2.99 -5.48 -18.45
C GLY B 59 3.31 -6.68 -19.34
N GLN B 60 4.36 -7.39 -18.96
CA GLN B 60 4.77 -8.59 -19.68
C GLN B 60 4.63 -9.83 -18.82
N GLY B 61 3.92 -9.68 -17.70
CA GLY B 61 3.76 -10.75 -16.72
C GLY B 61 5.09 -11.15 -16.11
N THR B 62 5.98 -10.18 -15.94
CA THR B 62 7.29 -10.41 -15.34
C THR B 62 7.91 -9.11 -14.85
N THR B 63 8.82 -9.22 -13.89
CA THR B 63 9.73 -8.12 -13.54
C THR B 63 11.02 -8.19 -14.40
N LEU B 64 11.93 -7.24 -14.19
CA LEU B 64 13.06 -7.09 -15.09
C LEU B 64 14.23 -7.98 -14.65
N ASN B 65 14.59 -7.87 -13.38
CA ASN B 65 15.51 -8.78 -12.73
C ASN B 65 14.79 -10.09 -12.45
N ASN B 66 14.66 -10.88 -13.52
CA ASN B 66 13.76 -12.01 -13.56
C ASN B 66 14.08 -12.75 -14.86
N VAL B 67 14.23 -14.07 -14.78
CA VAL B 67 14.51 -14.90 -15.96
C VAL B 67 13.44 -14.79 -17.06
N HIS B 68 12.21 -14.47 -16.67
CA HIS B 68 11.10 -14.34 -17.60
C HIS B 68 11.13 -13.02 -18.34
N SER B 69 12.20 -12.25 -18.15
CA SER B 69 12.36 -10.98 -18.85
C SER B 69 12.87 -11.18 -20.28
N ASN B 70 13.54 -12.32 -20.51
CA ASN B 70 14.07 -12.66 -21.82
C ASN B 70 12.99 -12.60 -22.90
N ASN B 71 13.31 -11.87 -23.97
CA ASN B 71 12.47 -11.80 -25.15
C ASN B 71 11.14 -11.08 -25.01
N THR B 72 11.12 -10.06 -24.15
CA THR B 72 9.96 -9.19 -23.95
C THR B 72 9.80 -8.08 -25.02
N VAL B 73 10.60 -8.16 -26.07
CA VAL B 73 10.31 -7.43 -27.32
C VAL B 73 8.92 -7.83 -27.87
N ARG B 74 8.52 -9.08 -27.62
CA ARG B 74 7.24 -9.61 -28.11
C ARG B 74 6.06 -8.76 -27.64
N GLY B 75 5.14 -8.51 -28.55
CA GLY B 75 4.08 -7.54 -28.33
C GLY B 75 2.78 -8.11 -27.84
N ARG B 76 2.50 -9.37 -28.16
CA ARG B 76 1.29 -10.08 -27.67
C ARG B 76 1.68 -11.43 -27.05
N THR B 77 1.30 -11.62 -25.79
CA THR B 77 1.40 -12.90 -25.09
C THR B 77 0.18 -12.98 -24.17
N PRO B 78 -0.20 -14.21 -23.76
CA PRO B 78 -1.31 -14.39 -22.82
C PRO B 78 -1.00 -13.87 -21.42
N TYR B 79 0.29 -13.62 -21.15
CA TYR B 79 0.72 -13.12 -19.84
C TYR B 79 0.67 -11.60 -19.70
N ARG B 80 0.25 -10.87 -20.74
CA ARG B 80 0.16 -9.41 -20.68
C ARG B 80 -1.13 -8.92 -20.02
N THR B 81 -0.97 -7.95 -19.11
CA THR B 81 -2.10 -7.38 -18.35
C THR B 81 -1.94 -5.87 -18.31
N LEU B 82 -3.03 -5.17 -18.02
CA LEU B 82 -3.01 -3.72 -17.87
C LEU B 82 -2.69 -3.31 -16.42
N LEU B 83 -1.53 -2.69 -16.22
CA LEU B 83 -1.11 -2.24 -14.90
C LEU B 83 -1.70 -0.86 -14.58
N MET B 84 -2.12 -0.66 -13.34
CA MET B 84 -2.67 0.64 -12.94
C MET B 84 -2.15 1.13 -11.59
N ASN B 85 -1.41 2.23 -11.63
CA ASN B 85 -0.91 2.92 -10.41
C ASN B 85 -1.27 4.40 -10.41
N GLU B 86 -1.16 5.05 -9.26
CA GLU B 86 -1.29 6.51 -9.23
C GLU B 86 -0.07 7.11 -9.91
N LEU B 87 -0.24 8.29 -10.51
CA LEU B 87 0.81 8.82 -11.34
C LEU B 87 2.07 9.07 -10.48
N GLY B 88 3.20 8.49 -10.91
CA GLY B 88 4.45 8.63 -10.18
C GLY B 88 4.68 7.60 -9.10
N VAL B 89 3.79 6.61 -8.99
CA VAL B 89 4.11 5.43 -8.23
C VAL B 89 4.52 4.42 -9.27
N PRO B 90 5.82 4.04 -9.29
CA PRO B 90 6.30 3.14 -10.32
C PRO B 90 5.80 1.72 -10.11
N PHE B 91 5.82 0.92 -11.17
CA PHE B 91 5.11 -0.35 -11.17
C PHE B 91 5.83 -1.40 -10.36
N HIS B 92 5.62 -1.32 -9.05
CA HIS B 92 6.15 -2.27 -8.06
C HIS B 92 5.21 -3.47 -7.90
N LEU B 93 5.62 -4.47 -7.13
CA LEU B 93 4.85 -5.72 -6.98
C LEU B 93 3.45 -5.57 -6.41
N GLY B 94 3.20 -4.47 -5.71
CA GLY B 94 1.87 -4.21 -5.22
C GLY B 94 1.00 -3.55 -6.27
N THR B 95 1.49 -3.49 -7.51
CA THR B 95 0.75 -2.89 -8.61
C THR B 95 -0.41 -3.79 -9.05
N LYS B 96 -1.58 -3.18 -9.23
CA LYS B 96 -2.79 -3.87 -9.64
C LYS B 96 -2.86 -4.09 -11.17
N GLN B 97 -2.89 -5.36 -11.57
CA GLN B 97 -3.28 -5.76 -12.93
C GLN B 97 -4.79 -5.77 -13.03
N VAL B 98 -5.37 -4.88 -13.83
CA VAL B 98 -6.84 -4.64 -13.75
C VAL B 98 -7.68 -5.45 -14.74
N CYS B 99 -7.04 -6.01 -15.74
CA CYS B 99 -7.70 -6.84 -16.75
C CYS B 99 -6.59 -7.48 -17.58
N ILE B 100 -6.91 -8.51 -18.38
CA ILE B 100 -5.95 -9.19 -19.26
C ILE B 100 -5.92 -8.51 -20.61
N ALA B 101 -4.75 -8.16 -21.11
CA ALA B 101 -4.68 -7.29 -22.29
C ALA B 101 -3.32 -7.13 -22.92
N TRP B 102 -3.23 -7.34 -24.25
CA TRP B 102 -2.06 -6.83 -24.98
C TRP B 102 -2.38 -5.57 -25.78
N SER B 103 -3.54 -4.98 -25.50
CA SER B 103 -4.00 -3.74 -26.11
C SER B 103 -5.12 -3.22 -25.20
N SER B 104 -5.11 -1.93 -24.90
CA SER B 104 -6.00 -1.46 -23.88
C SER B 104 -6.33 0.00 -24.07
N SER B 105 -7.40 0.42 -23.39
CA SER B 105 -7.81 1.83 -23.37
C SER B 105 -8.66 2.05 -22.13
N SER B 106 -8.36 3.07 -21.36
CA SER B 106 -9.14 3.32 -20.14
C SER B 106 -9.51 4.78 -20.09
N CYS B 107 -10.62 5.04 -19.43
CA CYS B 107 -11.05 6.38 -19.12
C CYS B 107 -12.03 6.31 -17.96
N HIS B 108 -12.23 7.44 -17.29
CA HIS B 108 -13.14 7.56 -16.16
C HIS B 108 -14.23 8.56 -16.57
N ASP B 109 -15.48 8.17 -16.42
CA ASP B 109 -16.60 9.00 -16.89
C ASP B 109 -17.10 9.98 -15.83
N GLY B 110 -16.40 10.02 -14.69
CA GLY B 110 -16.81 10.86 -13.57
C GLY B 110 -17.39 10.05 -12.44
N LYS B 111 -17.97 8.90 -12.79
CA LYS B 111 -18.57 8.00 -11.79
C LYS B 111 -17.70 6.78 -11.58
N ALA B 112 -17.25 6.15 -12.66
CA ALA B 112 -16.33 5.03 -12.50
C ALA B 112 -15.35 4.94 -13.66
N TRP B 113 -14.45 3.97 -13.59
CA TRP B 113 -13.46 3.70 -14.60
C TRP B 113 -14.01 2.72 -15.62
N LEU B 114 -13.80 3.00 -16.92
CA LEU B 114 -13.97 1.99 -17.96
C LEU B 114 -12.62 1.49 -18.40
N HIS B 115 -12.47 0.18 -18.53
CA HIS B 115 -11.28 -0.37 -19.21
C HIS B 115 -11.69 -1.21 -20.40
N VAL B 116 -10.94 -1.05 -21.51
CA VAL B 116 -11.07 -1.83 -22.74
C VAL B 116 -9.81 -2.65 -22.97
N CYS B 117 -9.96 -3.97 -22.95
CA CYS B 117 -8.84 -4.89 -22.88
C CYS B 117 -8.89 -5.99 -23.93
N ILE B 118 -7.86 -6.07 -24.77
CA ILE B 118 -7.87 -7.07 -25.82
C ILE B 118 -6.81 -8.12 -25.52
N THR B 119 -7.23 -9.39 -25.54
CA THR B 119 -6.33 -10.53 -25.36
C THR B 119 -6.82 -11.71 -26.22
N GLY B 120 -5.96 -12.73 -26.38
CA GLY B 120 -6.32 -13.95 -27.14
C GLY B 120 -5.50 -14.15 -28.40
N ASP B 121 -5.94 -15.05 -29.28
CA ASP B 121 -5.20 -15.35 -30.53
C ASP B 121 -5.19 -14.16 -31.48
N ASP B 122 -4.12 -14.06 -32.28
CA ASP B 122 -4.00 -13.01 -33.31
C ASP B 122 -5.23 -12.94 -34.22
N LYS B 123 -5.75 -14.10 -34.60
CA LYS B 123 -6.84 -14.20 -35.58
C LYS B 123 -8.24 -14.26 -34.99
N ASN B 124 -8.33 -14.37 -33.67
CA ASN B 124 -9.62 -14.45 -33.03
C ASN B 124 -9.64 -13.79 -31.64
N ALA B 125 -9.08 -12.58 -31.57
CA ALA B 125 -8.86 -11.89 -30.32
C ALA B 125 -10.19 -11.46 -29.66
N THR B 126 -10.17 -11.23 -28.34
CA THR B 126 -11.37 -10.80 -27.61
C THR B 126 -11.19 -9.45 -26.91
N ALA B 127 -12.14 -8.56 -27.11
CA ALA B 127 -12.12 -7.31 -26.37
C ALA B 127 -13.10 -7.35 -25.22
N SER B 128 -12.61 -7.11 -24.01
CA SER B 128 -13.48 -6.99 -22.79
C SER B 128 -13.70 -5.55 -22.31
N PHE B 129 -14.93 -5.25 -21.93
CA PHE B 129 -15.32 -3.92 -21.45
C PHE B 129 -15.75 -4.01 -20.00
N ILE B 130 -14.99 -3.32 -19.14
CA ILE B 130 -15.02 -3.47 -17.69
C ILE B 130 -15.33 -2.09 -17.07
N TYR B 131 -16.36 -2.03 -16.25
CA TYR B 131 -16.83 -0.74 -15.69
C TYR B 131 -17.25 -0.95 -14.24
N ASN B 132 -16.96 0.04 -13.39
CA ASN B 132 -17.11 -0.10 -11.93
C ASN B 132 -16.64 -1.47 -11.43
N GLY B 133 -15.43 -1.85 -11.81
CA GLY B 133 -14.81 -3.09 -11.34
C GLY B 133 -15.51 -4.39 -11.70
N ARG B 134 -16.19 -4.42 -12.85
CA ARG B 134 -16.89 -5.63 -13.32
C ARG B 134 -16.98 -5.70 -14.84
N LEU B 135 -17.04 -6.94 -15.35
CA LEU B 135 -17.26 -7.17 -16.76
C LEU B 135 -18.71 -6.95 -17.16
N VAL B 136 -18.90 -6.10 -18.17
CA VAL B 136 -20.23 -5.68 -18.63
C VAL B 136 -20.47 -6.07 -20.09
N ASP B 137 -19.38 -6.36 -20.84
CA ASP B 137 -19.48 -6.65 -22.28
C ASP B 137 -18.22 -7.24 -22.91
N SER B 138 -18.40 -7.73 -24.13
CA SER B 138 -17.29 -8.18 -24.92
C SER B 138 -17.72 -8.28 -26.36
N VAL B 139 -16.93 -7.71 -27.26
CA VAL B 139 -17.10 -7.91 -28.69
C VAL B 139 -15.93 -8.77 -29.22
N VAL B 140 -16.14 -9.43 -30.36
CA VAL B 140 -15.12 -10.31 -30.97
C VAL B 140 -14.46 -9.61 -32.16
N SER B 141 -13.23 -10.01 -32.42
CA SER B 141 -12.48 -9.54 -33.56
C SER B 141 -13.28 -9.74 -34.83
N TRP B 142 -13.51 -8.65 -35.57
CA TRP B 142 -14.36 -8.70 -36.78
C TRP B 142 -13.68 -9.08 -38.11
N SER B 143 -12.39 -8.79 -38.27
CA SER B 143 -11.70 -9.07 -39.52
C SER B 143 -10.64 -10.14 -39.33
N LYS B 144 -10.51 -10.59 -38.09
CA LYS B 144 -9.67 -11.71 -37.73
C LYS B 144 -8.17 -11.44 -37.94
N GLU B 145 -7.74 -10.20 -37.69
CA GLU B 145 -6.31 -9.83 -37.84
C GLU B 145 -5.84 -8.78 -36.82
N ILE B 146 -5.65 -9.22 -35.57
CA ILE B 146 -5.09 -8.35 -34.53
C ILE B 146 -6.05 -7.18 -34.21
N LEU B 147 -7.15 -7.51 -33.57
CA LEU B 147 -8.00 -6.50 -32.97
C LEU B 147 -7.19 -5.68 -31.96
N ARG B 148 -7.19 -4.37 -32.13
CA ARG B 148 -6.35 -3.49 -31.36
C ARG B 148 -7.05 -2.14 -31.13
N THR B 149 -6.64 -1.44 -30.06
CA THR B 149 -7.22 -0.14 -29.77
C THR B 149 -6.18 0.98 -29.50
N GLN B 150 -6.56 1.99 -28.71
CA GLN B 150 -5.83 3.25 -28.67
C GLN B 150 -4.45 3.24 -28.02
N GLU B 151 -4.31 2.52 -26.91
CA GLU B 151 -3.11 2.60 -26.04
C GLU B 151 -2.92 4.01 -25.45
N SER B 152 -4.07 4.68 -25.26
CA SER B 152 -4.22 5.89 -24.46
C SER B 152 -5.72 6.08 -24.07
N GLU B 153 -6.01 7.12 -23.30
CA GLU B 153 -7.31 7.20 -22.67
C GLU B 153 -8.46 7.31 -23.68
N CYS B 154 -9.57 6.65 -23.38
CA CYS B 154 -10.81 6.94 -24.09
C CYS B 154 -11.39 8.26 -23.57
N VAL B 155 -12.52 8.69 -24.13
CA VAL B 155 -13.16 9.94 -23.72
C VAL B 155 -14.64 9.70 -23.43
N CYS B 156 -15.16 10.34 -22.38
CA CYS B 156 -16.52 10.15 -21.94
C CYS B 156 -17.22 11.50 -21.76
N ILE B 157 -18.25 11.72 -22.55
CA ILE B 157 -19.07 12.92 -22.45
C ILE B 157 -20.45 12.47 -22.03
N ASN B 158 -21.00 13.12 -21.01
CA ASN B 158 -22.34 12.82 -20.53
C ASN B 158 -22.63 11.36 -20.21
N GLY B 159 -21.59 10.61 -19.87
CA GLY B 159 -21.75 9.21 -19.55
C GLY B 159 -21.62 8.30 -20.76
N THR B 160 -21.30 8.89 -21.91
CA THR B 160 -21.10 8.11 -23.13
C THR B 160 -19.62 8.15 -23.47
N CYS B 161 -18.98 6.98 -23.47
CA CYS B 161 -17.55 6.88 -23.71
C CYS B 161 -17.29 6.32 -25.08
N THR B 162 -16.26 6.85 -25.72
CA THR B 162 -15.95 6.35 -27.03
C THR B 162 -14.55 5.84 -27.07
N VAL B 163 -14.32 4.87 -27.96
CA VAL B 163 -13.02 4.25 -28.14
C VAL B 163 -12.87 3.85 -29.62
N VAL B 164 -11.67 4.01 -30.16
CA VAL B 164 -11.43 3.67 -31.56
C VAL B 164 -10.65 2.36 -31.61
N MET B 165 -11.09 1.46 -32.50
CA MET B 165 -10.54 0.14 -32.58
C MET B 165 -10.35 -0.22 -34.03
N THR B 166 -9.25 -0.89 -34.33
CA THR B 166 -9.02 -1.36 -35.68
C THR B 166 -8.78 -2.87 -35.62
N ASP B 167 -9.29 -3.55 -36.64
CA ASP B 167 -8.94 -4.93 -36.93
C ASP B 167 -8.50 -4.88 -38.38
N GLY B 168 -7.40 -5.55 -38.70
CA GLY B 168 -7.00 -5.60 -40.08
C GLY B 168 -5.52 -5.48 -40.38
N SER B 169 -5.23 -5.20 -41.64
CA SER B 169 -3.88 -5.10 -42.15
C SER B 169 -3.14 -3.90 -41.59
N ALA B 170 -1.87 -4.12 -41.26
CA ALA B 170 -1.01 -3.03 -40.82
C ALA B 170 -0.53 -2.23 -42.04
N SER B 171 -0.76 -2.77 -43.24
CA SER B 171 -0.20 -2.23 -44.49
C SER B 171 -1.16 -2.15 -45.68
N GLY B 172 -2.45 -2.15 -45.40
CA GLY B 172 -3.46 -2.00 -46.45
C GLY B 172 -4.74 -1.53 -45.78
N LYS B 173 -5.79 -1.33 -46.56
CA LYS B 173 -7.08 -1.04 -45.98
C LYS B 173 -7.28 -1.99 -44.79
N ALA B 174 -7.73 -1.39 -43.68
CA ALA B 174 -8.05 -2.12 -42.47
C ALA B 174 -9.43 -1.66 -42.00
N ASP B 175 -9.96 -2.32 -40.99
CA ASP B 175 -11.33 -2.08 -40.59
C ASP B 175 -11.38 -1.41 -39.22
N THR B 176 -11.63 -0.11 -39.26
CA THR B 176 -11.67 0.74 -38.08
C THR B 176 -13.12 1.06 -37.68
N LYS B 177 -13.43 0.92 -36.39
CA LYS B 177 -14.75 1.19 -35.86
C LYS B 177 -14.65 2.03 -34.58
N ILE B 178 -15.73 2.76 -34.29
CA ILE B 178 -15.81 3.56 -33.10
C ILE B 178 -16.98 3.06 -32.26
N LEU B 179 -16.68 2.52 -31.07
CA LEU B 179 -17.73 2.06 -30.16
C LEU B 179 -18.21 3.18 -29.22
N PHE B 180 -19.47 3.11 -28.83
CA PHE B 180 -20.03 4.04 -27.87
C PHE B 180 -20.52 3.23 -26.68
N ILE B 181 -19.92 3.46 -25.52
CA ILE B 181 -20.09 2.61 -24.36
C ILE B 181 -20.80 3.38 -23.25
N GLU B 182 -21.83 2.78 -22.67
CA GLU B 182 -22.53 3.43 -21.55
C GLU B 182 -22.55 2.49 -20.40
N GLU B 183 -22.00 2.96 -19.29
CA GLU B 183 -21.86 2.16 -18.09
C GLU B 183 -21.34 0.76 -18.41
N GLY B 184 -20.44 0.69 -19.40
CA GLY B 184 -19.78 -0.55 -19.76
C GLY B 184 -20.39 -1.32 -20.93
N LYS B 185 -21.56 -0.87 -21.39
CA LYS B 185 -22.28 -1.51 -22.49
C LYS B 185 -22.12 -0.84 -23.86
N ILE B 186 -21.56 -1.59 -24.82
CA ILE B 186 -21.47 -1.18 -26.23
C ILE B 186 -22.87 -0.92 -26.76
N VAL B 187 -23.27 0.35 -26.81
CA VAL B 187 -24.64 0.71 -27.22
C VAL B 187 -24.79 0.99 -28.74
N HIS B 188 -23.73 1.50 -29.38
CA HIS B 188 -23.71 1.73 -30.82
C HIS B 188 -22.34 1.45 -31.37
N THR B 189 -22.28 1.17 -32.67
CA THR B 189 -21.01 0.92 -33.34
C THR B 189 -21.02 1.57 -34.72
N SER B 190 -20.42 2.76 -34.81
CA SER B 190 -20.18 3.41 -36.09
C SER B 190 -18.89 2.88 -36.71
N THR B 191 -18.88 2.77 -38.05
CA THR B 191 -17.66 2.35 -38.73
C THR B 191 -16.97 3.61 -39.25
N LEU B 192 -15.65 3.54 -39.44
CA LEU B 192 -14.89 4.71 -39.88
C LEU B 192 -15.40 5.25 -41.21
N SER B 193 -15.39 6.58 -41.32
CA SER B 193 -15.71 7.28 -42.57
C SER B 193 -14.82 8.54 -42.80
N GLY B 194 -14.92 9.16 -43.99
CA GLY B 194 -14.06 10.30 -44.36
C GLY B 194 -12.81 9.90 -45.14
N SER B 195 -11.78 10.75 -45.12
CA SER B 195 -10.63 10.54 -46.02
C SER B 195 -9.41 9.84 -45.41
N ALA B 196 -9.41 9.62 -44.09
CA ALA B 196 -8.35 8.86 -43.44
C ALA B 196 -8.25 7.45 -44.03
N GLN B 197 -7.07 7.08 -44.54
CA GLN B 197 -6.94 5.82 -45.29
C GLN B 197 -6.41 4.67 -44.45
N HIS B 198 -5.83 4.98 -43.30
CA HIS B 198 -5.36 3.96 -42.39
C HIS B 198 -5.16 4.48 -40.96
N VAL B 199 -5.75 3.80 -40.00
CA VAL B 199 -5.93 4.36 -38.67
C VAL B 199 -5.52 3.41 -37.56
N GLU B 200 -4.67 3.92 -36.66
CA GLU B 200 -4.07 3.17 -35.57
C GLU B 200 -3.85 4.05 -34.35
N GLU B 201 -3.93 3.44 -33.17
CA GLU B 201 -3.53 4.04 -31.90
C GLU B 201 -3.81 5.52 -31.78
N CYS B 202 -5.09 5.83 -31.66
CA CYS B 202 -5.52 7.22 -31.67
C CYS B 202 -5.39 7.90 -30.30
N SER B 203 -4.88 9.15 -30.33
CA SER B 203 -4.86 9.96 -29.14
C SER B 203 -6.08 10.87 -29.13
N CYS B 204 -7.05 10.51 -28.32
CA CYS B 204 -8.32 11.19 -28.37
C CYS B 204 -8.41 12.18 -27.24
N TYR B 205 -9.12 13.28 -27.47
CA TYR B 205 -9.41 14.28 -26.44
C TYR B 205 -10.82 14.85 -26.58
N PRO B 206 -11.43 15.30 -25.47
CA PRO B 206 -12.75 15.93 -25.47
C PRO B 206 -12.78 17.35 -26.03
N ARG B 207 -13.30 17.51 -27.24
CA ARG B 207 -13.46 18.83 -27.82
C ARG B 207 -14.95 19.19 -27.89
N TYR B 208 -15.54 19.55 -26.76
CA TYR B 208 -17.00 19.75 -26.65
C TYR B 208 -17.60 20.47 -27.88
N PRO B 209 -18.73 19.95 -28.42
CA PRO B 209 -19.60 18.90 -27.89
C PRO B 209 -19.26 17.45 -28.25
N GLY B 210 -18.13 17.23 -28.93
CA GLY B 210 -17.70 15.89 -29.30
C GLY B 210 -16.26 15.56 -28.93
N VAL B 211 -15.69 14.59 -29.64
CA VAL B 211 -14.38 14.08 -29.36
C VAL B 211 -13.58 14.15 -30.64
N ARG B 212 -12.30 14.43 -30.49
CA ARG B 212 -11.39 14.53 -31.61
C ARG B 212 -10.25 13.61 -31.29
N CYS B 213 -9.70 12.97 -32.33
CA CYS B 213 -8.57 12.06 -32.18
C CYS B 213 -7.63 12.33 -33.30
N VAL B 214 -6.35 12.03 -33.06
CA VAL B 214 -5.24 12.31 -33.93
C VAL B 214 -4.39 11.05 -33.85
N CYS B 215 -4.17 10.39 -34.98
CA CYS B 215 -3.76 9.00 -34.89
C CYS B 215 -2.46 8.70 -35.61
N ARG B 216 -2.29 7.41 -35.90
CA ARG B 216 -1.18 6.88 -36.62
C ARG B 216 -1.73 6.22 -37.89
N ASP B 217 -1.09 6.53 -39.02
CA ASP B 217 -1.38 5.92 -40.32
C ASP B 217 -0.18 5.07 -40.61
N ASN B 218 -0.38 3.76 -40.64
CA ASN B 218 0.75 2.83 -40.73
C ASN B 218 1.09 2.45 -42.17
N TRP B 219 0.36 3.01 -43.12
CA TRP B 219 0.35 2.52 -44.49
C TRP B 219 1.07 3.41 -45.53
N LYS B 220 0.45 4.54 -45.87
CA LYS B 220 0.97 5.43 -46.91
C LYS B 220 1.17 6.87 -46.41
N GLY B 221 0.97 7.10 -45.12
CA GLY B 221 1.12 8.45 -44.59
C GLY B 221 2.16 8.60 -43.50
N SER B 222 3.04 9.59 -43.66
CA SER B 222 3.80 10.11 -42.53
C SER B 222 3.22 11.43 -42.01
N ASN B 223 2.06 11.84 -42.51
CA ASN B 223 1.22 12.81 -41.78
C ASN B 223 0.19 12.03 -40.93
N ARG B 224 -0.61 12.70 -40.10
CA ARG B 224 -1.40 11.99 -39.08
C ARG B 224 -2.91 12.11 -39.29
N PRO B 225 -3.62 10.98 -39.26
CA PRO B 225 -5.06 11.00 -39.37
C PRO B 225 -5.72 11.78 -38.24
N ILE B 226 -6.86 12.40 -38.54
CA ILE B 226 -7.69 13.01 -37.52
C ILE B 226 -9.01 12.26 -37.62
N VAL B 227 -9.72 12.11 -36.50
CA VAL B 227 -11.10 11.62 -36.51
C VAL B 227 -12.01 12.55 -35.67
N ASP B 228 -13.08 13.08 -36.26
CA ASP B 228 -14.13 13.71 -35.44
C ASP B 228 -15.14 12.65 -35.02
N ILE B 229 -15.69 12.80 -33.82
CA ILE B 229 -16.66 11.85 -33.32
C ILE B 229 -17.77 12.63 -32.66
N ASN B 230 -18.95 12.60 -33.29
CA ASN B 230 -20.08 13.33 -32.75
C ASN B 230 -20.86 12.40 -31.81
N ILE B 231 -20.90 12.76 -30.54
CA ILE B 231 -21.37 11.85 -29.50
C ILE B 231 -22.89 11.66 -29.47
N LYS B 232 -23.64 12.63 -29.99
CA LYS B 232 -25.10 12.50 -30.02
C LYS B 232 -25.62 11.56 -31.13
N ASP B 233 -25.22 11.80 -32.38
CA ASP B 233 -25.72 10.99 -33.50
C ASP B 233 -24.74 9.93 -34.07
N HIS B 234 -23.62 9.73 -33.39
CA HIS B 234 -22.66 8.63 -33.69
C HIS B 234 -21.92 8.75 -35.02
N SER B 235 -21.92 9.95 -35.58
CA SER B 235 -21.31 10.20 -36.88
C SER B 235 -19.80 10.49 -36.82
N ILE B 236 -19.14 10.16 -37.90
CA ILE B 236 -17.69 10.20 -38.00
C ILE B 236 -17.36 10.98 -39.26
N VAL B 237 -16.36 11.84 -39.20
CA VAL B 237 -15.68 12.37 -40.39
C VAL B 237 -14.19 12.19 -40.10
N SER B 238 -13.35 12.20 -41.13
CA SER B 238 -11.93 11.99 -40.90
C SER B 238 -11.04 12.67 -41.95
N SER B 239 -9.77 12.84 -41.61
CA SER B 239 -8.84 13.56 -42.46
C SER B 239 -7.39 13.45 -41.98
N TYR B 240 -6.59 14.47 -42.29
CA TYR B 240 -5.18 14.47 -41.88
C TYR B 240 -4.74 15.82 -41.32
N VAL B 241 -3.78 15.77 -40.41
CA VAL B 241 -3.23 16.98 -39.80
C VAL B 241 -2.51 17.77 -40.86
N CYS B 242 -3.10 18.90 -41.28
CA CYS B 242 -2.59 19.67 -42.44
C CYS B 242 -1.12 20.08 -42.35
N SER B 243 -0.69 20.57 -41.19
CA SER B 243 0.69 21.03 -40.99
C SER B 243 1.69 20.38 -41.94
N GLY B 244 2.47 21.21 -42.62
CA GLY B 244 3.54 20.73 -43.48
C GLY B 244 4.68 20.10 -42.71
N LEU B 245 4.73 20.36 -41.40
CA LEU B 245 5.67 19.68 -40.50
C LEU B 245 4.97 18.46 -39.85
N VAL B 246 5.44 17.25 -40.17
CA VAL B 246 4.63 16.05 -39.93
C VAL B 246 5.08 15.24 -38.72
N GLY B 247 4.11 14.54 -38.12
CA GLY B 247 4.23 13.99 -36.76
C GLY B 247 4.50 12.52 -36.64
N ASP B 248 4.29 11.77 -37.73
CA ASP B 248 4.63 10.34 -37.76
C ASP B 248 6.16 10.14 -37.79
N THR B 249 6.62 8.92 -37.51
CA THR B 249 8.04 8.53 -37.61
C THR B 249 8.06 7.08 -38.10
N PRO B 250 8.70 6.79 -39.25
CA PRO B 250 9.55 7.65 -40.09
C PRO B 250 8.79 8.74 -40.84
N ARG B 251 9.56 9.56 -41.55
CA ARG B 251 9.09 10.67 -42.36
C ARG B 251 10.36 11.28 -42.98
N LYS B 252 10.17 12.07 -44.04
CA LYS B 252 11.27 12.83 -44.66
C LYS B 252 11.66 14.00 -43.75
N ASN B 253 12.81 14.63 -44.04
CA ASN B 253 13.26 15.79 -43.27
C ASN B 253 12.36 17.04 -43.38
N ASP B 254 12.71 18.05 -42.61
CA ASP B 254 11.98 19.32 -42.55
C ASP B 254 11.92 20.09 -43.88
N SER B 255 12.99 20.06 -44.68
CA SER B 255 13.02 20.78 -45.95
C SER B 255 12.16 20.13 -47.05
N SER B 256 12.18 18.80 -47.12
CA SER B 256 11.49 18.04 -48.18
C SER B 256 9.99 17.97 -47.97
N SER B 257 9.59 17.48 -46.79
CA SER B 257 8.22 17.09 -46.46
C SER B 257 7.08 17.99 -46.97
N SER B 258 5.89 17.42 -47.00
CA SER B 258 4.67 18.15 -47.30
C SER B 258 3.53 17.30 -46.77
N SER B 259 2.32 17.87 -46.81
CA SER B 259 1.14 17.24 -46.25
C SER B 259 -0.07 17.60 -47.11
N HIS B 260 -1.22 17.03 -46.73
CA HIS B 260 -2.48 17.24 -47.42
C HIS B 260 -3.56 17.26 -46.33
N CYS B 261 -4.63 18.00 -46.54
CA CYS B 261 -5.71 18.01 -45.54
C CYS B 261 -6.64 16.81 -45.61
N LEU B 262 -6.50 15.98 -46.65
CA LEU B 262 -7.40 14.84 -46.84
C LEU B 262 -6.67 13.51 -47.10
N ASP B 263 -5.52 13.57 -47.76
CA ASP B 263 -4.90 12.35 -48.20
C ASP B 263 -3.53 12.10 -47.53
N PRO B 264 -3.09 10.84 -47.46
CA PRO B 264 -1.74 10.50 -46.98
C PRO B 264 -0.64 11.02 -47.92
N ASN B 265 0.37 11.68 -47.36
CA ASN B 265 1.38 12.35 -48.17
C ASN B 265 2.23 11.43 -49.05
N ASN B 266 2.15 10.12 -48.78
CA ASN B 266 2.89 9.10 -49.54
C ASN B 266 4.39 9.17 -49.33
N GLU B 267 4.81 9.72 -48.19
CA GLU B 267 6.23 10.00 -47.96
C GLU B 267 6.77 9.16 -46.81
N GLU B 268 7.51 8.10 -47.14
CA GLU B 268 8.04 7.18 -46.14
C GLU B 268 6.88 6.64 -45.28
N GLY B 269 5.66 6.75 -45.82
CA GLY B 269 4.41 6.55 -45.08
C GLY B 269 4.30 5.25 -44.29
N GLY B 270 5.06 4.23 -44.69
CA GLY B 270 5.07 2.97 -43.99
C GLY B 270 5.37 3.12 -42.51
N HIS B 271 4.87 2.17 -41.70
CA HIS B 271 5.19 2.10 -40.28
C HIS B 271 4.79 3.39 -39.58
N GLY B 272 5.23 3.55 -38.35
CA GLY B 272 4.93 4.76 -37.62
C GLY B 272 5.20 4.64 -36.14
N VAL B 273 4.71 5.63 -35.40
CA VAL B 273 4.73 5.65 -33.94
C VAL B 273 3.43 6.32 -33.50
N LYS B 274 2.86 5.84 -32.41
CA LYS B 274 1.69 6.49 -31.80
C LYS B 274 2.11 7.90 -31.44
N GLY B 275 1.19 8.84 -31.64
CA GLY B 275 1.46 10.21 -31.33
C GLY B 275 0.21 11.02 -31.16
N TRP B 276 0.43 12.31 -31.01
CA TRP B 276 -0.64 13.16 -30.59
C TRP B 276 -0.42 14.52 -31.23
N ALA B 277 -1.52 15.25 -31.37
CA ALA B 277 -1.53 16.66 -31.74
C ALA B 277 -2.90 17.21 -31.32
N PHE B 278 -3.02 18.52 -31.17
CA PHE B 278 -4.35 19.13 -30.99
C PHE B 278 -4.33 20.56 -31.50
N ASP B 279 -5.51 21.17 -31.57
CA ASP B 279 -5.71 22.43 -32.26
C ASP B 279 -5.91 23.60 -31.31
N ASP B 280 -5.39 24.74 -31.76
CA ASP B 280 -5.48 25.98 -31.04
C ASP B 280 -5.82 27.05 -32.09
N GLY B 281 -7.13 27.27 -32.29
CA GLY B 281 -7.60 28.07 -33.40
C GLY B 281 -7.23 27.38 -34.69
N ASN B 282 -6.53 28.10 -35.57
CA ASN B 282 -6.05 27.53 -36.84
C ASN B 282 -4.63 27.00 -36.72
N ASP B 283 -4.08 27.06 -35.51
CA ASP B 283 -2.72 26.54 -35.27
C ASP B 283 -2.79 25.12 -34.72
N VAL B 284 -1.66 24.44 -34.71
CA VAL B 284 -1.61 23.08 -34.17
C VAL B 284 -0.46 22.88 -33.18
N TRP B 285 -0.80 22.39 -31.98
CA TRP B 285 0.23 21.86 -31.08
C TRP B 285 0.49 20.37 -31.36
N MET B 286 1.76 20.00 -31.44
CA MET B 286 2.10 18.62 -31.71
C MET B 286 3.41 18.25 -31.09
N GLY B 287 3.57 16.97 -30.79
CA GLY B 287 4.86 16.45 -30.41
C GLY B 287 5.28 15.48 -31.48
N ARG B 288 6.53 15.03 -31.41
CA ARG B 288 7.04 14.02 -32.34
C ARG B 288 8.47 13.66 -31.97
N THR B 289 9.01 12.60 -32.57
CA THR B 289 10.41 12.30 -32.37
C THR B 289 11.23 13.38 -33.07
N ILE B 290 12.47 13.55 -32.61
CA ILE B 290 13.37 14.56 -33.16
C ILE B 290 14.00 14.01 -34.43
N ASN B 291 14.58 12.82 -34.32
CA ASN B 291 15.08 12.07 -35.47
C ASN B 291 13.88 11.70 -36.33
N GLU B 292 14.05 11.82 -37.65
CA GLU B 292 12.94 11.69 -38.60
C GLU B 292 12.62 10.24 -38.99
N THR B 293 13.57 9.33 -38.80
CA THR B 293 13.36 7.94 -39.23
C THR B 293 13.32 6.94 -38.08
N SER B 294 13.74 7.35 -36.88
CA SER B 294 13.75 6.42 -35.76
C SER B 294 13.38 7.09 -34.45
N ARG B 295 13.20 6.27 -33.42
CA ARG B 295 12.61 6.70 -32.16
C ARG B 295 13.57 7.36 -31.16
N LEU B 296 14.39 8.29 -31.67
CA LEU B 296 15.30 9.08 -30.85
C LEU B 296 14.78 10.51 -30.61
N GLY B 297 14.91 10.99 -29.37
CA GLY B 297 14.55 12.36 -28.96
C GLY B 297 13.07 12.68 -29.04
N TYR B 298 12.66 13.81 -28.45
CA TYR B 298 11.27 14.18 -28.47
C TYR B 298 10.99 15.70 -28.32
N GLU B 299 10.30 16.26 -29.29
CA GLU B 299 10.08 17.69 -29.34
C GLU B 299 8.59 17.93 -29.39
N THR B 300 8.15 19.08 -28.88
CA THR B 300 6.85 19.64 -29.19
C THR B 300 7.03 21.03 -29.79
N PHE B 301 5.96 21.54 -30.39
CA PHE B 301 5.91 22.91 -30.87
C PHE B 301 4.56 23.28 -31.38
N LYS B 302 4.44 24.55 -31.71
CA LYS B 302 3.27 25.05 -32.38
C LYS B 302 3.67 25.29 -33.81
N VAL B 303 2.86 24.82 -34.75
CA VAL B 303 2.98 25.24 -36.13
C VAL B 303 1.87 26.24 -36.37
N ILE B 304 2.25 27.46 -36.73
CA ILE B 304 1.30 28.53 -37.05
C ILE B 304 0.50 28.18 -38.30
N GLU B 305 -0.83 28.33 -38.22
CA GLU B 305 -1.74 27.97 -39.29
C GLU B 305 -1.64 26.49 -39.68
N GLY B 306 -0.97 25.69 -38.85
CA GLY B 306 -0.70 24.29 -39.16
C GLY B 306 -1.91 23.41 -39.07
N TRP B 307 -2.99 23.92 -38.51
CA TRP B 307 -4.23 23.15 -38.46
C TRP B 307 -4.99 23.28 -39.78
N SER B 308 -4.92 24.46 -40.40
CA SER B 308 -5.78 24.76 -41.54
C SER B 308 -5.05 25.12 -42.85
N ASN B 309 -3.78 24.76 -42.95
CA ASN B 309 -2.96 25.10 -44.11
C ASN B 309 -1.91 24.03 -44.38
N PRO B 310 -2.13 23.20 -45.40
CA PRO B 310 -1.18 22.14 -45.68
C PRO B 310 0.23 22.63 -46.06
N LYS B 311 0.39 23.93 -46.25
CA LYS B 311 1.65 24.49 -46.76
C LYS B 311 2.49 25.18 -45.67
N SER B 312 1.94 25.28 -44.47
CA SER B 312 2.60 26.00 -43.37
C SER B 312 3.67 25.14 -42.71
N LYS B 313 4.87 25.70 -42.57
CA LYS B 313 6.01 24.99 -41.98
C LYS B 313 6.70 25.88 -40.97
N LEU B 314 5.90 26.77 -40.39
CA LEU B 314 6.37 27.81 -39.52
C LEU B 314 6.10 27.43 -38.05
N GLN B 315 7.08 26.78 -37.43
CA GLN B 315 7.00 26.41 -36.02
C GLN B 315 7.46 27.54 -35.13
N ILE B 316 6.73 27.76 -34.04
CA ILE B 316 7.24 28.57 -32.94
C ILE B 316 7.08 27.75 -31.67
N ASN B 317 7.81 28.10 -30.63
CA ASN B 317 7.76 27.48 -29.31
C ASN B 317 8.25 26.05 -29.22
N ARG B 318 9.45 25.78 -29.73
CA ARG B 318 10.00 24.44 -29.62
C ARG B 318 10.41 24.23 -28.16
N GLN B 319 10.29 22.98 -27.72
CA GLN B 319 10.75 22.52 -26.42
C GLN B 319 11.32 21.13 -26.64
N VAL B 320 12.53 20.90 -26.16
CA VAL B 320 13.11 19.56 -26.27
C VAL B 320 12.69 18.87 -24.99
N ILE B 321 12.13 17.68 -25.12
CA ILE B 321 11.69 16.93 -23.96
C ILE B 321 12.74 15.88 -23.64
N VAL B 322 13.07 15.07 -24.64
CA VAL B 322 14.20 14.17 -24.59
C VAL B 322 15.13 14.56 -25.73
N ASP B 323 16.42 14.60 -25.45
CA ASP B 323 17.41 14.98 -26.45
C ASP B 323 17.75 13.84 -27.42
N ARG B 324 18.23 14.23 -28.61
CA ARG B 324 18.34 13.33 -29.76
C ARG B 324 19.33 12.17 -29.55
N GLY B 325 20.03 12.18 -28.42
CA GLY B 325 20.94 11.08 -28.08
C GLY B 325 20.27 10.04 -27.20
N ASN B 326 19.01 10.26 -26.88
CA ASN B 326 18.27 9.37 -25.99
C ASN B 326 16.98 8.86 -26.63
N ARG B 327 16.66 7.61 -26.36
CA ARG B 327 15.52 6.93 -26.99
C ARG B 327 14.21 7.45 -26.46
N SER B 328 13.26 7.72 -27.36
CA SER B 328 11.88 8.05 -26.96
C SER B 328 10.94 6.90 -27.30
N GLY B 329 9.79 7.16 -27.91
CA GLY B 329 8.87 6.07 -28.24
C GLY B 329 7.47 6.57 -28.44
N TYR B 330 6.50 5.79 -27.97
CA TYR B 330 5.10 6.13 -28.07
C TYR B 330 4.83 7.42 -27.31
N SER B 331 3.71 8.07 -27.60
CA SER B 331 3.31 9.27 -26.90
C SER B 331 1.84 9.49 -27.17
N GLY B 332 1.12 10.01 -26.20
CA GLY B 332 -0.28 10.30 -26.41
C GLY B 332 -0.69 11.50 -25.59
N ILE B 333 -1.97 11.84 -25.67
CA ILE B 333 -2.53 12.99 -25.00
C ILE B 333 -3.44 12.54 -23.86
N PHE B 334 -3.63 13.41 -22.86
CA PHE B 334 -4.74 13.26 -21.93
C PHE B 334 -5.32 14.64 -21.51
N SER B 335 -6.52 14.65 -20.98
CA SER B 335 -7.13 15.92 -20.70
C SER B 335 -7.45 16.04 -19.23
N VAL B 336 -7.08 17.18 -18.66
CA VAL B 336 -7.32 17.43 -17.24
C VAL B 336 -8.20 18.66 -17.11
N GLU B 337 -9.27 18.55 -16.32
CA GLU B 337 -10.25 19.62 -16.14
C GLU B 337 -9.84 20.58 -15.03
N GLY B 338 -9.64 21.84 -15.39
CA GLY B 338 -9.31 22.87 -14.41
C GLY B 338 -10.57 23.53 -13.87
N LYS B 339 -10.38 24.55 -13.04
CA LYS B 339 -11.51 25.34 -12.53
C LYS B 339 -12.25 25.94 -13.72
N SER B 340 -11.49 26.42 -14.70
CA SER B 340 -12.04 27.24 -15.76
C SER B 340 -11.90 26.69 -17.16
N CYS B 341 -11.12 25.64 -17.34
CA CYS B 341 -10.74 25.20 -18.68
C CYS B 341 -10.16 23.78 -18.74
N ILE B 342 -10.10 23.22 -19.94
CA ILE B 342 -9.58 21.88 -20.08
C ILE B 342 -8.14 21.97 -20.56
N ASN B 343 -7.25 21.37 -19.79
CA ASN B 343 -5.85 21.39 -20.10
C ASN B 343 -5.48 20.16 -20.93
N ARG B 344 -4.46 20.29 -21.75
CA ARG B 344 -3.95 19.18 -22.53
C ARG B 344 -2.58 18.84 -22.01
N CYS B 345 -2.34 17.55 -21.81
CA CYS B 345 -1.09 17.06 -21.28
C CYS B 345 -0.70 15.86 -22.15
N PHE B 346 0.55 15.43 -22.06
CA PHE B 346 1.05 14.29 -22.84
C PHE B 346 2.13 13.53 -22.09
N TYR B 347 2.37 12.28 -22.54
CA TYR B 347 3.35 11.38 -21.95
C TYR B 347 4.29 10.89 -23.06
N VAL B 348 5.47 10.41 -22.69
CA VAL B 348 6.43 9.99 -23.68
C VAL B 348 7.03 8.71 -23.17
N GLU B 349 6.85 7.66 -23.95
CA GLU B 349 7.35 6.36 -23.60
C GLU B 349 8.86 6.40 -23.81
N LEU B 350 9.59 6.08 -22.75
CA LEU B 350 11.03 5.99 -22.85
C LEU B 350 11.47 4.52 -22.95
N ILE B 351 11.55 4.02 -24.19
CA ILE B 351 11.91 2.60 -24.44
C ILE B 351 13.41 2.35 -24.29
N ARG B 352 13.75 1.25 -23.60
CA ARG B 352 15.11 0.73 -23.53
C ARG B 352 15.19 -0.78 -23.88
N GLY B 353 16.37 -1.26 -24.26
CA GLY B 353 16.54 -2.68 -24.58
C GLY B 353 16.22 -3.01 -26.04
N ARG B 354 15.85 -4.27 -26.27
CA ARG B 354 15.68 -4.81 -27.62
C ARG B 354 14.60 -4.11 -28.46
N LYS B 355 14.74 -4.13 -29.80
CA LYS B 355 15.86 -4.77 -30.51
C LYS B 355 17.08 -3.86 -30.66
N GLU B 356 16.86 -2.56 -30.48
CA GLU B 356 17.86 -1.53 -30.72
C GLU B 356 19.04 -1.60 -29.76
N GLU B 357 18.81 -2.08 -28.55
CA GLU B 357 19.88 -2.17 -27.57
C GLU B 357 20.11 -3.62 -27.20
N THR B 358 21.30 -4.12 -27.51
CA THR B 358 21.66 -5.52 -27.33
C THR B 358 22.42 -5.80 -26.03
N GLU B 359 22.68 -4.74 -25.26
CA GLU B 359 23.34 -4.85 -23.94
C GLU B 359 22.54 -5.71 -22.95
N VAL B 360 21.25 -5.83 -23.18
CA VAL B 360 20.38 -6.68 -22.36
C VAL B 360 19.54 -7.62 -23.22
N LEU B 361 18.73 -8.44 -22.55
CA LEU B 361 17.82 -9.38 -23.19
C LEU B 361 16.35 -8.95 -23.15
N TRP B 362 16.04 -8.01 -22.26
CA TRP B 362 14.66 -7.54 -22.10
C TRP B 362 14.36 -6.30 -22.96
N THR B 363 13.09 -5.92 -22.98
CA THR B 363 12.63 -4.66 -23.55
C THR B 363 11.69 -4.10 -22.53
N SER B 364 11.84 -2.83 -22.16
CA SER B 364 10.91 -2.14 -21.27
C SER B 364 10.96 -0.63 -21.45
N ASN B 365 10.17 0.08 -20.65
CA ASN B 365 10.13 1.53 -20.68
C ASN B 365 10.03 2.16 -19.31
N SER B 366 10.29 3.47 -19.27
CA SER B 366 9.91 4.37 -18.18
C SER B 366 9.15 5.52 -18.85
N ILE B 367 8.67 6.50 -18.08
CA ILE B 367 7.85 7.57 -18.69
C ILE B 367 7.99 8.95 -18.08
N VAL B 368 7.65 9.95 -18.91
CA VAL B 368 7.82 11.35 -18.58
C VAL B 368 6.55 12.07 -19.06
N VAL B 369 6.01 12.96 -18.24
CA VAL B 369 4.73 13.55 -18.51
C VAL B 369 4.84 15.07 -18.38
N PHE B 370 4.30 15.77 -19.37
CA PHE B 370 4.28 17.21 -19.35
C PHE B 370 2.83 17.66 -19.43
N CYS B 371 2.55 18.85 -18.92
CA CYS B 371 1.22 19.44 -19.06
C CYS B 371 1.29 20.85 -19.58
N GLY B 372 0.36 21.18 -20.45
CA GLY B 372 0.17 22.57 -20.87
C GLY B 372 0.18 23.56 -19.72
N THR B 373 0.63 24.77 -20.01
CA THR B 373 0.56 25.89 -19.09
C THR B 373 0.28 27.19 -19.82
N SER B 374 -0.38 28.14 -19.15
CA SER B 374 -0.58 29.47 -19.69
C SER B 374 0.45 30.44 -19.12
N GLY B 375 1.57 29.88 -18.64
CA GLY B 375 2.65 30.65 -18.02
C GLY B 375 3.97 30.36 -18.71
N THR B 376 5.08 30.51 -17.97
CA THR B 376 6.37 30.49 -18.60
C THR B 376 7.17 29.29 -18.17
N TYR B 377 8.17 28.94 -18.96
CA TYR B 377 8.97 27.78 -18.70
C TYR B 377 10.29 28.00 -19.40
N GLY B 378 11.23 27.09 -19.15
CA GLY B 378 12.55 27.19 -19.75
C GLY B 378 12.87 25.96 -20.56
N THR B 379 14.11 25.51 -20.46
CA THR B 379 14.54 24.35 -21.20
C THR B 379 15.03 23.28 -20.22
N GLY B 380 15.46 22.17 -20.80
CA GLY B 380 15.99 21.02 -20.08
C GLY B 380 15.85 19.77 -20.93
N SER B 381 16.31 18.63 -20.42
CA SER B 381 16.06 17.34 -21.05
C SER B 381 15.86 16.27 -19.99
N TRP B 382 14.97 15.33 -20.25
CA TRP B 382 14.57 14.35 -19.23
C TRP B 382 14.45 12.94 -19.76
N PRO B 383 15.60 12.31 -20.08
CA PRO B 383 15.56 10.97 -20.64
C PRO B 383 15.27 9.89 -19.58
N ASP B 384 15.49 8.64 -19.95
CA ASP B 384 15.24 7.51 -19.09
C ASP B 384 16.33 7.43 -18.01
N GLY B 385 17.57 7.67 -18.41
CA GLY B 385 18.69 7.75 -17.49
C GLY B 385 19.27 6.45 -16.95
N ALA B 386 18.83 5.32 -17.47
CA ALA B 386 19.43 4.07 -17.03
C ALA B 386 20.71 3.77 -17.80
N ASP B 387 21.60 3.02 -17.17
CA ASP B 387 22.82 2.53 -17.80
C ASP B 387 22.70 1.05 -18.09
N LEU B 388 22.60 0.70 -19.36
CA LEU B 388 22.36 -0.69 -19.74
C LEU B 388 23.58 -1.56 -19.55
N ASN B 389 24.76 -0.98 -19.72
CA ASN B 389 26.01 -1.71 -19.52
C ASN B 389 26.17 -2.14 -18.07
N LEU B 390 25.46 -1.47 -17.17
CA LEU B 390 25.52 -1.77 -15.75
C LEU B 390 24.29 -2.52 -15.25
N MET B 391 23.35 -2.79 -16.17
CA MET B 391 22.07 -3.44 -15.83
C MET B 391 22.19 -4.94 -15.57
N PRO B 392 21.24 -5.52 -14.81
CA PRO B 392 21.12 -6.98 -14.64
C PRO B 392 21.25 -7.73 -15.96
N ILE B 393 22.35 -8.48 -16.05
CA ILE B 393 22.81 -9.13 -17.27
C ILE B 393 22.21 -10.53 -17.40
N ALA C 6 -14.29 20.71 4.69
CA ALA C 6 -12.99 21.27 4.21
C ALA C 6 -13.09 22.80 4.01
N GLU C 7 -12.56 23.54 4.99
CA GLU C 7 -12.46 25.01 4.93
C GLU C 7 -10.98 25.35 4.82
N TYR C 8 -10.65 26.57 4.44
CA TYR C 8 -9.24 26.96 4.39
C TYR C 8 -8.66 27.10 5.78
N ARG C 9 -7.39 26.72 5.89
CA ARG C 9 -6.61 26.93 7.10
C ARG C 9 -6.33 28.41 7.22
N ASN C 10 -6.52 28.95 8.42
CA ASN C 10 -6.26 30.37 8.68
C ASN C 10 -5.13 30.53 9.71
N TRP C 11 -4.90 29.45 10.47
CA TRP C 11 -3.90 29.39 11.56
C TRP C 11 -4.10 30.48 12.61
N SER C 12 -5.35 30.93 12.81
CA SER C 12 -5.61 32.05 13.70
C SER C 12 -5.76 31.59 15.14
N LYS C 13 -4.78 30.79 15.59
CA LYS C 13 -4.63 30.40 16.99
C LYS C 13 -3.24 30.82 17.44
N PRO C 14 -3.06 31.10 18.75
CA PRO C 14 -1.75 31.52 19.28
C PRO C 14 -0.75 30.37 19.34
N GLN C 15 0.53 30.70 19.26
CA GLN C 15 1.63 29.73 19.34
C GLN C 15 1.61 29.02 20.70
N CYS C 16 1.77 27.69 20.69
CA CYS C 16 1.79 26.88 21.92
C CYS C 16 2.93 27.25 22.87
N ASP C 17 2.65 27.23 24.18
CA ASP C 17 3.70 27.34 25.20
C ASP C 17 4.75 26.27 24.90
N ILE C 18 6.02 26.65 24.85
CA ILE C 18 7.07 25.71 24.52
C ILE C 18 8.18 25.72 25.57
N THR C 19 8.43 24.56 26.17
CA THR C 19 9.50 24.42 27.17
C THR C 19 10.69 23.70 26.55
N GLY C 20 10.49 23.27 25.30
CA GLY C 20 11.47 22.47 24.57
C GLY C 20 10.69 21.54 23.66
N PHE C 21 11.36 20.50 23.19
CA PHE C 21 10.78 19.62 22.19
C PHE C 21 10.88 18.17 22.60
N ALA C 22 9.84 17.40 22.29
CA ALA C 22 9.82 15.96 22.55
C ALA C 22 10.06 15.16 21.25
N PRO C 23 10.52 13.92 21.39
CA PRO C 23 10.74 13.07 20.20
C PRO C 23 9.44 12.69 19.49
N PHE C 24 9.45 12.78 18.17
CA PHE C 24 8.25 12.58 17.36
C PHE C 24 8.40 11.48 16.32
N SER C 25 9.49 11.50 15.55
CA SER C 25 9.63 10.55 14.46
C SER C 25 11.04 10.27 14.04
N LYS C 26 11.29 9.03 13.65
CA LYS C 26 12.55 8.62 13.09
C LYS C 26 12.28 7.62 11.98
N ASP C 27 12.90 7.79 10.82
CA ASP C 27 12.58 6.90 9.70
C ASP C 27 13.57 5.74 9.49
N ASN C 28 14.81 5.89 9.96
CA ASN C 28 15.82 4.80 9.90
C ASN C 28 16.18 4.33 8.49
N SER C 29 16.11 5.25 7.55
CA SER C 29 16.22 4.94 6.13
C SER C 29 17.51 4.24 5.66
N ILE C 30 18.68 4.63 6.18
CA ILE C 30 19.95 4.04 5.69
C ILE C 30 20.18 2.60 6.15
N ARG C 31 20.04 2.36 7.45
CA ARG C 31 20.13 1.02 8.03
C ARG C 31 19.19 0.05 7.34
N LEU C 32 17.99 0.52 7.06
CA LEU C 32 17.03 -0.25 6.31
C LEU C 32 17.50 -0.49 4.88
N SER C 33 18.02 0.54 4.22
CA SER C 33 18.45 0.38 2.83
C SER C 33 19.58 -0.66 2.64
N ALA C 34 20.17 -1.10 3.75
CA ALA C 34 21.16 -2.20 3.75
C ALA C 34 20.51 -3.59 3.60
N GLY C 35 19.18 -3.64 3.74
CA GLY C 35 18.49 -4.91 3.73
C GLY C 35 17.12 -4.81 3.10
N GLY C 36 17.01 -3.96 2.09
CA GLY C 36 15.72 -3.58 1.49
C GLY C 36 15.96 -2.53 0.43
N ASP C 37 15.01 -2.38 -0.49
CA ASP C 37 15.14 -1.41 -1.57
C ASP C 37 14.58 -0.06 -1.14
N ILE C 38 15.48 0.87 -0.82
CA ILE C 38 15.13 2.20 -0.34
C ILE C 38 15.76 3.26 -1.24
N TRP C 39 14.99 4.32 -1.50
CA TRP C 39 15.40 5.48 -2.32
C TRP C 39 16.59 6.22 -1.74
N VAL C 40 17.49 6.64 -2.62
CA VAL C 40 18.45 7.64 -2.26
C VAL C 40 17.77 8.99 -2.33
N THR C 41 17.98 9.80 -1.29
CA THR C 41 17.31 11.06 -1.11
C THR C 41 18.31 12.10 -0.63
N ARG C 42 17.93 13.39 -0.73
CA ARG C 42 18.44 14.42 0.16
C ARG C 42 17.39 15.52 0.33
N GLU C 43 17.69 16.53 1.14
CA GLU C 43 16.82 17.67 1.36
C GLU C 43 15.39 17.26 1.74
N PRO C 44 15.23 16.46 2.81
CA PRO C 44 13.88 16.15 3.20
C PRO C 44 13.25 17.33 3.88
N TYR C 45 11.93 17.23 4.07
CA TYR C 45 11.20 18.09 4.94
C TYR C 45 9.91 17.40 5.31
N VAL C 46 9.15 18.05 6.20
CA VAL C 46 7.93 17.52 6.70
C VAL C 46 6.84 18.60 6.57
N SER C 47 5.70 18.21 6.02
CA SER C 47 4.52 19.05 6.04
C SER C 47 3.37 18.13 6.41
N CYS C 48 2.26 18.73 6.81
CA CYS C 48 1.16 17.98 7.38
C CYS C 48 -0.18 18.57 6.93
N ASP C 49 -1.12 17.68 6.61
CA ASP C 49 -2.46 18.10 6.30
C ASP C 49 -3.28 18.21 7.59
N PRO C 50 -4.54 18.66 7.51
CA PRO C 50 -5.28 18.82 8.75
C PRO C 50 -5.33 17.58 9.66
N ASP C 51 -5.28 16.38 9.08
CA ASP C 51 -5.34 15.15 9.88
C ASP C 51 -3.98 14.57 10.28
N LYS C 52 -3.01 14.64 9.38
CA LYS C 52 -1.74 13.94 9.62
C LYS C 52 -0.58 14.52 8.85
N CYS C 53 0.59 13.98 9.11
CA CYS C 53 1.86 14.48 8.64
C CYS C 53 2.49 13.63 7.56
N TYR C 54 3.15 14.30 6.61
CA TYR C 54 3.79 13.63 5.51
C TYR C 54 5.28 14.02 5.51
N GLN C 55 6.12 13.08 5.14
CA GLN C 55 7.51 13.41 4.91
C GLN C 55 7.77 13.50 3.41
N PHE C 56 8.54 14.53 3.00
CA PHE C 56 9.00 14.64 1.62
C PHE C 56 10.50 14.51 1.51
N ALA C 57 10.98 14.34 0.29
CA ALA C 57 12.41 14.37 0.01
C ALA C 57 12.66 14.33 -1.49
N LEU C 58 13.90 14.66 -1.86
CA LEU C 58 14.26 14.75 -3.25
C LEU C 58 15.01 13.51 -3.65
N GLY C 59 14.31 12.62 -4.35
CA GLY C 59 14.90 11.35 -4.78
C GLY C 59 16.05 11.55 -5.75
N GLN C 60 16.79 10.49 -6.02
CA GLN C 60 17.80 10.50 -7.08
C GLN C 60 17.45 9.53 -8.23
N GLY C 61 16.15 9.19 -8.37
CA GLY C 61 15.73 8.17 -9.33
C GLY C 61 16.58 6.92 -9.21
N THR C 62 16.90 6.54 -7.97
CA THR C 62 17.58 5.28 -7.72
C THR C 62 17.39 4.88 -6.26
N THR C 63 17.39 3.59 -6.02
CA THR C 63 17.47 3.05 -4.68
C THR C 63 18.95 2.94 -4.29
N LEU C 64 19.21 2.65 -3.02
CA LEU C 64 20.55 2.64 -2.51
C LEU C 64 21.38 1.46 -3.05
N ASN C 65 20.90 0.24 -2.83
CA ASN C 65 21.60 -0.95 -3.31
C ASN C 65 21.36 -1.17 -4.81
N ASN C 66 22.03 -0.37 -5.63
CA ASN C 66 21.61 -0.11 -7.01
C ASN C 66 22.73 0.66 -7.69
N VAL C 67 23.23 0.14 -8.82
CA VAL C 67 24.38 0.72 -9.54
C VAL C 67 24.25 2.23 -9.82
N HIS C 68 23.01 2.71 -9.94
CA HIS C 68 22.75 4.11 -10.23
C HIS C 68 22.92 5.00 -9.01
N SER C 69 23.25 4.42 -7.87
CA SER C 69 23.46 5.20 -6.66
C SER C 69 24.85 5.88 -6.67
N ASN C 70 25.74 5.40 -7.52
CA ASN C 70 27.07 6.00 -7.64
C ASN C 70 26.91 7.45 -8.09
N ASN C 71 27.39 8.38 -7.26
CA ASN C 71 27.52 9.79 -7.60
C ASN C 71 26.36 10.69 -7.23
N THR C 72 25.54 10.19 -6.31
CA THR C 72 24.33 10.88 -5.90
C THR C 72 24.59 12.10 -5.00
N VAL C 73 25.87 12.44 -4.81
CA VAL C 73 26.24 13.70 -4.16
C VAL C 73 25.74 14.90 -4.96
N ARG C 74 25.49 14.67 -6.25
CA ARG C 74 25.12 15.69 -7.22
C ARG C 74 23.75 16.31 -6.95
N GLY C 75 23.68 17.62 -7.04
CA GLY C 75 22.47 18.35 -6.69
C GLY C 75 21.32 18.31 -7.66
N ARG C 76 21.60 18.57 -8.94
CA ARG C 76 20.60 18.65 -10.01
C ARG C 76 20.82 17.60 -11.12
N THR C 77 19.95 16.61 -11.21
CA THR C 77 19.88 15.73 -12.38
C THR C 77 18.43 15.71 -12.88
N PRO C 78 18.23 15.31 -14.15
CA PRO C 78 16.89 15.03 -14.65
C PRO C 78 16.19 13.80 -14.07
N TYR C 79 16.69 13.23 -12.99
CA TYR C 79 16.05 12.03 -12.42
C TYR C 79 15.56 12.29 -11.02
N ARG C 80 16.01 13.40 -10.45
CA ARG C 80 15.51 13.81 -9.14
C ARG C 80 14.03 14.16 -9.26
N THR C 81 13.25 13.55 -8.37
CA THR C 81 11.82 13.79 -8.26
C THR C 81 11.46 13.97 -6.77
N LEU C 82 10.37 14.66 -6.48
CA LEU C 82 9.91 14.88 -5.12
C LEU C 82 9.08 13.68 -4.66
N LEU C 83 9.51 13.04 -3.55
CA LEU C 83 8.89 11.84 -2.99
C LEU C 83 7.96 12.27 -1.85
N MET C 84 6.82 11.61 -1.67
CA MET C 84 5.86 11.95 -0.59
C MET C 84 5.25 10.68 0.03
N ASN C 85 5.44 10.49 1.33
CA ASN C 85 4.80 9.41 2.09
C ASN C 85 4.08 10.00 3.30
N GLU C 86 3.41 9.13 4.05
CA GLU C 86 2.99 9.48 5.38
C GLU C 86 4.22 9.40 6.28
N LEU C 87 4.19 10.19 7.34
CA LEU C 87 5.35 10.33 8.20
C LEU C 87 5.72 9.00 8.83
N GLY C 88 7.00 8.65 8.79
CA GLY C 88 7.46 7.39 9.36
C GLY C 88 7.28 6.18 8.45
N VAL C 89 6.88 6.40 7.20
CA VAL C 89 6.89 5.32 6.20
C VAL C 89 8.13 5.59 5.35
N PRO C 90 9.18 4.79 5.56
CA PRO C 90 10.42 4.96 4.79
C PRO C 90 10.19 4.90 3.29
N PHE C 91 11.09 5.52 2.54
CA PHE C 91 10.97 5.62 1.08
C PHE C 91 11.25 4.32 0.36
N HIS C 92 10.23 3.46 0.37
CA HIS C 92 10.23 2.16 -0.33
C HIS C 92 9.72 2.35 -1.76
N LEU C 93 9.76 1.28 -2.57
CA LEU C 93 9.38 1.38 -4.00
C LEU C 93 7.93 1.71 -4.26
N GLY C 94 7.09 1.63 -3.23
CA GLY C 94 5.70 2.04 -3.39
C GLY C 94 5.50 3.53 -3.18
N THR C 95 6.59 4.25 -2.91
CA THR C 95 6.53 5.68 -2.68
C THR C 95 6.16 6.41 -3.98
N LYS C 96 5.15 7.29 -3.89
CA LYS C 96 4.73 8.20 -4.96
C LYS C 96 5.70 9.35 -5.24
N GLN C 97 5.94 9.62 -6.53
CA GLN C 97 6.69 10.79 -6.98
C GLN C 97 5.66 11.75 -7.43
N VAL C 98 5.63 12.93 -6.81
CA VAL C 98 4.53 13.86 -7.09
C VAL C 98 4.86 14.84 -8.21
N CYS C 99 6.16 15.01 -8.47
CA CYS C 99 6.64 15.82 -9.59
C CYS C 99 8.15 15.66 -9.85
N ILE C 100 8.59 16.17 -10.99
CA ILE C 100 10.00 16.26 -11.33
C ILE C 100 10.56 17.50 -10.62
N ALA C 101 11.68 17.33 -9.93
CA ALA C 101 12.20 18.35 -9.02
C ALA C 101 13.62 18.06 -8.51
N TRP C 102 14.55 18.99 -8.75
CA TRP C 102 15.77 19.08 -7.93
C TRP C 102 15.70 20.23 -6.92
N SER C 103 14.56 20.91 -6.87
CA SER C 103 14.28 21.86 -5.80
C SER C 103 12.78 21.98 -5.60
N SER C 104 12.30 21.88 -4.36
CA SER C 104 10.85 22.00 -4.14
C SER C 104 10.43 22.62 -2.82
N SER C 105 9.13 22.86 -2.70
CA SER C 105 8.44 23.18 -1.46
C SER C 105 7.03 22.58 -1.57
N SER C 106 6.31 22.41 -0.46
CA SER C 106 4.93 21.88 -0.47
C SER C 106 4.14 22.33 0.73
N CYS C 107 2.88 22.65 0.52
CA CYS C 107 2.00 22.87 1.67
C CYS C 107 0.65 22.42 1.30
N HIS C 108 -0.12 22.13 2.34
CA HIS C 108 -1.50 21.80 2.22
C HIS C 108 -2.22 23.02 2.77
N ASP C 109 -3.33 23.40 2.15
CA ASP C 109 -4.01 24.66 2.46
C ASP C 109 -5.35 24.43 3.16
N GLY C 110 -5.57 23.18 3.57
CA GLY C 110 -6.80 22.76 4.22
C GLY C 110 -7.71 22.01 3.29
N LYS C 111 -7.55 22.24 1.99
CA LYS C 111 -8.38 21.59 0.98
C LYS C 111 -7.56 20.66 0.11
N ALA C 112 -6.40 21.12 -0.33
CA ALA C 112 -5.58 20.28 -1.19
C ALA C 112 -4.08 20.59 -1.10
N TRP C 113 -3.26 19.71 -1.66
CA TRP C 113 -1.83 19.89 -1.63
C TRP C 113 -1.33 20.82 -2.73
N LEU C 114 -0.50 21.80 -2.38
CA LEU C 114 0.32 22.48 -3.37
C LEU C 114 1.75 21.93 -3.38
N HIS C 115 2.27 21.68 -4.56
CA HIS C 115 3.69 21.37 -4.72
C HIS C 115 4.31 22.40 -5.64
N VAL C 116 5.47 22.91 -5.23
CA VAL C 116 6.27 23.83 -6.02
C VAL C 116 7.54 23.08 -6.40
N CYS C 117 7.62 22.71 -7.68
CA CYS C 117 8.69 21.84 -8.16
C CYS C 117 9.50 22.53 -9.24
N ILE C 118 10.81 22.53 -9.04
CA ILE C 118 11.74 23.16 -9.97
C ILE C 118 12.62 22.09 -10.53
N THR C 119 12.72 22.08 -11.85
CA THR C 119 13.61 21.17 -12.58
C THR C 119 14.08 21.86 -13.88
N GLY C 120 15.00 21.22 -14.60
CA GLY C 120 15.52 21.75 -15.87
C GLY C 120 16.98 22.21 -15.86
N ASP C 121 17.36 22.95 -16.89
CA ASP C 121 18.73 23.49 -17.01
C ASP C 121 19.11 24.45 -15.89
N ASP C 122 20.38 24.38 -15.48
CA ASP C 122 20.98 25.35 -14.54
C ASP C 122 20.63 26.80 -14.88
N LYS C 123 20.77 27.18 -16.16
CA LYS C 123 20.55 28.57 -16.60
C LYS C 123 19.14 28.89 -17.12
N ASN C 124 18.26 27.89 -17.15
CA ASN C 124 16.91 28.10 -17.67
C ASN C 124 15.84 27.27 -16.93
N ALA C 125 15.99 27.14 -15.61
CA ALA C 125 15.12 26.27 -14.81
C ALA C 125 13.64 26.59 -14.98
N THR C 126 12.81 25.57 -14.74
CA THR C 126 11.35 25.75 -14.78
C THR C 126 10.75 25.37 -13.44
N ALA C 127 9.93 26.25 -12.89
CA ALA C 127 9.11 25.92 -11.74
C ALA C 127 7.67 25.58 -12.14
N SER C 128 7.25 24.35 -11.81
CA SER C 128 5.84 23.93 -11.94
C SER C 128 5.09 24.10 -10.62
N PHE C 129 3.83 24.52 -10.69
CA PHE C 129 2.99 24.68 -9.50
C PHE C 129 1.81 23.77 -9.64
N ILE C 130 1.73 22.81 -8.73
CA ILE C 130 0.79 21.70 -8.82
C ILE C 130 -0.17 21.74 -7.65
N TYR C 131 -1.45 21.71 -7.96
CA TYR C 131 -2.44 21.87 -6.93
C TYR C 131 -3.54 20.80 -7.11
N ASN C 132 -4.08 20.31 -5.99
CA ASN C 132 -5.18 19.36 -6.04
C ASN C 132 -5.06 18.38 -7.19
N GLY C 133 -3.84 17.86 -7.39
CA GLY C 133 -3.56 16.80 -8.36
C GLY C 133 -3.25 17.20 -9.81
N ARG C 134 -3.18 18.52 -10.09
CA ARG C 134 -2.96 19.01 -11.46
C ARG C 134 -2.02 20.20 -11.59
N LEU C 135 -1.37 20.30 -12.75
CA LEU C 135 -0.58 21.48 -13.07
C LEU C 135 -1.45 22.69 -13.32
N VAL C 136 -1.24 23.75 -12.55
CA VAL C 136 -2.02 24.96 -12.71
C VAL C 136 -1.17 26.13 -13.23
N ASP C 137 0.16 26.04 -13.15
CA ASP C 137 1.01 27.18 -13.53
C ASP C 137 2.48 26.85 -13.59
N SER C 138 3.26 27.75 -14.17
CA SER C 138 4.71 27.60 -14.22
C SER C 138 5.38 28.96 -14.45
N VAL C 139 6.55 29.18 -13.84
CA VAL C 139 7.41 30.33 -14.14
C VAL C 139 8.77 29.83 -14.65
N VAL C 140 9.37 30.56 -15.60
CA VAL C 140 10.78 30.38 -15.92
C VAL C 140 11.69 31.03 -14.89
N SER C 141 12.94 30.62 -14.94
CA SER C 141 14.03 31.27 -14.28
C SER C 141 14.11 32.70 -14.75
N TRP C 142 14.26 33.63 -13.80
CA TRP C 142 14.19 35.05 -14.13
C TRP C 142 15.55 35.71 -14.25
N SER C 143 16.56 35.11 -13.63
CA SER C 143 17.95 35.59 -13.62
C SER C 143 18.90 34.52 -14.16
N LYS C 144 18.35 33.39 -14.58
CA LYS C 144 19.11 32.38 -15.33
C LYS C 144 20.32 31.80 -14.59
N GLU C 145 20.26 31.67 -13.27
CA GLU C 145 21.39 31.13 -12.47
C GLU C 145 20.93 30.25 -11.29
N ILE C 146 20.38 29.09 -11.61
CA ILE C 146 19.95 28.08 -10.62
C ILE C 146 18.72 28.49 -9.80
N LEU C 147 17.59 28.68 -10.49
CA LEU C 147 16.30 28.94 -9.83
C LEU C 147 16.00 27.91 -8.74
N ARG C 148 15.83 28.40 -7.50
CA ARG C 148 15.65 27.51 -6.35
C ARG C 148 14.60 27.99 -5.38
N THR C 149 14.10 27.07 -4.56
CA THR C 149 13.09 27.42 -3.57
C THR C 149 13.45 26.90 -2.17
N GLN C 150 12.44 26.68 -1.32
CA GLN C 150 12.67 26.46 0.12
C GLN C 150 13.36 25.18 0.60
N GLU C 151 13.08 24.06 -0.05
CA GLU C 151 13.32 22.71 0.49
C GLU C 151 12.59 22.42 1.81
N SER C 152 11.48 23.13 2.05
CA SER C 152 10.63 22.85 3.20
C SER C 152 9.22 23.34 2.94
N GLU C 153 8.33 23.18 3.91
CA GLU C 153 6.93 23.51 3.65
C GLU C 153 6.74 24.99 3.35
N CYS C 154 5.83 25.27 2.42
CA CYS C 154 5.31 26.60 2.24
C CYS C 154 4.22 26.79 3.27
N VAL C 155 3.59 27.95 3.28
CA VAL C 155 2.56 28.23 4.27
C VAL C 155 1.41 28.89 3.52
N CYS C 156 0.17 28.57 3.91
CA CYS C 156 -1.06 29.11 3.29
C CYS C 156 -1.98 29.63 4.37
N ILE C 157 -2.41 30.87 4.23
CA ILE C 157 -3.41 31.46 5.09
C ILE C 157 -4.58 31.86 4.19
N ASN C 158 -5.78 31.69 4.72
CA ASN C 158 -7.02 31.89 3.99
C ASN C 158 -7.00 31.54 2.50
N GLY C 159 -6.19 30.55 2.13
CA GLY C 159 -6.22 30.02 0.77
C GLY C 159 -5.25 30.68 -0.16
N THR C 160 -4.51 31.66 0.37
CA THR C 160 -3.35 32.19 -0.35
C THR C 160 -2.10 31.58 0.23
N CYS C 161 -1.31 30.94 -0.61
CA CYS C 161 -0.08 30.27 -0.16
C CYS C 161 1.13 31.06 -0.59
N THR C 162 2.20 30.93 0.17
CA THR C 162 3.37 31.70 -0.13
C THR C 162 4.62 30.84 -0.14
N VAL C 163 5.55 31.16 -1.02
CA VAL C 163 6.78 30.40 -1.19
C VAL C 163 7.88 31.40 -1.51
N VAL C 164 9.12 31.10 -1.12
CA VAL C 164 10.23 32.00 -1.44
C VAL C 164 11.17 31.31 -2.40
N MET C 165 11.48 32.01 -3.49
CA MET C 165 12.37 31.48 -4.52
C MET C 165 13.55 32.40 -4.79
N THR C 166 14.66 31.82 -5.21
CA THR C 166 15.85 32.59 -5.47
C THR C 166 16.54 32.15 -6.77
N ASP C 167 16.95 33.12 -7.54
CA ASP C 167 17.64 32.88 -8.80
C ASP C 167 18.82 33.83 -8.77
N GLY C 168 19.99 33.34 -9.11
CA GLY C 168 21.16 34.19 -9.15
C GLY C 168 22.29 33.70 -8.28
N SER C 169 23.24 34.60 -8.03
CA SER C 169 24.48 34.22 -7.38
C SER C 169 24.28 33.53 -6.03
N ALA C 170 25.19 32.60 -5.75
CA ALA C 170 25.27 31.95 -4.47
C ALA C 170 26.41 32.55 -3.62
N SER C 171 27.16 33.49 -4.20
CA SER C 171 28.22 34.17 -3.46
C SER C 171 28.29 35.67 -3.76
N GLY C 172 27.11 36.23 -4.04
CA GLY C 172 26.93 37.66 -4.30
C GLY C 172 25.45 37.91 -4.40
N LYS C 173 25.04 39.17 -4.58
CA LYS C 173 23.61 39.58 -4.64
C LYS C 173 22.82 38.66 -5.55
N ALA C 174 21.59 38.38 -5.17
CA ALA C 174 20.73 37.51 -5.97
C ALA C 174 19.31 38.05 -6.00
N ASP C 175 18.45 37.37 -6.75
CA ASP C 175 17.13 37.87 -7.03
C ASP C 175 16.08 36.96 -6.40
N THR C 176 15.62 37.40 -5.23
CA THR C 176 14.71 36.65 -4.40
C THR C 176 13.31 37.21 -4.59
N LYS C 177 12.35 36.32 -4.82
CA LYS C 177 10.97 36.74 -5.00
C LYS C 177 10.10 35.88 -4.10
N ILE C 178 8.93 36.43 -3.76
CA ILE C 178 7.94 35.77 -2.92
C ILE C 178 6.64 35.63 -3.74
N LEU C 179 6.19 34.40 -3.95
CA LEU C 179 5.04 34.20 -4.82
C LEU C 179 3.81 33.96 -3.99
N PHE C 180 2.69 34.43 -4.49
CA PHE C 180 1.44 34.28 -3.79
C PHE C 180 0.55 33.46 -4.68
N ILE C 181 -0.14 32.50 -4.09
CA ILE C 181 -0.71 31.40 -4.84
C ILE C 181 -2.08 31.00 -4.31
N GLU C 182 -3.08 31.06 -5.17
CA GLU C 182 -4.41 30.67 -4.80
C GLU C 182 -4.82 29.57 -5.73
N GLU C 183 -4.97 28.38 -5.16
CA GLU C 183 -5.33 27.18 -5.91
C GLU C 183 -4.36 26.87 -7.05
N GLY C 184 -3.08 27.04 -6.79
CA GLY C 184 -2.02 26.68 -7.72
C GLY C 184 -1.68 27.77 -8.73
N LYS C 185 -2.43 28.87 -8.67
CA LYS C 185 -2.27 30.00 -9.59
C LYS C 185 -1.39 31.12 -9.00
N ILE C 186 -0.23 31.36 -9.59
CA ILE C 186 0.59 32.52 -9.20
C ILE C 186 -0.21 33.81 -9.33
N VAL C 187 -0.74 34.32 -8.22
CA VAL C 187 -1.61 35.51 -8.28
C VAL C 187 -0.85 36.84 -8.07
N HIS C 188 0.32 36.79 -7.42
CA HIS C 188 1.20 37.96 -7.31
C HIS C 188 2.64 37.50 -7.18
N THR C 189 3.57 38.40 -7.46
CA THR C 189 4.97 38.16 -7.27
C THR C 189 5.56 39.43 -6.68
N SER C 190 5.73 39.46 -5.35
CA SER C 190 6.48 40.52 -4.65
C SER C 190 7.97 40.22 -4.70
N THR C 191 8.78 41.28 -4.72
CA THR C 191 10.23 41.11 -4.72
C THR C 191 10.78 41.44 -3.34
N LEU C 192 11.90 40.79 -2.99
CA LEU C 192 12.49 40.90 -1.67
C LEU C 192 12.88 42.32 -1.36
N SER C 193 12.81 42.67 -0.08
CA SER C 193 12.97 44.05 0.35
C SER C 193 13.35 44.05 1.82
N GLY C 194 14.01 45.11 2.25
CA GLY C 194 14.50 45.20 3.62
C GLY C 194 15.99 44.96 3.69
N SER C 195 16.48 44.69 4.89
CA SER C 195 17.90 44.66 5.19
C SER C 195 18.58 43.37 4.73
N ALA C 196 17.80 42.30 4.58
CA ALA C 196 18.36 40.98 4.25
C ALA C 196 19.11 41.01 2.92
N GLN C 197 20.35 40.52 2.92
CA GLN C 197 21.25 40.72 1.77
C GLN C 197 21.43 39.49 0.91
N HIS C 198 21.19 38.32 1.51
CA HIS C 198 21.21 37.05 0.79
C HIS C 198 20.31 36.04 1.48
N VAL C 199 19.68 35.19 0.68
CA VAL C 199 18.54 34.41 1.13
C VAL C 199 18.45 33.12 0.32
N GLU C 200 18.35 32.03 1.05
CA GLU C 200 18.17 30.71 0.49
C GLU C 200 17.50 29.87 1.52
N GLU C 201 16.66 28.96 1.03
CA GLU C 201 16.10 27.87 1.79
C GLU C 201 15.42 28.28 3.07
N CYS C 202 14.38 29.08 2.93
CA CYS C 202 13.65 29.59 4.07
C CYS C 202 12.75 28.56 4.72
N SER C 203 12.70 28.64 6.06
CA SER C 203 11.89 27.81 6.88
C SER C 203 10.80 28.73 7.41
N CYS C 204 9.63 28.62 6.79
CA CYS C 204 8.58 29.56 7.05
C CYS C 204 7.54 28.97 7.95
N TYR C 205 7.03 29.76 8.86
CA TYR C 205 5.90 29.34 9.67
C TYR C 205 4.75 30.33 9.56
N PRO C 206 3.51 29.86 9.72
CA PRO C 206 2.44 30.84 9.85
C PRO C 206 2.61 31.60 11.16
N ARG C 207 2.10 32.83 11.20
CA ARG C 207 2.21 33.68 12.38
C ARG C 207 1.23 34.78 12.13
N TYR C 208 -0.02 34.49 12.41
CA TYR C 208 -1.14 35.34 12.05
C TYR C 208 -0.83 36.82 12.28
N PRO C 209 -1.26 37.69 11.35
CA PRO C 209 -1.96 37.31 10.12
C PRO C 209 -1.02 37.19 8.92
N GLY C 210 0.28 37.08 9.19
CA GLY C 210 1.30 36.94 8.15
C GLY C 210 2.06 35.64 8.26
N VAL C 211 3.20 35.58 7.56
CA VAL C 211 4.05 34.40 7.49
C VAL C 211 5.47 34.85 7.81
N ARG C 212 6.21 34.05 8.57
CA ARG C 212 7.57 34.41 8.89
C ARG C 212 8.54 33.33 8.40
N CYS C 213 9.68 33.76 7.87
CA CYS C 213 10.69 32.83 7.39
C CYS C 213 12.03 33.16 8.04
N VAL C 214 12.86 32.14 8.22
CA VAL C 214 14.20 32.26 8.79
C VAL C 214 15.10 31.45 7.86
N CYS C 215 16.00 32.13 7.18
CA CYS C 215 16.60 31.57 5.97
C CYS C 215 18.10 31.35 6.10
N ARG C 216 18.76 31.13 4.97
CA ARG C 216 20.20 30.88 4.89
C ARG C 216 20.80 31.95 3.98
N ASP C 217 21.71 32.74 4.53
CA ASP C 217 22.46 33.73 3.78
C ASP C 217 23.75 32.99 3.45
N ASN C 218 24.02 32.76 2.16
CA ASN C 218 25.17 31.97 1.75
C ASN C 218 26.42 32.83 1.49
N TRP C 219 26.27 34.14 1.67
CA TRP C 219 27.26 35.13 1.21
C TRP C 219 28.18 35.67 2.32
N LYS C 220 27.69 36.57 3.16
CA LYS C 220 28.52 37.13 4.24
C LYS C 220 27.90 36.96 5.66
N GLY C 221 26.92 36.08 5.81
CA GLY C 221 26.23 35.93 7.10
C GLY C 221 26.30 34.55 7.76
N SER C 222 26.72 34.53 9.03
CA SER C 222 26.55 33.33 9.84
C SER C 222 25.35 33.48 10.77
N ASN C 223 24.89 34.71 10.97
CA ASN C 223 23.53 34.93 11.44
C ASN C 223 22.54 34.64 10.30
N ARG C 224 21.29 34.34 10.67
CA ARG C 224 20.25 33.92 9.71
C ARG C 224 19.29 35.06 9.37
N PRO C 225 18.95 35.19 8.07
CA PRO C 225 17.89 36.10 7.62
C PRO C 225 16.49 35.78 8.16
N ILE C 226 15.71 36.83 8.38
CA ILE C 226 14.30 36.74 8.69
C ILE C 226 13.55 37.40 7.54
N VAL C 227 12.39 36.87 7.15
CA VAL C 227 11.58 37.48 6.11
C VAL C 227 10.09 37.59 6.47
N ASP C 228 9.59 38.79 6.72
CA ASP C 228 8.16 38.94 7.00
C ASP C 228 7.36 39.08 5.70
N ILE C 229 6.25 38.37 5.66
CA ILE C 229 5.38 38.38 4.51
C ILE C 229 4.00 38.71 4.98
N ASN C 230 3.45 39.76 4.38
CA ASN C 230 2.09 40.14 4.66
C ASN C 230 1.23 39.65 3.50
N ILE C 231 0.08 39.10 3.83
CA ILE C 231 -0.70 38.29 2.91
C ILE C 231 -1.76 39.09 2.14
N LYS C 232 -2.36 40.08 2.80
CA LYS C 232 -3.45 40.85 2.20
C LYS C 232 -2.97 41.96 1.25
N ASP C 233 -1.87 42.62 1.59
CA ASP C 233 -1.30 43.66 0.74
C ASP C 233 0.02 43.28 0.01
N HIS C 234 0.54 42.08 0.28
CA HIS C 234 1.75 41.53 -0.40
C HIS C 234 3.09 42.18 -0.03
N SER C 235 3.10 43.00 1.03
CA SER C 235 4.34 43.72 1.41
C SER C 235 5.37 42.83 2.09
N ILE C 236 6.65 43.06 1.78
CA ILE C 236 7.79 42.29 2.31
C ILE C 236 8.78 43.20 3.04
N VAL C 237 9.10 42.88 4.28
CA VAL C 237 10.27 43.45 4.97
C VAL C 237 11.23 42.30 5.31
N SER C 238 12.45 42.63 5.75
CA SER C 238 13.40 41.61 6.15
C SER C 238 14.55 42.15 7.01
N SER C 239 15.27 41.22 7.65
CA SER C 239 16.35 41.52 8.58
C SER C 239 17.11 40.22 8.91
N TYR C 240 17.89 40.24 10.00
CA TYR C 240 18.55 39.05 10.53
C TYR C 240 18.10 38.73 11.97
N VAL C 241 18.40 37.50 12.38
CA VAL C 241 18.07 37.01 13.72
C VAL C 241 19.03 37.59 14.73
N CYS C 242 18.52 38.54 15.52
CA CYS C 242 19.30 39.28 16.53
C CYS C 242 20.32 38.45 17.34
N SER C 243 19.88 37.30 17.88
CA SER C 243 20.71 36.49 18.80
C SER C 243 22.19 36.46 18.49
N GLY C 244 23.01 36.60 19.53
CA GLY C 244 24.47 36.60 19.40
C GLY C 244 25.04 35.22 19.21
N LEU C 245 24.22 34.22 19.54
CA LEU C 245 24.49 32.82 19.20
C LEU C 245 23.81 32.52 17.86
N VAL C 246 24.63 32.33 16.84
CA VAL C 246 24.14 32.35 15.46
C VAL C 246 23.76 30.96 14.99
N GLY C 247 22.80 30.89 14.07
CA GLY C 247 22.22 29.62 13.66
C GLY C 247 22.81 28.86 12.47
N ASP C 248 23.74 29.47 11.75
CA ASP C 248 24.25 28.91 10.48
C ASP C 248 25.50 28.06 10.75
N THR C 249 25.95 27.34 9.71
CA THR C 249 27.19 26.56 9.71
C THR C 249 27.78 26.64 8.30
N PRO C 250 29.01 27.17 8.16
CA PRO C 250 30.02 27.45 9.18
C PRO C 250 29.73 28.73 9.96
N ARG C 251 30.40 28.89 11.09
CA ARG C 251 30.28 30.07 11.95
C ARG C 251 31.49 30.18 12.87
N LYS C 252 31.56 31.24 13.66
CA LYS C 252 32.60 31.34 14.70
C LYS C 252 32.11 30.67 15.98
N ASN C 253 33.02 30.34 16.90
CA ASN C 253 32.62 29.78 18.20
C ASN C 253 31.84 30.75 19.08
N ASP C 254 31.42 30.30 20.26
CA ASP C 254 30.47 31.05 21.09
C ASP C 254 31.06 32.30 21.79
N SER C 255 32.33 32.23 22.16
CA SER C 255 33.02 33.41 22.70
C SER C 255 33.35 34.41 21.59
N SER C 256 33.81 33.90 20.45
CA SER C 256 34.27 34.72 19.32
C SER C 256 33.15 35.37 18.45
N SER C 257 32.03 34.67 18.24
CA SER C 257 30.99 35.13 17.30
C SER C 257 30.18 36.34 17.79
N SER C 258 29.52 37.02 16.85
CA SER C 258 28.65 38.18 17.12
C SER C 258 27.54 38.31 16.05
N SER C 259 26.60 39.23 16.25
CA SER C 259 25.46 39.37 15.35
C SER C 259 24.89 40.79 15.26
N HIS C 260 24.07 41.00 14.24
CA HIS C 260 23.42 42.28 14.00
C HIS C 260 21.96 41.98 13.66
N CYS C 261 21.05 42.91 13.99
CA CYS C 261 19.63 42.73 13.66
C CYS C 261 19.27 43.16 12.25
N LEU C 262 20.24 43.73 11.51
CA LEU C 262 19.95 44.32 10.20
C LEU C 262 20.88 43.86 9.07
N ASP C 263 22.17 43.73 9.36
CA ASP C 263 23.14 43.34 8.33
C ASP C 263 23.62 41.93 8.60
N PRO C 264 24.30 41.30 7.61
CA PRO C 264 25.04 40.07 7.95
C PRO C 264 26.22 40.39 8.84
N ASN C 265 26.74 39.38 9.52
CA ASN C 265 27.75 39.60 10.55
C ASN C 265 29.20 39.55 10.05
N ASN C 266 29.41 39.01 8.85
CA ASN C 266 30.75 38.94 8.22
C ASN C 266 31.74 38.01 8.88
N GLU C 267 31.24 36.94 9.49
CA GLU C 267 32.06 35.99 10.21
C GLU C 267 31.85 34.61 9.61
N GLU C 268 32.87 34.13 8.89
CA GLU C 268 32.79 32.87 8.16
C GLU C 268 31.49 32.79 7.32
N GLY C 269 30.94 33.97 6.99
CA GLY C 269 29.59 34.10 6.44
C GLY C 269 29.28 33.28 5.21
N GLY C 270 30.29 33.12 4.35
CA GLY C 270 30.18 32.34 3.12
C GLY C 270 29.69 30.94 3.37
N HIS C 271 29.00 30.36 2.39
CA HIS C 271 28.40 29.03 2.55
C HIS C 271 27.38 29.03 3.71
N GLY C 272 26.90 27.85 4.06
CA GLY C 272 25.78 27.76 5.00
C GLY C 272 25.15 26.40 5.07
N VAL C 273 24.06 26.34 5.82
CA VAL C 273 23.26 25.15 5.98
C VAL C 273 21.84 25.65 6.16
N LYS C 274 20.84 24.89 5.69
CA LYS C 274 19.44 25.22 5.95
C LYS C 274 19.15 25.03 7.44
N GLY C 275 18.42 25.98 8.03
CA GLY C 275 18.09 25.93 9.43
C GLY C 275 16.83 26.71 9.74
N TRP C 276 16.52 26.87 11.02
CA TRP C 276 15.24 27.39 11.39
C TRP C 276 15.30 28.14 12.74
N ALA C 277 14.31 29.02 12.96
CA ALA C 277 14.11 29.70 14.23
C ALA C 277 12.69 30.18 14.28
N PHE C 278 12.20 30.40 15.50
CA PHE C 278 10.93 31.06 15.68
C PHE C 278 10.97 31.89 16.97
N ASP C 279 10.13 32.90 17.03
CA ASP C 279 10.16 33.82 18.15
C ASP C 279 9.13 33.45 19.21
N ASP C 280 9.42 33.84 20.44
CA ASP C 280 8.54 33.65 21.59
C ASP C 280 8.80 34.88 22.45
N GLY C 281 7.83 35.80 22.47
CA GLY C 281 8.07 37.17 22.89
C GLY C 281 9.35 37.70 22.23
N ASN C 282 10.33 38.03 23.06
CA ASN C 282 11.64 38.56 22.64
C ASN C 282 12.67 37.46 22.61
N ASP C 283 12.29 36.29 23.09
CA ASP C 283 13.21 35.16 23.09
C ASP C 283 13.17 34.40 21.75
N VAL C 284 14.28 33.74 21.40
CA VAL C 284 14.34 32.94 20.20
C VAL C 284 14.65 31.45 20.44
N TRP C 285 13.80 30.57 19.94
CA TRP C 285 14.11 29.14 19.83
C TRP C 285 14.79 28.88 18.51
N MET C 286 15.88 28.13 18.55
CA MET C 286 16.59 27.86 17.33
C MET C 286 17.24 26.51 17.46
N GLY C 287 17.39 25.84 16.34
CA GLY C 287 18.26 24.70 16.27
C GLY C 287 19.49 25.13 15.52
N ARG C 288 20.52 24.30 15.56
CA ARG C 288 21.75 24.50 14.82
C ARG C 288 22.62 23.25 14.94
N THR C 289 23.70 23.18 14.16
CA THR C 289 24.67 22.10 14.30
C THR C 289 25.58 22.40 15.49
N ILE C 290 26.27 21.37 15.98
CA ILE C 290 27.07 21.51 17.19
C ILE C 290 28.52 21.81 16.86
N ASN C 291 28.99 21.33 15.72
CA ASN C 291 30.29 21.77 15.23
C ASN C 291 30.11 23.11 14.55
N GLU C 292 31.14 23.95 14.63
CA GLU C 292 31.09 25.29 14.05
C GLU C 292 31.30 25.27 12.54
N THR C 293 32.11 24.34 12.05
CA THR C 293 32.48 24.39 10.65
C THR C 293 31.85 23.29 9.85
N SER C 294 31.43 22.23 10.53
CA SER C 294 30.87 21.06 9.88
C SER C 294 29.46 20.73 10.35
N ARG C 295 28.79 19.87 9.58
CA ARG C 295 27.41 19.50 9.84
C ARG C 295 27.32 18.33 10.82
N LEU C 296 28.09 18.45 11.89
CA LEU C 296 28.10 17.46 12.95
C LEU C 296 27.22 17.85 14.11
N GLY C 297 26.49 16.84 14.60
CA GLY C 297 25.63 16.99 15.77
C GLY C 297 24.49 17.92 15.49
N TYR C 298 23.58 18.05 16.46
CA TYR C 298 22.49 19.00 16.31
C TYR C 298 21.93 19.32 17.69
N GLU C 299 21.79 20.61 17.95
CA GLU C 299 21.32 21.08 19.25
C GLU C 299 20.18 22.06 19.07
N THR C 300 19.41 22.28 20.12
CA THR C 300 18.40 23.31 20.12
C THR C 300 18.41 23.96 21.49
N PHE C 301 18.01 25.24 21.53
CA PHE C 301 17.94 25.97 22.79
C PHE C 301 17.12 27.25 22.67
N LYS C 302 16.84 27.85 23.82
CA LYS C 302 16.23 29.17 23.84
C LYS C 302 17.31 30.17 24.22
N VAL C 303 17.50 31.19 23.38
CA VAL C 303 18.35 32.32 23.72
C VAL C 303 17.42 33.41 24.26
N ILE C 304 17.66 33.83 25.49
CA ILE C 304 16.79 34.80 26.17
C ILE C 304 17.03 36.18 25.57
N GLU C 305 15.95 36.86 25.20
CA GLU C 305 16.00 38.15 24.49
C GLU C 305 16.77 38.03 23.17
N GLY C 306 16.88 36.81 22.66
CA GLY C 306 17.66 36.54 21.48
C GLY C 306 17.01 37.00 20.18
N TRP C 307 15.73 37.29 20.23
CA TRP C 307 15.02 37.81 19.07
C TRP C 307 15.14 39.35 18.92
N SER C 308 15.65 40.04 19.95
CA SER C 308 15.63 41.52 19.91
C SER C 308 16.77 42.22 20.64
N ASN C 309 17.88 41.52 20.82
CA ASN C 309 19.08 42.05 21.46
C ASN C 309 20.25 41.29 20.88
N PRO C 310 21.05 41.95 20.04
CA PRO C 310 22.05 41.26 19.27
C PRO C 310 23.32 40.90 20.04
N LYS C 311 23.39 41.31 21.31
CA LYS C 311 24.56 41.01 22.15
C LYS C 311 24.28 39.79 23.02
N SER C 312 23.00 39.45 23.16
CA SER C 312 22.55 38.38 24.03
C SER C 312 23.10 37.03 23.65
N LYS C 313 23.74 36.38 24.61
CA LYS C 313 24.22 35.01 24.44
C LYS C 313 23.78 34.13 25.62
N LEU C 314 22.65 34.51 26.21
CA LEU C 314 22.09 33.80 27.35
C LEU C 314 21.15 32.67 26.87
N GLN C 315 21.72 31.49 26.64
CA GLN C 315 20.92 30.35 26.25
C GLN C 315 20.48 29.48 27.42
N ILE C 316 19.29 28.92 27.32
CA ILE C 316 18.72 28.06 28.35
C ILE C 316 17.96 26.94 27.65
N ASN C 317 17.60 25.91 28.41
CA ASN C 317 16.81 24.81 27.90
C ASN C 317 17.41 24.09 26.71
N ARG C 318 18.70 23.79 26.76
CA ARG C 318 19.36 23.06 25.68
C ARG C 318 18.96 21.59 25.66
N GLN C 319 19.11 20.96 24.48
CA GLN C 319 18.96 19.52 24.26
C GLN C 319 19.87 19.07 23.09
N VAL C 320 20.63 17.99 23.28
CA VAL C 320 21.36 17.37 22.16
C VAL C 320 20.36 16.49 21.38
N ILE C 321 20.06 16.88 20.14
CA ILE C 321 19.21 16.07 19.28
C ILE C 321 20.06 14.99 18.59
N VAL C 322 21.20 15.40 18.07
CA VAL C 322 22.18 14.45 17.50
C VAL C 322 23.50 14.79 18.15
N ASP C 323 24.20 13.78 18.66
CA ASP C 323 25.43 13.99 19.42
C ASP C 323 26.53 14.48 18.50
N ARG C 324 27.47 15.22 19.08
CA ARG C 324 28.48 15.96 18.31
C ARG C 324 29.36 15.07 17.42
N GLY C 325 29.28 13.76 17.60
CA GLY C 325 30.14 12.84 16.85
C GLY C 325 29.47 12.18 15.66
N ASN C 326 28.18 12.47 15.45
CA ASN C 326 27.40 11.93 14.32
C ASN C 326 26.88 13.03 13.39
N ARG C 327 26.35 12.63 12.24
CA ARG C 327 26.11 13.54 11.13
C ARG C 327 24.72 14.15 11.10
N SER C 328 24.64 15.47 11.01
CA SER C 328 23.35 16.14 10.84
C SER C 328 23.18 16.64 9.41
N GLY C 329 22.54 17.80 9.26
CA GLY C 329 22.45 18.45 7.96
C GLY C 329 21.34 19.46 7.91
N TYR C 330 20.65 19.53 6.76
CA TYR C 330 19.56 20.46 6.61
C TYR C 330 18.63 20.25 7.77
N SER C 331 17.80 21.24 8.06
CA SER C 331 16.91 21.19 9.21
C SER C 331 15.88 22.27 8.96
N GLY C 332 14.63 22.04 9.30
CA GLY C 332 13.60 23.02 9.01
C GLY C 332 12.41 22.90 9.92
N ILE C 333 11.58 23.93 9.93
CA ILE C 333 10.40 23.97 10.77
C ILE C 333 9.21 23.42 10.02
N PHE C 334 8.21 22.95 10.78
CA PHE C 334 6.84 22.85 10.33
C PHE C 334 5.87 23.13 11.48
N SER C 335 4.68 23.59 11.16
CA SER C 335 3.69 23.97 12.17
C SER C 335 2.54 23.01 12.13
N VAL C 336 2.09 22.59 13.31
CA VAL C 336 0.98 21.66 13.40
C VAL C 336 -0.18 22.28 14.23
N GLU C 337 -1.35 22.37 13.64
CA GLU C 337 -2.49 22.98 14.36
C GLU C 337 -3.00 22.10 15.50
N GLY C 338 -2.81 22.57 16.72
CA GLY C 338 -3.33 21.87 17.90
C GLY C 338 -4.78 22.22 18.13
N LYS C 339 -5.35 21.67 19.21
CA LYS C 339 -6.69 22.06 19.64
C LYS C 339 -6.77 23.58 19.84
N SER C 340 -5.90 24.12 20.70
CA SER C 340 -5.98 25.52 21.12
C SER C 340 -4.89 26.39 20.52
N CYS C 341 -3.84 25.76 20.01
CA CYS C 341 -2.68 26.51 19.56
C CYS C 341 -1.94 25.92 18.38
N ILE C 342 -1.17 26.75 17.69
CA ILE C 342 -0.29 26.27 16.66
C ILE C 342 1.00 25.83 17.35
N ASN C 343 1.41 24.58 17.12
CA ASN C 343 2.69 24.09 17.64
C ASN C 343 3.76 24.15 16.57
N ARG C 344 5.04 24.11 16.98
CA ARG C 344 6.16 24.12 16.05
C ARG C 344 7.03 22.89 16.22
N CYS C 345 7.38 22.28 15.10
CA CYS C 345 8.22 21.09 15.09
C CYS C 345 9.32 21.29 14.07
N PHE C 346 10.27 20.37 14.05
CA PHE C 346 11.37 20.44 13.08
C PHE C 346 11.90 19.03 12.82
N TYR C 347 12.43 18.80 11.62
CA TYR C 347 13.12 17.57 11.24
C TYR C 347 14.61 17.88 11.15
N VAL C 348 15.45 16.86 11.09
CA VAL C 348 16.87 17.06 10.87
C VAL C 348 17.32 16.07 9.84
N GLU C 349 17.88 16.57 8.75
CA GLU C 349 18.45 15.69 7.76
C GLU C 349 19.70 15.03 8.37
N LEU C 350 19.77 13.70 8.30
CA LEU C 350 20.95 12.98 8.71
C LEU C 350 21.59 12.42 7.45
N ILE C 351 22.52 13.20 6.90
CA ILE C 351 23.22 12.90 5.66
C ILE C 351 24.38 11.96 5.92
N ARG C 352 24.47 10.90 5.12
CA ARG C 352 25.52 9.90 5.25
C ARG C 352 26.21 9.65 3.91
N GLY C 353 27.49 9.28 3.97
CA GLY C 353 28.28 9.01 2.77
C GLY C 353 28.93 10.25 2.20
N ARG C 354 29.32 10.13 0.93
CA ARG C 354 30.07 11.13 0.16
C ARG C 354 29.60 12.57 0.33
N LYS C 355 30.54 13.52 0.29
CA LYS C 355 31.97 13.24 0.09
C LYS C 355 32.75 13.08 1.40
N GLU C 356 32.10 13.47 2.52
CA GLU C 356 32.69 13.34 3.86
C GLU C 356 33.00 11.90 4.30
N GLU C 357 32.35 10.92 3.66
CA GLU C 357 32.55 9.52 4.04
C GLU C 357 32.82 8.67 2.79
N THR C 358 34.02 8.12 2.66
CA THR C 358 34.39 7.41 1.41
C THR C 358 34.41 5.89 1.51
N GLU C 359 33.73 5.32 2.50
CA GLU C 359 33.48 3.88 2.51
C GLU C 359 32.50 3.45 1.42
N VAL C 360 31.60 4.36 1.04
CA VAL C 360 30.63 4.11 -0.04
C VAL C 360 30.71 5.13 -1.17
N LEU C 361 30.00 4.86 -2.27
CA LEU C 361 29.99 5.76 -3.43
C LEU C 361 28.76 6.69 -3.50
N TRP C 362 27.70 6.33 -2.79
CA TRP C 362 26.46 7.13 -2.78
C TRP C 362 26.42 8.23 -1.73
N THR C 363 25.39 9.08 -1.79
CA THR C 363 25.09 10.08 -0.78
C THR C 363 23.61 10.04 -0.49
N SER C 364 23.25 9.79 0.77
CA SER C 364 21.84 9.73 1.15
C SER C 364 21.63 10.27 2.57
N ASN C 365 20.37 10.39 2.97
CA ASN C 365 20.02 10.81 4.31
C ASN C 365 18.97 9.90 4.96
N SER C 366 18.86 9.96 6.29
CA SER C 366 17.60 9.59 6.98
C SER C 366 17.09 10.78 7.79
N ILE C 367 16.12 10.58 8.67
CA ILE C 367 15.52 11.73 9.37
C ILE C 367 15.04 11.44 10.77
N VAL C 368 15.01 12.50 11.55
CA VAL C 368 14.52 12.45 12.89
C VAL C 368 13.62 13.70 12.99
N VAL C 369 12.61 13.66 13.86
CA VAL C 369 11.63 14.75 13.92
C VAL C 369 11.28 14.93 15.38
N PHE C 370 11.36 16.17 15.86
CA PHE C 370 10.92 16.51 17.19
C PHE C 370 9.81 17.50 17.06
N CYS C 371 9.00 17.60 18.10
CA CYS C 371 7.91 18.56 18.15
C CYS C 371 7.85 19.31 19.47
N GLY C 372 7.43 20.58 19.40
CA GLY C 372 7.33 21.44 20.57
C GLY C 372 6.51 20.81 21.68
N THR C 373 6.97 20.91 22.92
CA THR C 373 6.13 20.46 24.03
C THR C 373 6.02 21.49 25.12
N SER C 374 4.83 21.61 25.69
CA SER C 374 4.63 22.44 26.87
C SER C 374 4.87 21.60 28.13
N GLY C 375 5.13 20.31 27.94
CA GLY C 375 5.31 19.39 29.06
C GLY C 375 6.76 19.34 29.48
N THR C 376 7.20 18.18 29.93
CA THR C 376 8.56 17.97 30.39
C THR C 376 9.24 16.89 29.54
N TYR C 377 10.55 16.77 29.66
CA TYR C 377 11.31 15.85 28.82
C TYR C 377 12.69 15.63 29.41
N GLY C 378 13.43 14.67 28.85
CA GLY C 378 14.79 14.32 29.32
C GLY C 378 15.88 14.51 28.29
N THR C 379 16.83 13.58 28.25
CA THR C 379 17.89 13.67 27.23
C THR C 379 18.02 12.40 26.44
N GLY C 380 18.71 12.48 25.31
CA GLY C 380 19.08 11.33 24.49
C GLY C 380 19.80 11.84 23.27
N SER C 381 20.25 10.92 22.40
CA SER C 381 20.83 11.22 21.09
C SER C 381 20.23 10.25 20.07
N TRP C 382 19.98 10.74 18.86
CA TRP C 382 19.24 9.94 17.86
C TRP C 382 19.85 9.99 16.46
N PRO C 383 21.07 9.44 16.28
CA PRO C 383 21.67 9.57 14.98
C PRO C 383 21.06 8.61 13.95
N ASP C 384 21.65 8.61 12.76
CA ASP C 384 21.31 7.72 11.68
C ASP C 384 21.52 6.26 12.12
N GLY C 385 22.72 5.98 12.59
CA GLY C 385 23.07 4.71 13.18
C GLY C 385 23.25 3.57 12.23
N ALA C 386 23.60 3.86 10.98
CA ALA C 386 24.05 2.80 10.06
C ALA C 386 25.56 2.65 10.14
N ASP C 387 26.08 1.45 9.86
CA ASP C 387 27.53 1.25 9.76
C ASP C 387 27.88 1.25 8.29
N LEU C 388 28.57 2.28 7.82
CA LEU C 388 28.99 2.31 6.43
C LEU C 388 30.10 1.30 6.11
N ASN C 389 30.78 0.79 7.14
CA ASN C 389 31.77 -0.28 6.97
C ASN C 389 31.16 -1.60 6.46
N LEU C 390 29.91 -1.83 6.83
CA LEU C 390 29.17 -3.04 6.46
C LEU C 390 28.24 -2.88 5.23
N MET C 391 27.97 -1.65 4.82
CA MET C 391 26.97 -1.38 3.75
C MET C 391 27.36 -1.90 2.34
N PRO C 392 26.33 -2.14 1.48
CA PRO C 392 26.37 -2.51 0.07
C PRO C 392 27.70 -2.33 -0.65
N ILE C 393 28.46 -3.43 -0.72
CA ILE C 393 29.78 -3.52 -1.39
C ILE C 393 30.76 -2.48 -0.84
N ALA D 6 -18.48 10.47 14.99
CA ALA D 6 -17.73 9.49 15.82
C ALA D 6 -17.85 9.85 17.30
N GLU D 7 -18.40 8.92 18.08
CA GLU D 7 -18.52 9.02 19.54
C GLU D 7 -17.35 8.33 20.25
N TYR D 8 -17.13 8.69 21.53
CA TYR D 8 -16.11 8.07 22.35
C TYR D 8 -16.48 6.65 22.70
N ARG D 9 -15.48 5.80 22.95
CA ARG D 9 -15.77 4.49 23.50
C ARG D 9 -16.08 4.59 24.99
N ASN D 10 -17.10 3.84 25.41
CA ASN D 10 -17.49 3.80 26.80
C ASN D 10 -17.26 2.41 27.37
N TRP D 11 -17.22 1.41 26.47
CA TRP D 11 -17.14 -0.02 26.81
C TRP D 11 -18.23 -0.54 27.76
N SER D 12 -19.40 0.07 27.74
CA SER D 12 -20.43 -0.18 28.75
C SER D 12 -21.40 -1.27 28.33
N LYS D 13 -20.86 -2.47 28.21
CA LYS D 13 -21.62 -3.65 27.85
C LYS D 13 -21.11 -4.79 28.72
N PRO D 14 -21.97 -5.77 29.03
CA PRO D 14 -21.49 -6.92 29.79
C PRO D 14 -20.36 -7.61 29.04
N GLN D 15 -19.42 -8.20 29.77
CA GLN D 15 -18.36 -9.01 29.16
C GLN D 15 -18.93 -10.29 28.54
N CYS D 16 -18.47 -10.67 27.35
CA CYS D 16 -18.97 -11.87 26.63
C CYS D 16 -18.79 -13.17 27.42
N ASP D 17 -19.66 -14.15 27.19
CA ASP D 17 -19.48 -15.51 27.68
C ASP D 17 -18.25 -16.11 27.03
N ILE D 18 -17.42 -16.77 27.84
CA ILE D 18 -16.25 -17.39 27.29
C ILE D 18 -16.17 -18.85 27.73
N THR D 19 -15.84 -19.72 26.78
CA THR D 19 -15.71 -21.14 27.04
C THR D 19 -14.29 -21.57 26.73
N GLY D 20 -13.50 -20.61 26.27
CA GLY D 20 -12.15 -20.83 25.78
C GLY D 20 -11.87 -19.93 24.59
N PHE D 21 -10.79 -20.21 23.87
CA PHE D 21 -10.40 -19.30 22.79
C PHE D 21 -10.28 -19.94 21.42
N ALA D 22 -10.70 -19.21 20.39
CA ALA D 22 -10.61 -19.65 18.97
C ALA D 22 -9.51 -18.90 18.23
N PRO D 23 -8.84 -19.59 17.27
CA PRO D 23 -7.75 -18.98 16.52
C PRO D 23 -8.23 -17.77 15.74
N PHE D 24 -7.36 -16.77 15.59
CA PHE D 24 -7.77 -15.48 15.03
C PHE D 24 -6.78 -14.93 13.99
N SER D 25 -5.48 -14.94 14.30
CA SER D 25 -4.47 -14.32 13.44
C SER D 25 -3.08 -14.91 13.63
N LYS D 26 -2.24 -14.87 12.61
CA LYS D 26 -0.87 -15.38 12.71
C LYS D 26 0.00 -14.76 11.60
N ASP D 27 1.19 -14.22 11.92
CA ASP D 27 1.91 -13.50 10.86
C ASP D 27 3.11 -14.18 10.23
N ASN D 28 3.58 -15.29 10.79
CA ASN D 28 4.65 -16.05 10.16
C ASN D 28 5.83 -15.16 9.73
N SER D 29 6.09 -14.13 10.52
CA SER D 29 7.07 -13.09 10.19
C SER D 29 8.48 -13.62 9.96
N ILE D 30 8.90 -14.53 10.84
CA ILE D 30 10.26 -15.09 10.78
C ILE D 30 10.36 -15.98 9.55
N ARG D 31 9.30 -16.76 9.29
CA ARG D 31 9.23 -17.59 8.09
C ARG D 31 9.36 -16.74 6.84
N LEU D 32 8.68 -15.61 6.84
CA LEU D 32 8.68 -14.73 5.68
C LEU D 32 10.03 -14.04 5.52
N SER D 33 10.68 -13.72 6.64
CA SER D 33 11.94 -12.97 6.61
C SER D 33 13.13 -13.72 5.98
N ALA D 34 12.95 -15.03 5.71
CA ALA D 34 13.98 -15.83 5.03
C ALA D 34 13.89 -15.65 3.53
N GLY D 35 12.79 -15.05 3.08
CA GLY D 35 12.55 -14.82 1.66
C GLY D 35 11.75 -13.56 1.43
N GLY D 36 12.17 -12.49 2.09
CA GLY D 36 11.51 -11.18 2.03
C GLY D 36 12.24 -10.24 2.95
N ASP D 37 11.83 -8.97 2.95
CA ASP D 37 12.41 -7.95 3.83
C ASP D 37 11.42 -7.63 4.95
N ILE D 38 11.61 -8.26 6.12
CA ILE D 38 10.74 -8.09 7.29
C ILE D 38 11.45 -7.40 8.46
N TRP D 39 10.74 -6.49 9.13
CA TRP D 39 11.31 -5.80 10.31
C TRP D 39 11.71 -6.78 11.40
N VAL D 40 12.78 -6.44 12.10
CA VAL D 40 13.15 -7.13 13.31
C VAL D 40 12.39 -6.41 14.41
N THR D 41 11.72 -7.18 15.26
CA THR D 41 10.84 -6.58 16.27
C THR D 41 10.98 -7.32 17.57
N ARG D 42 10.62 -6.67 18.65
CA ARG D 42 10.22 -7.39 19.83
C ARG D 42 9.07 -6.67 20.53
N GLU D 43 8.56 -7.28 21.61
CA GLU D 43 7.52 -6.67 22.44
C GLU D 43 6.30 -6.27 21.60
N PRO D 44 5.70 -7.23 20.88
CA PRO D 44 4.54 -6.92 20.04
C PRO D 44 3.29 -6.79 20.85
N TYR D 45 2.21 -6.37 20.21
CA TYR D 45 0.87 -6.29 20.82
C TYR D 45 -0.21 -5.91 19.80
N VAL D 46 -1.47 -6.01 20.21
CA VAL D 46 -2.60 -5.83 19.33
C VAL D 46 -3.59 -4.89 19.99
N SER D 47 -4.07 -3.91 19.23
CA SER D 47 -5.16 -3.04 19.67
C SER D 47 -6.06 -2.73 18.48
N CYS D 48 -7.35 -2.52 18.71
CA CYS D 48 -8.28 -2.38 17.61
C CYS D 48 -8.96 -1.02 17.66
N ASP D 49 -9.32 -0.48 16.49
CA ASP D 49 -10.18 0.69 16.43
C ASP D 49 -11.60 0.13 16.43
N PRO D 50 -12.63 0.99 16.39
CA PRO D 50 -13.99 0.44 16.40
C PRO D 50 -14.29 -0.49 15.22
N ASP D 51 -13.59 -0.30 14.10
CA ASP D 51 -13.83 -1.09 12.88
C ASP D 51 -13.00 -2.37 12.74
N LYS D 52 -11.72 -2.32 13.12
CA LYS D 52 -10.75 -3.40 12.83
C LYS D 52 -9.50 -3.33 13.69
N CYS D 53 -8.74 -4.41 13.74
CA CYS D 53 -7.57 -4.49 14.63
C CYS D 53 -6.27 -4.13 13.96
N TYR D 54 -5.36 -3.60 14.75
CA TYR D 54 -4.02 -3.33 14.26
C TYR D 54 -3.03 -4.10 15.07
N GLN D 55 -1.92 -4.47 14.44
CA GLN D 55 -0.82 -5.16 15.11
C GLN D 55 0.42 -4.26 15.28
N PHE D 56 0.97 -4.26 16.49
CA PHE D 56 2.01 -3.31 16.87
C PHE D 56 3.26 -4.04 17.27
N ALA D 57 4.39 -3.39 17.09
CA ALA D 57 5.65 -3.93 17.64
C ALA D 57 6.72 -2.85 17.73
N LEU D 58 7.71 -3.12 18.58
CA LEU D 58 8.89 -2.29 18.70
C LEU D 58 10.00 -2.78 17.80
N GLY D 59 10.40 -1.92 16.88
CA GLY D 59 11.34 -2.28 15.83
C GLY D 59 12.77 -2.19 16.32
N GLN D 60 13.70 -2.59 15.48
CA GLN D 60 15.10 -2.48 15.80
C GLN D 60 15.82 -1.61 14.77
N GLY D 61 15.05 -0.76 14.08
CA GLY D 61 15.56 0.08 12.99
C GLY D 61 16.25 -0.73 11.90
N THR D 62 15.73 -1.93 11.66
CA THR D 62 16.37 -2.85 10.71
C THR D 62 15.43 -3.97 10.27
N THR D 63 15.63 -4.43 9.04
CA THR D 63 15.06 -5.68 8.58
C THR D 63 16.04 -6.78 8.97
N LEU D 64 15.62 -8.03 8.76
CA LEU D 64 16.33 -9.18 9.28
C LEU D 64 17.50 -9.59 8.40
N ASN D 65 17.26 -9.76 7.11
CA ASN D 65 18.35 -9.99 6.19
C ASN D 65 19.00 -8.65 5.93
N ASN D 66 19.90 -8.28 6.85
CA ASN D 66 20.43 -6.94 6.95
C ASN D 66 21.57 -7.05 7.94
N VAL D 67 22.72 -6.48 7.60
CA VAL D 67 23.89 -6.56 8.47
C VAL D 67 23.63 -5.96 9.86
N HIS D 68 22.65 -5.08 9.96
CA HIS D 68 22.39 -4.36 11.19
C HIS D 68 21.60 -5.16 12.22
N SER D 69 21.20 -6.39 11.87
CA SER D 69 20.37 -7.21 12.74
C SER D 69 21.17 -7.86 13.88
N ASN D 70 22.51 -7.81 13.77
CA ASN D 70 23.42 -8.27 14.82
C ASN D 70 23.18 -7.54 16.15
N ASN D 71 23.05 -8.32 17.22
CA ASN D 71 22.76 -7.86 18.60
C ASN D 71 21.43 -7.11 18.77
N THR D 72 20.43 -7.53 18.01
CA THR D 72 19.09 -7.01 18.22
C THR D 72 18.49 -7.59 19.50
N VAL D 73 19.32 -8.31 20.27
CA VAL D 73 18.95 -8.72 21.62
C VAL D 73 18.79 -7.50 22.55
N ARG D 74 19.66 -6.50 22.36
CA ARG D 74 19.57 -5.23 23.08
C ARG D 74 18.13 -4.71 23.13
N GLY D 75 17.71 -4.23 24.28
CA GLY D 75 16.34 -3.72 24.46
C GLY D 75 16.14 -2.22 24.28
N ARG D 76 17.22 -1.45 24.35
CA ARG D 76 17.12 0.00 24.17
C ARG D 76 18.22 0.60 23.27
N THR D 77 17.84 0.91 22.03
CA THR D 77 18.65 1.71 21.13
C THR D 77 17.82 2.94 20.74
N PRO D 78 18.48 3.98 20.16
CA PRO D 78 17.75 5.14 19.57
C PRO D 78 17.05 4.80 18.25
N TYR D 79 17.33 3.62 17.71
CA TYR D 79 16.79 3.19 16.43
C TYR D 79 15.46 2.46 16.52
N ARG D 80 14.95 2.28 17.72
CA ARG D 80 13.70 1.57 17.92
C ARG D 80 12.49 2.45 17.73
N THR D 81 11.57 1.97 16.90
CA THR D 81 10.32 2.69 16.62
C THR D 81 9.12 1.77 16.86
N LEU D 82 7.94 2.36 17.05
CA LEU D 82 6.75 1.59 17.20
C LEU D 82 6.16 1.42 15.80
N LEU D 83 5.95 0.17 15.38
CA LEU D 83 5.43 -0.22 14.06
C LEU D 83 3.94 -0.49 14.12
N MET D 84 3.20 -0.04 13.13
CA MET D 84 1.75 -0.21 13.15
C MET D 84 1.17 -0.64 11.82
N ASN D 85 0.65 -1.85 11.78
CA ASN D 85 -0.03 -2.41 10.61
C ASN D 85 -1.43 -2.86 11.00
N GLU D 86 -2.32 -2.93 10.00
CA GLU D 86 -3.55 -3.71 10.14
C GLU D 86 -3.16 -5.15 10.55
N LEU D 87 -3.94 -5.74 11.43
CA LEU D 87 -3.67 -7.08 11.92
C LEU D 87 -3.73 -8.11 10.79
N GLY D 88 -2.62 -8.80 10.59
CA GLY D 88 -2.50 -9.77 9.54
C GLY D 88 -1.37 -9.41 8.57
N VAL D 89 -1.15 -8.12 8.43
CA VAL D 89 -0.18 -7.57 7.47
C VAL D 89 1.19 -7.57 8.15
N PRO D 90 2.08 -8.43 7.66
CA PRO D 90 3.37 -8.54 8.33
C PRO D 90 4.18 -7.27 8.19
N PHE D 91 5.24 -7.15 8.98
CA PHE D 91 6.07 -5.93 9.00
C PHE D 91 7.03 -5.82 7.83
N HIS D 92 6.48 -5.38 6.70
CA HIS D 92 7.20 -5.18 5.45
C HIS D 92 7.76 -3.74 5.44
N LEU D 93 8.35 -3.30 4.34
CA LEU D 93 8.96 -1.94 4.30
C LEU D 93 7.97 -0.75 4.23
N GLY D 94 6.75 -1.01 3.76
CA GLY D 94 5.75 0.03 3.73
C GLY D 94 5.07 0.18 5.09
N THR D 95 5.62 -0.45 6.13
CA THR D 95 5.11 -0.31 7.48
C THR D 95 5.39 1.09 8.04
N LYS D 96 4.37 1.68 8.64
CA LYS D 96 4.47 2.97 9.31
C LYS D 96 5.09 2.86 10.71
N GLN D 97 6.10 3.70 10.95
CA GLN D 97 6.66 3.83 12.28
C GLN D 97 5.97 5.04 12.83
N VAL D 98 5.16 4.87 13.88
CA VAL D 98 4.28 5.96 14.31
C VAL D 98 4.92 6.87 15.36
N CYS D 99 6.05 6.45 15.94
CA CYS D 99 6.78 7.28 16.91
C CYS D 99 8.09 6.60 17.28
N ILE D 100 8.97 7.31 18.01
CA ILE D 100 10.26 6.76 18.46
C ILE D 100 10.07 6.11 19.83
N ALA D 101 10.38 4.81 19.94
CA ALA D 101 10.04 4.01 21.14
C ALA D 101 10.91 2.78 21.37
N TRP D 102 11.50 2.69 22.56
CA TRP D 102 11.91 1.39 23.05
C TRP D 102 10.97 0.86 24.14
N SER D 103 9.87 1.59 24.38
CA SER D 103 8.75 1.18 25.22
C SER D 103 7.44 1.92 24.83
N SER D 104 6.38 1.19 24.51
CA SER D 104 5.18 1.87 24.02
C SER D 104 3.91 1.32 24.59
N SER D 105 2.85 2.11 24.42
CA SER D 105 1.48 1.65 24.64
C SER D 105 0.57 2.48 23.74
N SER D 106 -0.41 1.83 23.14
CA SER D 106 -1.31 2.51 22.19
C SER D 106 -2.70 2.02 22.47
N CYS D 107 -3.68 2.77 21.98
CA CYS D 107 -5.10 2.53 22.24
C CYS D 107 -5.92 3.61 21.53
N HIS D 108 -7.12 3.25 21.08
CA HIS D 108 -7.99 4.12 20.30
C HIS D 108 -9.17 4.42 21.21
N ASP D 109 -9.51 5.71 21.35
CA ASP D 109 -10.63 6.15 22.22
C ASP D 109 -11.98 6.21 21.53
N GLY D 110 -12.05 5.76 20.29
CA GLY D 110 -13.26 5.86 19.50
C GLY D 110 -13.16 6.91 18.41
N LYS D 111 -12.47 8.02 18.71
CA LYS D 111 -12.28 9.09 17.72
C LYS D 111 -10.89 9.08 17.11
N ALA D 112 -9.89 8.73 17.90
CA ALA D 112 -8.53 8.77 17.37
C ALA D 112 -7.57 7.96 18.21
N TRP D 113 -6.44 7.61 17.59
CA TRP D 113 -5.40 6.86 18.27
C TRP D 113 -4.62 7.68 19.25
N LEU D 114 -4.38 7.11 20.43
CA LEU D 114 -3.32 7.60 21.31
C LEU D 114 -2.10 6.68 21.21
N HIS D 115 -0.91 7.25 21.20
CA HIS D 115 0.33 6.45 21.33
C HIS D 115 1.17 7.02 22.47
N VAL D 116 1.77 6.13 23.27
CA VAL D 116 2.59 6.53 24.40
C VAL D 116 3.97 5.91 24.23
N CYS D 117 4.91 6.72 23.76
CA CYS D 117 6.22 6.21 23.38
C CYS D 117 7.34 6.80 24.24
N ILE D 118 8.28 5.92 24.58
CA ILE D 118 9.39 6.26 25.45
C ILE D 118 10.69 5.94 24.73
N THR D 119 11.59 6.90 24.79
CA THR D 119 12.90 6.76 24.19
C THR D 119 13.82 7.74 24.95
N GLY D 120 15.13 7.56 24.79
CA GLY D 120 16.10 8.45 25.41
C GLY D 120 17.19 7.71 26.14
N ASP D 121 17.88 8.40 27.05
CA ASP D 121 18.90 7.75 27.86
C ASP D 121 18.22 6.95 28.96
N ASP D 122 18.88 5.87 29.38
CA ASP D 122 18.41 5.03 30.48
C ASP D 122 18.01 5.83 31.71
N LYS D 123 18.76 6.90 32.01
CA LYS D 123 18.62 7.61 33.26
C LYS D 123 17.89 8.93 33.13
N ASN D 124 17.28 9.21 31.96
CA ASN D 124 16.58 10.48 31.74
C ASN D 124 15.59 10.45 30.55
N ALA D 125 14.83 9.35 30.42
CA ALA D 125 14.00 9.11 29.21
C ALA D 125 12.75 9.99 29.10
N THR D 126 12.22 10.07 27.87
CA THR D 126 11.10 10.96 27.56
C THR D 126 9.91 10.16 27.03
N ALA D 127 8.75 10.34 27.64
CA ALA D 127 7.53 9.72 27.11
C ALA D 127 6.73 10.75 26.33
N SER D 128 6.46 10.45 25.06
CA SER D 128 5.74 11.35 24.17
C SER D 128 4.29 10.87 24.05
N PHE D 129 3.33 11.78 24.06
CA PHE D 129 1.93 11.41 23.90
C PHE D 129 1.41 11.97 22.59
N ILE D 130 0.97 11.07 21.72
CA ILE D 130 0.62 11.39 20.34
C ILE D 130 -0.83 11.03 20.12
N TYR D 131 -1.63 12.00 19.74
CA TYR D 131 -3.07 11.80 19.62
C TYR D 131 -3.54 12.39 18.32
N ASN D 132 -4.38 11.65 17.59
CA ASN D 132 -4.88 12.13 16.30
C ASN D 132 -3.74 12.67 15.44
N GLY D 133 -2.61 11.95 15.42
CA GLY D 133 -1.50 12.28 14.53
C GLY D 133 -0.65 13.50 14.84
N ARG D 134 -0.69 13.97 16.09
CA ARG D 134 0.19 15.07 16.50
C ARG D 134 0.74 14.92 17.92
N LEU D 135 1.88 15.52 18.20
CA LEU D 135 2.43 15.38 19.56
C LEU D 135 1.65 16.34 20.45
N VAL D 136 1.06 15.85 21.55
CA VAL D 136 0.25 16.69 22.47
C VAL D 136 0.87 16.90 23.86
N ASP D 137 1.69 15.96 24.34
CA ASP D 137 2.34 16.08 25.65
C ASP D 137 3.60 15.25 25.75
N SER D 138 4.38 15.46 26.80
CA SER D 138 5.50 14.60 27.15
C SER D 138 5.79 14.65 28.65
N VAL D 139 6.54 13.67 29.17
CA VAL D 139 6.94 13.67 30.59
C VAL D 139 8.35 13.11 30.75
N VAL D 140 9.14 13.70 31.66
CA VAL D 140 10.43 13.11 32.04
C VAL D 140 10.25 11.96 32.99
N SER D 141 11.17 11.02 32.84
CA SER D 141 11.55 10.02 33.81
C SER D 141 11.61 10.68 35.18
N TRP D 142 10.98 10.04 36.16
CA TRP D 142 10.83 10.65 37.48
C TRP D 142 11.81 10.10 38.51
N SER D 143 12.21 8.84 38.32
CA SER D 143 13.15 8.18 39.22
C SER D 143 14.50 7.88 38.58
N LYS D 144 14.66 8.29 37.32
CA LYS D 144 15.96 8.23 36.58
C LYS D 144 16.52 6.84 36.38
N GLU D 145 15.63 5.87 36.23
CA GLU D 145 15.99 4.47 36.11
C GLU D 145 14.97 3.78 35.19
N ILE D 146 15.28 3.77 33.89
CA ILE D 146 14.53 3.08 32.84
C ILE D 146 12.99 3.26 32.89
N LEU D 147 12.51 4.47 32.66
CA LEU D 147 11.07 4.72 32.49
C LEU D 147 10.47 3.78 31.42
N ARG D 148 9.42 3.05 31.80
CA ARG D 148 8.82 2.05 30.94
C ARG D 148 7.30 2.02 31.10
N THR D 149 6.62 1.37 30.16
CA THR D 149 5.18 1.30 30.18
C THR D 149 4.69 -0.10 29.78
N GLN D 150 3.42 -0.21 29.40
CA GLN D 150 2.75 -1.49 29.31
C GLN D 150 3.25 -2.48 28.26
N GLU D 151 3.68 -2.02 27.10
CA GLU D 151 3.98 -2.93 25.96
C GLU D 151 2.71 -3.66 25.51
N SER D 152 1.58 -2.99 25.72
CA SER D 152 0.31 -3.40 25.12
C SER D 152 -0.78 -2.33 25.29
N GLU D 153 -1.97 -2.61 24.76
CA GLU D 153 -2.97 -1.58 24.65
C GLU D 153 -3.30 -0.89 25.96
N CYS D 154 -3.51 0.42 25.89
CA CYS D 154 -4.06 1.16 27.01
C CYS D 154 -5.58 1.11 26.88
N VAL D 155 -6.31 1.87 27.71
CA VAL D 155 -7.77 1.76 27.74
C VAL D 155 -8.40 3.15 27.96
N CYS D 156 -9.42 3.46 27.16
CA CYS D 156 -10.03 4.77 27.14
C CYS D 156 -11.54 4.66 27.38
N ILE D 157 -12.07 5.49 28.27
CA ILE D 157 -13.49 5.43 28.65
C ILE D 157 -14.04 6.85 28.69
N ASN D 158 -15.03 7.12 27.83
CA ASN D 158 -15.63 8.46 27.74
C ASN D 158 -14.58 9.50 27.39
N GLY D 159 -13.59 9.10 26.60
CA GLY D 159 -12.59 10.03 26.13
C GLY D 159 -11.50 10.29 27.12
N THR D 160 -11.42 9.45 28.16
CA THR D 160 -10.31 9.51 29.11
C THR D 160 -9.51 8.21 29.03
N CYS D 161 -8.23 8.31 28.68
CA CYS D 161 -7.37 7.13 28.52
C CYS D 161 -6.43 7.00 29.69
N THR D 162 -6.13 5.77 30.04
CA THR D 162 -5.34 5.53 31.22
C THR D 162 -4.23 4.60 30.81
N VAL D 163 -3.02 4.85 31.29
CA VAL D 163 -1.82 4.04 31.01
C VAL D 163 -0.96 3.89 32.29
N VAL D 164 -0.37 2.72 32.52
CA VAL D 164 0.49 2.49 33.68
C VAL D 164 1.97 2.54 33.33
N MET D 165 2.73 3.41 33.98
CA MET D 165 4.17 3.51 33.73
C MET D 165 5.00 3.28 35.01
N THR D 166 6.23 2.84 34.81
CA THR D 166 7.11 2.52 35.91
C THR D 166 8.47 3.11 35.60
N ASP D 167 9.19 3.44 36.66
CA ASP D 167 10.53 4.03 36.61
C ASP D 167 11.09 3.60 37.94
N GLY D 168 12.31 3.09 37.93
CA GLY D 168 12.89 2.53 39.15
C GLY D 168 13.37 1.10 38.95
N SER D 169 13.74 0.48 40.06
CA SER D 169 14.45 -0.80 40.06
C SER D 169 13.60 -1.95 39.53
N ALA D 170 14.27 -2.89 38.89
CA ALA D 170 13.64 -4.10 38.39
C ALA D 170 13.64 -5.16 39.50
N SER D 171 14.32 -4.86 40.61
CA SER D 171 14.50 -5.82 41.71
C SER D 171 14.34 -5.20 43.11
N GLY D 172 13.54 -4.14 43.21
CA GLY D 172 13.26 -3.48 44.47
C GLY D 172 12.05 -2.61 44.27
N LYS D 173 11.74 -1.77 45.25
CA LYS D 173 10.62 -0.83 45.15
C LYS D 173 10.89 0.19 44.06
N ALA D 174 10.06 0.15 43.03
CA ALA D 174 10.13 1.08 41.91
C ALA D 174 8.99 2.07 42.05
N ASP D 175 8.96 3.07 41.18
CA ASP D 175 7.95 4.13 41.25
C ASP D 175 6.96 4.02 40.09
N THR D 176 5.79 3.48 40.43
CA THR D 176 4.73 3.23 39.47
C THR D 176 3.64 4.28 39.55
N LYS D 177 3.30 4.83 38.38
CA LYS D 177 2.24 5.84 38.26
C LYS D 177 1.25 5.48 37.17
N ILE D 178 0.04 6.00 37.31
CA ILE D 178 -1.03 5.78 36.36
C ILE D 178 -1.43 7.18 35.88
N LEU D 179 -1.45 7.34 34.55
CA LEU D 179 -1.73 8.63 33.95
C LEU D 179 -3.10 8.61 33.30
N PHE D 180 -3.76 9.74 33.35
CA PHE D 180 -5.02 9.89 32.66
C PHE D 180 -4.79 10.92 31.59
N ILE D 181 -5.06 10.53 30.35
CA ILE D 181 -4.70 11.29 29.16
C ILE D 181 -5.94 11.57 28.35
N GLU D 182 -6.30 12.84 28.24
CA GLU D 182 -7.45 13.20 27.41
C GLU D 182 -6.97 13.95 26.18
N GLU D 183 -7.23 13.32 25.03
CA GLU D 183 -6.84 13.85 23.74
C GLU D 183 -5.35 14.15 23.64
N GLY D 184 -4.53 13.24 24.18
CA GLY D 184 -3.10 13.40 24.18
C GLY D 184 -2.55 14.16 25.39
N LYS D 185 -3.42 14.85 26.12
CA LYS D 185 -3.02 15.65 27.26
C LYS D 185 -3.18 14.95 28.62
N ILE D 186 -2.04 14.67 29.26
CA ILE D 186 -2.02 14.22 30.66
C ILE D 186 -2.84 15.17 31.55
N VAL D 187 -4.05 14.75 31.94
CA VAL D 187 -4.85 15.58 32.84
C VAL D 187 -4.63 15.29 34.33
N HIS D 188 -4.03 14.14 34.64
CA HIS D 188 -3.77 13.73 36.03
C HIS D 188 -2.74 12.62 36.09
N THR D 189 -1.99 12.59 37.19
CA THR D 189 -1.05 11.52 37.45
C THR D 189 -1.36 11.05 38.86
N SER D 190 -1.63 9.75 38.99
CA SER D 190 -1.92 9.11 40.29
C SER D 190 -0.80 8.15 40.55
N THR D 191 -0.36 8.07 41.80
CA THR D 191 0.74 7.18 42.11
C THR D 191 0.14 5.86 42.57
N LEU D 192 0.92 4.77 42.44
CA LEU D 192 0.42 3.46 42.81
C LEU D 192 0.09 3.34 44.30
N SER D 193 -1.03 2.69 44.58
CA SER D 193 -1.55 2.53 45.93
C SER D 193 -1.88 1.06 46.14
N GLY D 194 -2.29 0.70 47.36
CA GLY D 194 -2.72 -0.67 47.64
C GLY D 194 -1.58 -1.66 47.85
N SER D 195 -1.86 -2.95 47.76
CA SER D 195 -0.89 -3.94 48.25
C SER D 195 0.12 -4.54 47.24
N ALA D 196 0.01 -4.20 45.96
CA ALA D 196 0.98 -4.74 44.97
C ALA D 196 2.36 -4.12 45.15
N GLN D 197 3.39 -4.95 45.20
CA GLN D 197 4.73 -4.49 45.59
C GLN D 197 5.71 -4.28 44.43
N HIS D 198 5.35 -4.78 43.25
CA HIS D 198 6.13 -4.53 42.06
C HIS D 198 5.25 -4.70 40.81
N VAL D 199 5.28 -3.69 39.96
CA VAL D 199 4.37 -3.59 38.84
C VAL D 199 5.14 -3.19 37.59
N GLU D 200 4.80 -3.85 36.48
CA GLU D 200 5.49 -3.77 35.20
C GLU D 200 4.52 -4.31 34.16
N GLU D 201 4.67 -3.85 32.91
CA GLU D 201 4.08 -4.53 31.75
C GLU D 201 2.61 -4.95 31.99
N CYS D 202 1.77 -4.00 32.36
CA CYS D 202 0.37 -4.35 32.67
C CYS D 202 -0.47 -4.58 31.43
N SER D 203 -1.08 -5.75 31.36
CA SER D 203 -2.09 -6.00 30.35
C SER D 203 -3.38 -5.54 30.97
N CYS D 204 -3.92 -4.45 30.43
CA CYS D 204 -5.11 -3.82 30.99
C CYS D 204 -6.32 -4.06 30.10
N TYR D 205 -7.50 -4.09 30.71
CA TYR D 205 -8.71 -4.14 29.93
C TYR D 205 -9.76 -3.27 30.56
N PRO D 206 -10.73 -2.82 29.76
CA PRO D 206 -11.89 -2.10 30.31
C PRO D 206 -12.80 -2.99 31.18
N ARG D 207 -13.45 -2.39 32.18
CA ARG D 207 -14.41 -3.11 33.02
C ARG D 207 -15.41 -2.13 33.66
N TYR D 208 -16.35 -1.67 32.87
CA TYR D 208 -17.22 -0.55 33.22
C TYR D 208 -17.68 -0.52 34.70
N PRO D 209 -17.44 0.60 35.39
CA PRO D 209 -16.85 1.85 34.87
C PRO D 209 -15.32 1.94 34.97
N GLY D 210 -14.69 0.95 35.56
CA GLY D 210 -13.26 1.05 35.81
C GLY D 210 -12.45 0.49 34.68
N VAL D 211 -11.14 0.52 34.87
CA VAL D 211 -10.18 -0.26 34.09
C VAL D 211 -9.53 -1.19 35.10
N ARG D 212 -9.06 -2.34 34.65
CA ARG D 212 -8.36 -3.31 35.47
C ARG D 212 -7.17 -3.84 34.69
N CYS D 213 -6.07 -4.16 35.38
CA CYS D 213 -4.84 -4.60 34.73
C CYS D 213 -4.25 -5.77 35.48
N VAL D 214 -3.62 -6.68 34.75
CA VAL D 214 -2.86 -7.80 35.31
C VAL D 214 -1.42 -7.65 34.85
N CYS D 215 -0.50 -7.59 35.81
CA CYS D 215 0.86 -7.18 35.52
C CYS D 215 1.90 -8.23 35.82
N ARG D 216 3.15 -7.78 35.87
CA ARG D 216 4.32 -8.61 36.13
C ARG D 216 4.98 -8.07 37.40
N ASP D 217 5.51 -8.98 38.23
CA ASP D 217 6.26 -8.59 39.40
C ASP D 217 7.66 -9.11 39.16
N ASN D 218 8.57 -8.20 38.88
CA ASN D 218 9.92 -8.64 38.61
C ASN D 218 10.67 -8.90 39.92
N TRP D 219 10.01 -8.69 41.05
CA TRP D 219 10.73 -8.66 42.33
C TRP D 219 10.66 -9.94 43.19
N LYS D 220 9.54 -10.13 43.87
CA LYS D 220 9.39 -11.25 44.78
C LYS D 220 8.22 -12.16 44.44
N GLY D 221 7.48 -11.82 43.39
CA GLY D 221 6.26 -12.56 43.05
C GLY D 221 6.32 -13.40 41.79
N SER D 222 5.84 -14.63 41.90
CA SER D 222 5.45 -15.41 40.73
C SER D 222 3.94 -15.43 40.54
N ASN D 223 3.17 -14.98 41.53
CA ASN D 223 1.79 -14.59 41.25
C ASN D 223 1.79 -13.20 40.57
N ARG D 224 0.62 -12.73 40.14
CA ARG D 224 0.55 -11.54 39.28
C ARG D 224 -0.17 -10.38 39.94
N PRO D 225 0.46 -9.20 39.92
CA PRO D 225 -0.17 -7.99 40.41
C PRO D 225 -1.43 -7.71 39.61
N ILE D 226 -2.50 -7.37 40.33
CA ILE D 226 -3.63 -6.72 39.73
C ILE D 226 -3.55 -5.25 40.13
N VAL D 227 -3.79 -4.35 39.16
CA VAL D 227 -4.03 -2.95 39.48
C VAL D 227 -5.48 -2.59 39.11
N ASP D 228 -6.13 -1.73 39.88
CA ASP D 228 -7.51 -1.32 39.57
C ASP D 228 -7.68 0.19 39.55
N ILE D 229 -8.00 0.73 38.38
CA ILE D 229 -8.04 2.16 38.13
C ILE D 229 -9.47 2.66 38.05
N ASN D 230 -9.86 3.52 38.98
CA ASN D 230 -11.13 4.25 38.91
C ASN D 230 -10.92 5.48 38.07
N ILE D 231 -11.67 5.60 36.98
CA ILE D 231 -11.42 6.61 35.95
C ILE D 231 -11.98 7.98 36.31
N LYS D 232 -13.06 8.03 37.09
CA LYS D 232 -13.69 9.32 37.39
C LYS D 232 -12.93 10.10 38.45
N ASP D 233 -12.65 9.44 39.59
CA ASP D 233 -11.98 10.10 40.69
C ASP D 233 -10.49 9.72 40.87
N HIS D 234 -9.96 9.00 39.87
CA HIS D 234 -8.52 8.73 39.73
C HIS D 234 -7.90 7.89 40.85
N SER D 235 -8.73 7.17 41.61
CA SER D 235 -8.26 6.33 42.70
C SER D 235 -7.68 5.01 42.21
N ILE D 236 -6.63 4.55 42.88
CA ILE D 236 -5.99 3.27 42.56
C ILE D 236 -6.13 2.34 43.77
N VAL D 237 -6.41 1.06 43.52
CA VAL D 237 -6.06 0.01 44.49
C VAL D 237 -5.21 -1.04 43.79
N SER D 238 -4.59 -1.94 44.53
CA SER D 238 -3.83 -3.03 43.92
C SER D 238 -3.71 -4.21 44.88
N SER D 239 -3.51 -5.39 44.32
CA SER D 239 -3.45 -6.67 45.02
C SER D 239 -2.90 -7.70 44.02
N TYR D 240 -3.05 -8.99 44.32
CA TYR D 240 -2.56 -10.03 43.41
C TYR D 240 -3.68 -11.00 43.04
N VAL D 241 -3.48 -11.70 41.91
CA VAL D 241 -4.38 -12.73 41.40
C VAL D 241 -4.33 -13.95 42.33
N CYS D 242 -5.34 -14.09 43.18
CA CYS D 242 -5.39 -15.15 44.21
C CYS D 242 -4.92 -16.55 43.75
N SER D 243 -5.47 -17.04 42.64
CA SER D 243 -5.21 -18.36 42.07
C SER D 243 -3.90 -19.11 42.45
N GLY D 244 -4.06 -20.31 43.00
CA GLY D 244 -2.96 -21.18 43.39
C GLY D 244 -2.16 -21.64 42.19
N LEU D 245 -2.86 -21.67 41.05
CA LEU D 245 -2.22 -21.73 39.74
C LEU D 245 -1.83 -20.31 39.39
N VAL D 246 -0.52 -20.08 39.23
CA VAL D 246 0.06 -18.74 39.04
C VAL D 246 0.70 -18.56 37.65
N GLY D 247 0.60 -17.35 37.12
CA GLY D 247 0.85 -17.07 35.71
C GLY D 247 2.20 -16.53 35.29
N ASP D 248 3.04 -16.13 36.23
CA ASP D 248 4.36 -15.61 35.86
C ASP D 248 5.35 -16.72 35.51
N THR D 249 6.42 -16.35 34.82
CA THR D 249 7.52 -17.27 34.53
C THR D 249 8.80 -16.49 34.81
N PRO D 250 9.65 -17.00 35.73
CA PRO D 250 9.60 -18.30 36.41
C PRO D 250 8.56 -18.46 37.53
N ARG D 251 8.42 -19.69 38.00
CA ARG D 251 7.54 -20.05 39.11
C ARG D 251 7.85 -21.49 39.53
N LYS D 252 7.33 -21.89 40.68
CA LYS D 252 7.36 -23.31 41.07
C LYS D 252 6.34 -24.11 40.25
N ASN D 253 6.48 -25.44 40.26
CA ASN D 253 5.54 -26.31 39.55
C ASN D 253 4.13 -26.34 40.17
N ASP D 254 3.21 -27.00 39.46
CA ASP D 254 1.84 -27.15 39.90
C ASP D 254 1.66 -27.71 41.33
N SER D 255 2.46 -28.70 41.73
CA SER D 255 2.30 -29.27 43.06
C SER D 255 2.89 -28.36 44.14
N SER D 256 4.10 -27.85 43.87
CA SER D 256 4.87 -27.09 44.86
C SER D 256 4.44 -25.62 45.04
N SER D 257 3.86 -25.02 44.01
CA SER D 257 3.53 -23.58 44.04
C SER D 257 2.38 -23.22 45.00
N SER D 258 2.32 -21.94 45.38
CA SER D 258 1.16 -21.37 46.07
C SER D 258 1.14 -19.86 45.83
N SER D 259 0.08 -19.19 46.30
CA SER D 259 -0.21 -17.79 46.00
C SER D 259 -0.68 -17.04 47.25
N HIS D 260 -1.31 -15.87 47.06
CA HIS D 260 -1.84 -15.01 48.13
C HIS D 260 -2.63 -13.86 47.48
N CYS D 261 -3.75 -13.46 48.07
CA CYS D 261 -4.55 -12.36 47.49
C CYS D 261 -3.96 -10.97 47.59
N LEU D 262 -3.08 -10.73 48.56
CA LEU D 262 -2.52 -9.37 48.79
C LEU D 262 -0.99 -9.23 48.67
N ASP D 263 -0.22 -10.30 48.85
CA ASP D 263 1.28 -10.23 48.88
C ASP D 263 1.98 -11.11 47.83
N PRO D 264 3.21 -10.76 47.43
CA PRO D 264 3.92 -11.63 46.49
C PRO D 264 4.25 -12.97 47.13
N ASN D 265 4.01 -14.06 46.41
CA ASN D 265 4.15 -15.39 47.00
C ASN D 265 5.57 -15.70 47.52
N ASN D 266 6.56 -15.00 46.98
CA ASN D 266 7.97 -15.17 47.37
C ASN D 266 8.61 -16.42 46.84
N GLU D 267 7.89 -17.05 45.93
CA GLU D 267 8.31 -18.28 45.30
C GLU D 267 8.87 -17.92 43.95
N GLU D 268 10.16 -18.19 43.74
CA GLU D 268 10.84 -17.84 42.49
C GLU D 268 10.33 -16.50 41.89
N GLY D 269 10.31 -15.47 42.73
CA GLY D 269 9.73 -14.19 42.37
C GLY D 269 10.58 -13.36 41.41
N GLY D 270 11.90 -13.48 41.52
CA GLY D 270 12.83 -12.71 40.70
C GLY D 270 12.60 -13.00 39.23
N HIS D 271 12.65 -11.95 38.40
CA HIS D 271 12.42 -12.03 36.95
C HIS D 271 10.92 -12.26 36.68
N GLY D 272 10.58 -12.42 35.41
CA GLY D 272 9.20 -12.56 35.02
C GLY D 272 9.00 -12.54 33.51
N VAL D 273 7.76 -12.31 33.12
CA VAL D 273 7.37 -12.22 31.74
C VAL D 273 6.07 -11.47 31.74
N LYS D 274 5.74 -10.82 30.62
CA LYS D 274 4.48 -10.08 30.53
C LYS D 274 3.43 -11.14 30.28
N GLY D 275 2.33 -11.05 31.01
CA GLY D 275 1.21 -11.94 30.85
C GLY D 275 -0.07 -11.23 31.19
N TRP D 276 -1.15 -12.01 31.32
CA TRP D 276 -2.48 -11.44 31.36
C TRP D 276 -3.46 -12.35 32.11
N ALA D 277 -4.60 -11.79 32.52
CA ALA D 277 -5.69 -12.55 33.12
C ALA D 277 -6.95 -11.69 33.18
N PHE D 278 -8.10 -12.32 33.36
CA PHE D 278 -9.32 -11.56 33.62
C PHE D 278 -10.31 -12.37 34.43
N ASP D 279 -11.12 -11.68 35.23
CA ASP D 279 -12.13 -12.32 36.07
C ASP D 279 -13.32 -12.79 35.27
N ASP D 280 -13.92 -13.87 35.77
CA ASP D 280 -15.16 -14.43 35.25
C ASP D 280 -15.93 -14.81 36.51
N GLY D 281 -16.78 -13.89 36.96
CA GLY D 281 -17.36 -13.95 38.31
C GLY D 281 -16.28 -14.07 39.38
N ASN D 282 -16.25 -15.21 40.05
CA ASN D 282 -15.23 -15.51 41.06
C ASN D 282 -14.08 -16.40 40.49
N ASP D 283 -14.19 -16.78 39.22
CA ASP D 283 -13.13 -17.57 38.55
C ASP D 283 -12.18 -16.72 37.71
N VAL D 284 -11.07 -17.33 37.27
CA VAL D 284 -10.11 -16.61 36.44
C VAL D 284 -9.67 -17.33 35.14
N TRP D 285 -9.73 -16.62 34.00
CA TRP D 285 -9.04 -17.07 32.77
C TRP D 285 -7.65 -16.47 32.69
N MET D 286 -6.66 -17.28 32.37
CA MET D 286 -5.31 -16.80 32.35
C MET D 286 -4.45 -17.63 31.42
N GLY D 287 -3.40 -17.02 30.88
CA GLY D 287 -2.43 -17.71 30.05
C GLY D 287 -1.13 -17.69 30.79
N ARG D 288 -0.15 -18.46 30.30
CA ARG D 288 1.18 -18.60 30.89
C ARG D 288 2.00 -19.58 30.06
N THR D 289 3.33 -19.48 30.14
CA THR D 289 4.21 -20.46 29.49
C THR D 289 4.03 -21.84 30.12
N ILE D 290 4.18 -22.87 29.30
CA ILE D 290 3.95 -24.22 29.78
C ILE D 290 5.04 -24.62 30.76
N ASN D 291 6.30 -24.44 30.35
CA ASN D 291 7.47 -24.66 31.23
C ASN D 291 7.53 -23.64 32.36
N GLU D 292 8.08 -24.06 33.50
CA GLU D 292 8.04 -23.28 34.75
C GLU D 292 9.06 -22.15 34.78
N THR D 293 10.23 -22.42 34.22
CA THR D 293 11.40 -21.60 34.48
C THR D 293 11.90 -20.95 33.18
N SER D 294 11.31 -21.35 32.07
CA SER D 294 11.77 -20.91 30.75
C SER D 294 10.61 -20.43 29.84
N ARG D 295 10.95 -19.81 28.72
CA ARG D 295 9.92 -19.31 27.80
C ARG D 295 9.69 -20.30 26.65
N LEU D 296 9.32 -21.51 27.03
CA LEU D 296 8.87 -22.54 26.11
C LEU D 296 7.37 -22.76 26.27
N GLY D 297 6.67 -22.88 25.14
CA GLY D 297 5.24 -23.24 25.09
C GLY D 297 4.30 -22.27 25.76
N TYR D 298 3.04 -22.25 25.34
CA TYR D 298 2.04 -21.40 25.97
C TYR D 298 0.72 -22.17 26.11
N GLU D 299 -0.03 -21.88 27.17
CA GLU D 299 -1.30 -22.54 27.50
C GLU D 299 -2.28 -21.54 28.10
N THR D 300 -3.58 -21.77 27.94
CA THR D 300 -4.61 -21.10 28.74
C THR D 300 -5.52 -22.13 29.41
N PHE D 301 -6.14 -21.70 30.50
CA PHE D 301 -7.17 -22.48 31.19
C PHE D 301 -8.02 -21.56 32.03
N LYS D 302 -9.07 -22.12 32.60
CA LYS D 302 -9.87 -21.42 33.59
C LYS D 302 -9.55 -22.08 34.92
N VAL D 303 -9.55 -21.28 35.98
CA VAL D 303 -9.36 -21.78 37.34
C VAL D 303 -10.61 -21.39 38.08
N ILE D 304 -11.36 -22.41 38.50
CA ILE D 304 -12.56 -22.21 39.29
C ILE D 304 -12.15 -21.63 40.64
N GLU D 305 -12.91 -20.62 41.06
CA GLU D 305 -12.59 -19.78 42.24
C GLU D 305 -11.14 -19.24 42.21
N GLY D 306 -10.57 -19.08 41.03
CA GLY D 306 -9.18 -18.64 40.91
C GLY D 306 -9.03 -17.15 41.16
N TRP D 307 -10.13 -16.42 41.07
CA TRP D 307 -10.06 -14.99 41.28
C TRP D 307 -10.15 -14.61 42.75
N SER D 308 -10.79 -15.45 43.58
CA SER D 308 -11.09 -15.07 44.98
C SER D 308 -10.52 -15.97 46.07
N ASN D 309 -10.33 -17.24 45.75
CA ASN D 309 -9.78 -18.20 46.69
C ASN D 309 -8.37 -18.58 46.25
N PRO D 310 -7.35 -18.25 47.07
CA PRO D 310 -5.93 -18.48 46.70
C PRO D 310 -5.40 -19.89 46.98
N LYS D 311 -6.24 -20.75 47.53
CA LYS D 311 -5.87 -22.15 47.76
C LYS D 311 -6.28 -23.01 46.56
N SER D 312 -7.14 -22.49 45.69
CA SER D 312 -7.68 -23.24 44.54
C SER D 312 -6.67 -23.51 43.43
N LYS D 313 -6.63 -24.74 42.94
CA LYS D 313 -5.78 -25.11 41.81
C LYS D 313 -6.56 -25.96 40.83
N LEU D 314 -7.85 -25.65 40.71
CA LEU D 314 -8.74 -26.44 39.87
C LEU D 314 -8.92 -25.82 38.48
N GLN D 315 -8.06 -26.24 37.55
CA GLN D 315 -8.17 -25.80 36.16
C GLN D 315 -9.16 -26.64 35.35
N ILE D 316 -9.59 -26.08 34.22
CA ILE D 316 -10.48 -26.75 33.28
C ILE D 316 -10.37 -25.95 32.00
N ASN D 317 -10.80 -26.54 30.89
CA ASN D 317 -10.79 -25.89 29.61
C ASN D 317 -9.36 -25.52 29.21
N ARG D 318 -8.40 -26.32 29.62
CA ARG D 318 -7.04 -26.08 29.17
C ARG D 318 -6.98 -26.08 27.64
N GLN D 319 -6.22 -25.15 27.09
CA GLN D 319 -5.85 -25.20 25.68
C GLN D 319 -4.36 -25.00 25.55
N VAL D 320 -3.77 -25.74 24.64
CA VAL D 320 -2.40 -25.51 24.27
C VAL D 320 -2.48 -24.60 23.08
N ILE D 321 -1.83 -23.44 23.18
CA ILE D 321 -1.72 -22.53 22.06
C ILE D 321 -0.40 -22.80 21.37
N VAL D 322 0.67 -22.82 22.15
CA VAL D 322 1.97 -23.16 21.63
C VAL D 322 2.52 -24.35 22.43
N ASP D 323 2.92 -25.40 21.72
CA ASP D 323 3.30 -26.65 22.37
C ASP D 323 4.62 -26.48 23.13
N ARG D 324 4.88 -27.34 24.11
CA ARG D 324 6.00 -27.12 25.06
C ARG D 324 7.40 -27.19 24.48
N GLY D 325 7.53 -27.73 23.28
CA GLY D 325 8.85 -27.86 22.65
C GLY D 325 9.18 -26.69 21.73
N ASN D 326 8.43 -25.60 21.88
CA ASN D 326 8.49 -24.44 20.99
C ASN D 326 8.52 -23.11 21.76
N ARG D 327 9.16 -22.10 21.20
CA ARG D 327 9.37 -20.87 21.97
C ARG D 327 8.15 -19.96 22.02
N SER D 328 7.87 -19.40 23.19
CA SER D 328 6.79 -18.41 23.34
C SER D 328 7.38 -17.03 23.70
N GLY D 329 6.74 -16.30 24.61
CA GLY D 329 7.28 -15.01 25.02
C GLY D 329 6.24 -14.17 25.69
N TYR D 330 6.32 -12.87 25.48
CA TYR D 330 5.36 -11.95 26.04
C TYR D 330 3.97 -12.31 25.54
N SER D 331 2.94 -11.85 26.25
CA SER D 331 1.58 -12.19 25.90
C SER D 331 0.80 -11.09 26.53
N GLY D 332 -0.38 -10.79 26.02
CA GLY D 332 -1.15 -9.72 26.62
C GLY D 332 -2.55 -9.69 26.07
N ILE D 333 -3.40 -8.95 26.76
CA ILE D 333 -4.83 -8.96 26.49
C ILE D 333 -5.18 -7.79 25.61
N PHE D 334 -6.24 -7.95 24.83
CA PHE D 334 -6.93 -6.79 24.29
C PHE D 334 -8.40 -7.12 24.16
N SER D 335 -9.24 -6.09 24.09
CA SER D 335 -10.68 -6.25 24.11
C SER D 335 -11.29 -5.73 22.83
N VAL D 336 -12.15 -6.54 22.22
CA VAL D 336 -12.89 -6.16 21.02
C VAL D 336 -14.36 -6.06 21.42
N GLU D 337 -15.03 -4.98 21.01
CA GLU D 337 -16.43 -4.78 21.32
C GLU D 337 -17.35 -5.47 20.34
N GLY D 338 -17.99 -6.55 20.78
CA GLY D 338 -19.07 -7.17 20.01
C GLY D 338 -20.36 -6.37 20.06
N LYS D 339 -21.39 -6.86 19.37
CA LYS D 339 -22.70 -6.20 19.29
C LYS D 339 -23.34 -6.00 20.65
N SER D 340 -23.23 -7.00 21.53
CA SER D 340 -23.95 -6.95 22.81
C SER D 340 -23.04 -7.04 24.01
N CYS D 341 -21.82 -7.49 23.80
CA CYS D 341 -20.91 -7.72 24.89
C CYS D 341 -19.50 -7.34 24.47
N ILE D 342 -18.58 -7.21 25.43
CA ILE D 342 -17.17 -6.97 25.13
C ILE D 342 -16.39 -8.28 25.13
N ASN D 343 -15.86 -8.68 23.97
CA ASN D 343 -15.00 -9.85 23.96
C ASN D 343 -13.61 -9.57 24.50
N ARG D 344 -12.87 -10.65 24.82
CA ARG D 344 -11.49 -10.59 25.31
C ARG D 344 -10.56 -11.50 24.47
N CYS D 345 -9.46 -10.94 23.97
CA CYS D 345 -8.53 -11.69 23.11
C CYS D 345 -7.13 -11.52 23.67
N PHE D 346 -6.17 -12.25 23.10
CA PHE D 346 -4.79 -12.19 23.55
C PHE D 346 -3.77 -12.55 22.45
N TYR D 347 -2.54 -12.06 22.58
CA TYR D 347 -1.49 -12.32 21.60
C TYR D 347 -0.35 -13.01 22.33
N VAL D 348 0.33 -13.93 21.68
CA VAL D 348 1.52 -14.51 22.28
C VAL D 348 2.63 -14.10 21.39
N GLU D 349 3.66 -13.51 22.00
CA GLU D 349 4.89 -13.15 21.30
C GLU D 349 5.62 -14.47 21.08
N LEU D 350 6.19 -14.68 19.90
CA LEU D 350 6.95 -15.90 19.63
C LEU D 350 8.41 -15.56 19.35
N ILE D 351 9.23 -15.54 20.41
CA ILE D 351 10.60 -15.07 20.32
C ILE D 351 11.47 -16.11 19.66
N ARG D 352 12.28 -15.70 18.68
CA ARG D 352 13.32 -16.56 18.10
C ARG D 352 14.65 -15.81 18.08
N GLY D 353 15.75 -16.55 18.25
CA GLY D 353 17.10 -15.98 18.19
C GLY D 353 17.88 -15.95 19.50
N ARG D 354 18.76 -14.96 19.65
CA ARG D 354 19.65 -14.87 20.81
C ARG D 354 18.89 -14.39 22.04
N LYS D 355 19.37 -14.74 23.24
CA LYS D 355 20.56 -15.60 23.40
C LYS D 355 20.24 -17.08 23.61
N GLU D 356 18.95 -17.41 23.71
CA GLU D 356 18.53 -18.81 23.85
C GLU D 356 18.90 -19.66 22.63
N GLU D 357 18.69 -19.13 21.42
CA GLU D 357 19.03 -19.81 20.16
C GLU D 357 20.20 -19.10 19.48
N THR D 358 21.33 -19.81 19.38
CA THR D 358 22.58 -19.19 18.92
C THR D 358 22.90 -19.48 17.46
N GLU D 359 21.94 -20.04 16.73
CA GLU D 359 22.15 -20.41 15.32
C GLU D 359 22.29 -19.15 14.49
N VAL D 360 21.55 -18.12 14.88
CA VAL D 360 21.60 -16.79 14.27
C VAL D 360 22.11 -15.75 15.27
N LEU D 361 22.41 -14.54 14.77
CA LEU D 361 22.88 -13.43 15.62
C LEU D 361 21.76 -12.42 16.00
N TRP D 362 20.62 -12.50 15.33
CA TRP D 362 19.47 -11.59 15.58
C TRP D 362 18.49 -12.05 16.68
N THR D 363 17.59 -11.14 17.08
CA THR D 363 16.50 -11.47 18.00
C THR D 363 15.20 -10.86 17.52
N SER D 364 14.26 -11.72 17.14
CA SER D 364 13.06 -11.27 16.49
C SER D 364 11.87 -12.08 16.99
N ASN D 365 10.67 -11.68 16.58
CA ASN D 365 9.48 -12.42 16.93
C ASN D 365 8.45 -12.49 15.80
N SER D 366 7.59 -13.50 15.83
CA SER D 366 6.36 -13.44 15.08
C SER D 366 5.27 -13.56 16.11
N ILE D 367 4.02 -13.62 15.68
CA ILE D 367 2.92 -13.66 16.63
C ILE D 367 1.77 -14.53 16.20
N VAL D 368 0.99 -14.94 17.19
CA VAL D 368 -0.27 -15.63 17.00
C VAL D 368 -1.33 -14.98 17.93
N VAL D 369 -2.59 -14.93 17.50
CA VAL D 369 -3.65 -14.17 18.20
C VAL D 369 -4.88 -15.05 18.29
N PHE D 370 -5.53 -15.04 19.45
CA PHE D 370 -6.68 -15.89 19.73
C PHE D 370 -7.76 -15.02 20.31
N CYS D 371 -9.01 -15.35 20.06
CA CYS D 371 -10.10 -14.57 20.65
C CYS D 371 -11.11 -15.42 21.42
N GLY D 372 -11.55 -14.87 22.54
CA GLY D 372 -12.65 -15.43 23.30
C GLY D 372 -13.76 -15.86 22.38
N THR D 373 -14.29 -17.05 22.66
CA THR D 373 -15.48 -17.53 21.99
C THR D 373 -16.54 -17.97 23.00
N SER D 374 -17.82 -17.85 22.62
CA SER D 374 -18.86 -18.46 23.42
C SER D 374 -19.32 -19.77 22.77
N GLY D 375 -18.45 -20.32 21.90
CA GLY D 375 -18.81 -21.49 21.10
C GLY D 375 -17.95 -22.69 21.40
N THR D 376 -17.82 -23.57 20.43
CA THR D 376 -17.00 -24.74 20.65
C THR D 376 -15.69 -24.65 19.88
N TYR D 377 -14.70 -25.42 20.29
CA TYR D 377 -13.39 -25.31 19.68
C TYR D 377 -12.64 -26.60 19.89
N GLY D 378 -11.52 -26.78 19.18
CA GLY D 378 -10.78 -28.05 19.20
C GLY D 378 -9.42 -27.90 19.81
N THR D 379 -8.42 -28.50 19.18
CA THR D 379 -7.04 -28.38 19.66
C THR D 379 -6.07 -28.19 18.49
N GLY D 380 -4.82 -27.88 18.84
CA GLY D 380 -3.74 -27.70 17.88
C GLY D 380 -2.57 -27.00 18.51
N SER D 381 -1.58 -26.66 17.70
CA SER D 381 -0.45 -25.88 18.18
C SER D 381 0.01 -25.03 17.03
N TRP D 382 0.21 -23.75 17.30
CA TRP D 382 0.58 -22.81 16.25
C TRP D 382 1.89 -22.09 16.58
N PRO D 383 3.05 -22.78 16.45
CA PRO D 383 4.32 -22.15 16.80
C PRO D 383 4.75 -21.09 15.76
N ASP D 384 6.01 -20.66 15.83
CA ASP D 384 6.58 -19.70 14.89
C ASP D 384 6.91 -20.42 13.57
N GLY D 385 7.45 -21.63 13.71
CA GLY D 385 7.68 -22.53 12.59
C GLY D 385 8.76 -22.15 11.61
N ALA D 386 9.71 -21.32 12.03
CA ALA D 386 10.90 -21.10 11.22
C ALA D 386 11.97 -22.11 11.60
N ASP D 387 12.87 -22.37 10.65
CA ASP D 387 14.05 -23.19 10.91
C ASP D 387 15.28 -22.32 10.79
N LEU D 388 16.00 -22.17 11.91
CA LEU D 388 17.13 -21.26 11.99
C LEU D 388 18.43 -21.93 11.52
N ASN D 389 18.39 -23.24 11.40
CA ASN D 389 19.48 -24.01 10.84
C ASN D 389 19.68 -23.58 9.37
N LEU D 390 18.71 -22.84 8.84
CA LEU D 390 18.66 -22.50 7.41
C LEU D 390 18.57 -20.99 7.10
N MET D 391 18.12 -20.20 8.06
CA MET D 391 17.96 -18.74 7.87
C MET D 391 19.28 -18.05 7.52
N PRO D 392 19.21 -16.92 6.78
CA PRO D 392 20.34 -16.07 6.39
C PRO D 392 21.63 -16.30 7.21
N ILE D 393 22.65 -16.82 6.52
CA ILE D 393 23.89 -17.30 7.12
C ILE D 393 23.59 -18.42 8.12
#